data_2JWD
#
_entry.id   2JWD
#
_entity_poly.entity_id   1
_entity_poly.type   'polypeptide(L)'
_entity_poly.pdbx_seq_one_letter_code
;DVDNKFNKEQQNAFWEILHLPNLNEEQRNGFIQSLKDDPSQSANLLAEAKKLNDAQAPK
;
_entity_poly.pdbx_strand_id   A
#
# COMPACT_ATOMS: atom_id res chain seq x y z
N ASP A 1 8.00 4.94 16.29
CA ASP A 1 8.82 3.80 15.77
C ASP A 1 7.93 2.81 15.04
N VAL A 2 8.12 1.52 15.32
CA VAL A 2 7.32 0.46 14.69
C VAL A 2 6.52 -0.30 15.75
N ASP A 3 5.24 -0.55 15.45
CA ASP A 3 4.39 -1.27 16.38
C ASP A 3 4.57 -2.77 16.24
N ASN A 4 5.00 -3.38 17.33
CA ASN A 4 5.24 -4.83 17.36
C ASN A 4 3.98 -5.60 16.95
N LYS A 5 2.82 -5.07 17.32
CA LYS A 5 1.55 -5.72 16.99
C LYS A 5 1.01 -5.21 15.66
N PHE A 6 0.40 -6.11 14.90
CA PHE A 6 -0.16 -5.76 13.59
C PHE A 6 -1.52 -6.44 13.40
N ASN A 7 -2.29 -5.96 12.44
CA ASN A 7 -3.61 -6.55 12.13
C ASN A 7 -3.47 -7.43 10.90
N LYS A 8 -4.09 -8.60 10.94
CA LYS A 8 -3.99 -9.53 9.82
C LYS A 8 -4.46 -8.90 8.52
N GLU A 9 -5.53 -8.12 8.57
CA GLU A 9 -6.03 -7.49 7.35
C GLU A 9 -4.99 -6.52 6.78
N GLN A 10 -4.26 -5.85 7.67
CA GLN A 10 -3.24 -4.91 7.25
C GLN A 10 -2.18 -5.59 6.39
N GLN A 11 -1.83 -6.83 6.75
CA GLN A 11 -0.82 -7.57 6.03
C GLN A 11 -1.19 -7.70 4.55
N ASN A 12 -2.48 -7.89 4.29
CA ASN A 12 -2.93 -8.04 2.91
C ASN A 12 -2.53 -6.83 2.07
N ALA A 13 -2.62 -5.63 2.66
CA ALA A 13 -2.27 -4.43 1.93
C ALA A 13 -0.81 -4.40 1.55
N PHE A 14 0.06 -4.91 2.42
CA PHE A 14 1.48 -4.89 2.13
C PHE A 14 1.79 -5.67 0.85
N TRP A 15 1.20 -6.85 0.72
CA TRP A 15 1.40 -7.68 -0.47
C TRP A 15 0.95 -7.00 -1.76
N GLU A 16 -0.17 -6.28 -1.72
CA GLU A 16 -0.65 -5.66 -2.95
C GLU A 16 0.35 -4.67 -3.50
N ILE A 17 1.04 -3.96 -2.61
CA ILE A 17 2.01 -3.00 -3.07
C ILE A 17 3.10 -3.73 -3.85
N LEU A 18 3.53 -4.87 -3.34
CA LEU A 18 4.55 -5.68 -4.01
C LEU A 18 4.07 -6.18 -5.37
N HIS A 19 2.79 -6.51 -5.45
CA HIS A 19 2.25 -7.07 -6.67
C HIS A 19 2.39 -6.15 -7.88
N LEU A 20 2.08 -4.86 -7.72
CA LEU A 20 2.15 -3.88 -8.82
C LEU A 20 3.33 -4.16 -9.77
N PRO A 21 3.19 -4.98 -10.81
CA PRO A 21 4.36 -5.28 -11.69
C PRO A 21 4.85 -4.05 -12.46
N ASN A 22 3.90 -3.22 -12.84
CA ASN A 22 4.17 -2.01 -13.61
C ASN A 22 5.12 -1.04 -12.90
N LEU A 23 5.00 -0.98 -11.56
CA LEU A 23 5.80 -0.02 -10.79
C LEU A 23 7.10 -0.61 -10.24
N ASN A 24 8.14 0.21 -10.20
CA ASN A 24 9.43 -0.21 -9.67
C ASN A 24 9.39 -0.15 -8.14
N GLU A 25 10.44 -0.65 -7.51
CA GLU A 25 10.48 -0.69 -6.05
C GLU A 25 10.42 0.70 -5.36
N GLU A 26 11.00 1.74 -5.95
CA GLU A 26 10.98 3.04 -5.27
C GLU A 26 9.57 3.57 -5.05
N GLN A 27 8.68 3.38 -6.04
CA GLN A 27 7.31 3.84 -5.88
C GLN A 27 6.62 3.14 -4.73
N ARG A 28 6.94 1.87 -4.55
CA ARG A 28 6.32 1.10 -3.48
C ARG A 28 6.62 1.71 -2.12
N ASN A 29 7.83 2.22 -1.95
CA ASN A 29 8.22 2.85 -0.69
C ASN A 29 7.29 4.01 -0.35
N GLY A 30 6.89 4.76 -1.38
CA GLY A 30 6.04 5.91 -1.12
C GLY A 30 4.78 5.52 -0.36
N PHE A 31 4.18 4.38 -0.69
CA PHE A 31 3.00 3.95 0.05
C PHE A 31 3.33 3.69 1.51
N ILE A 32 4.48 3.07 1.77
CA ILE A 32 4.86 2.76 3.14
C ILE A 32 4.94 4.01 4.01
N GLN A 33 5.55 5.07 3.47
CA GLN A 33 5.69 6.26 4.28
C GLN A 33 4.32 6.79 4.69
N SER A 34 3.37 6.72 3.76
CA SER A 34 2.02 7.16 4.03
C SER A 34 1.40 6.34 5.15
N LEU A 35 1.70 5.04 5.14
CA LEU A 35 1.13 4.14 6.14
C LEU A 35 1.51 4.57 7.54
N LYS A 36 2.76 4.99 7.73
CA LYS A 36 3.20 5.42 9.06
C LYS A 36 2.41 6.62 9.58
N ASP A 37 2.10 7.57 8.69
CA ASP A 37 1.38 8.77 9.11
C ASP A 37 -0.01 8.48 9.69
N ASP A 38 -0.73 7.56 9.06
CA ASP A 38 -2.09 7.19 9.51
C ASP A 38 -2.29 5.68 9.48
N PRO A 39 -1.77 4.91 10.41
CA PRO A 39 -1.97 3.43 10.35
C PRO A 39 -3.46 3.04 10.31
N SER A 40 -4.31 3.84 10.96
CA SER A 40 -5.75 3.55 10.96
C SER A 40 -6.35 3.65 9.54
N GLN A 41 -5.75 4.51 8.74
CA GLN A 41 -6.20 4.74 7.36
C GLN A 41 -5.56 3.81 6.34
N SER A 42 -4.91 2.76 6.80
CA SER A 42 -4.25 1.88 5.85
C SER A 42 -5.27 1.35 4.87
N ALA A 43 -6.52 1.21 5.30
CA ALA A 43 -7.54 0.74 4.37
C ALA A 43 -7.73 1.76 3.24
N ASN A 44 -7.75 3.05 3.60
CA ASN A 44 -7.90 4.08 2.58
C ASN A 44 -6.76 4.00 1.56
N LEU A 45 -5.57 3.72 2.09
CA LEU A 45 -4.37 3.59 1.25
C LEU A 45 -4.50 2.42 0.28
N LEU A 46 -5.14 1.36 0.74
CA LEU A 46 -5.26 0.15 -0.06
C LEU A 46 -5.92 0.46 -1.40
N ALA A 47 -6.94 1.31 -1.39
CA ALA A 47 -7.62 1.66 -2.63
C ALA A 47 -6.74 2.45 -3.60
N GLU A 48 -5.92 3.34 -3.05
CA GLU A 48 -5.04 4.21 -3.85
C GLU A 48 -3.98 3.46 -4.66
N ALA A 49 -3.44 2.38 -4.14
CA ALA A 49 -2.37 1.69 -4.85
C ALA A 49 -2.80 1.14 -6.21
N LYS A 50 -3.99 0.58 -6.29
CA LYS A 50 -4.44 0.05 -7.57
C LYS A 50 -4.51 1.15 -8.64
N LYS A 51 -4.96 2.33 -8.21
CA LYS A 51 -5.10 3.46 -9.13
C LYS A 51 -3.79 3.87 -9.79
N LEU A 52 -2.70 3.91 -9.01
CA LEU A 52 -1.41 4.31 -9.53
C LEU A 52 -0.92 3.38 -10.63
N ASN A 53 -1.19 2.08 -10.47
CA ASN A 53 -0.73 1.11 -11.45
C ASN A 53 -1.20 1.46 -12.85
N ASP A 54 -2.43 1.93 -12.96
CA ASP A 54 -2.99 2.31 -14.25
C ASP A 54 -2.19 3.42 -14.93
N ALA A 55 -1.73 4.38 -14.12
CA ALA A 55 -1.01 5.54 -14.66
C ALA A 55 0.31 5.19 -15.34
N GLN A 56 1.06 4.23 -14.79
CA GLN A 56 2.35 3.88 -15.40
C GLN A 56 2.15 3.42 -16.83
N ALA A 57 1.09 2.65 -17.06
CA ALA A 57 0.77 2.14 -18.38
C ALA A 57 2.02 1.71 -19.14
N PRO A 58 2.75 0.71 -18.68
CA PRO A 58 3.98 0.24 -19.38
C PRO A 58 3.67 -0.20 -20.81
N LYS A 59 2.41 -0.56 -21.06
CA LYS A 59 1.99 -1.00 -22.40
C LYS A 59 1.46 0.19 -23.20
N ASP A 1 -5.48 0.26 30.13
CA ASP A 1 -5.00 -0.96 29.42
C ASP A 1 -5.63 -1.04 28.05
N VAL A 2 -4.81 -1.31 27.02
CA VAL A 2 -5.31 -1.41 25.64
C VAL A 2 -5.10 -2.83 25.11
N ASP A 3 -6.13 -3.37 24.47
CA ASP A 3 -6.06 -4.71 23.92
C ASP A 3 -4.90 -4.84 22.93
N ASN A 4 -4.67 -3.77 22.16
CA ASN A 4 -3.57 -3.72 21.18
C ASN A 4 -3.68 -4.83 20.13
N LYS A 5 -4.88 -5.06 19.62
CA LYS A 5 -5.11 -6.07 18.58
C LYS A 5 -5.10 -5.46 17.18
N PHE A 6 -4.70 -6.28 16.19
CA PHE A 6 -4.63 -5.85 14.80
C PHE A 6 -5.32 -6.89 13.92
N ASN A 7 -5.67 -6.52 12.68
CA ASN A 7 -6.37 -7.44 11.79
C ASN A 7 -5.44 -8.02 10.74
N LYS A 8 -5.52 -9.33 10.56
CA LYS A 8 -4.71 -10.00 9.56
C LYS A 8 -4.99 -9.42 8.19
N GLU A 9 -6.24 -9.05 7.94
CA GLU A 9 -6.60 -8.49 6.66
C GLU A 9 -5.82 -7.19 6.41
N GLN A 10 -5.59 -6.41 7.46
CA GLN A 10 -4.83 -5.18 7.29
C GLN A 10 -3.45 -5.50 6.72
N GLN A 11 -2.88 -6.60 7.20
CA GLN A 11 -1.58 -7.05 6.72
C GLN A 11 -1.64 -7.30 5.22
N ASN A 12 -2.78 -7.84 4.77
CA ASN A 12 -2.98 -8.13 3.36
C ASN A 12 -2.77 -6.89 2.52
N ALA A 13 -3.19 -5.75 3.04
CA ALA A 13 -3.06 -4.51 2.30
C ALA A 13 -1.59 -4.24 2.02
N PHE A 14 -0.74 -4.53 3.02
CA PHE A 14 0.70 -4.33 2.84
C PHE A 14 1.28 -5.16 1.71
N TRP A 15 0.94 -6.43 1.69
CA TRP A 15 1.50 -7.33 0.71
C TRP A 15 1.18 -6.92 -0.73
N GLU A 16 -0.04 -6.45 -0.96
CA GLU A 16 -0.47 -6.06 -2.30
C GLU A 16 0.36 -4.90 -2.83
N ILE A 17 0.77 -3.99 -1.97
CA ILE A 17 1.56 -2.87 -2.43
C ILE A 17 2.80 -3.39 -3.12
N LEU A 18 3.38 -4.44 -2.54
CA LEU A 18 4.58 -5.03 -3.12
C LEU A 18 4.31 -5.59 -4.52
N HIS A 19 3.10 -6.13 -4.70
CA HIS A 19 2.72 -6.77 -5.97
C HIS A 19 2.82 -5.86 -7.19
N LEU A 20 2.36 -4.62 -7.08
CA LEU A 20 2.33 -3.67 -8.23
C LEU A 20 3.51 -3.88 -9.19
N PRO A 21 3.40 -4.78 -10.17
CA PRO A 21 4.56 -5.07 -11.08
C PRO A 21 4.92 -3.90 -12.01
N ASN A 22 3.91 -3.15 -12.44
CA ASN A 22 4.11 -2.02 -13.34
C ASN A 22 5.05 -0.96 -12.78
N LEU A 23 5.03 -0.76 -11.46
CA LEU A 23 5.84 0.28 -10.82
C LEU A 23 7.21 -0.22 -10.37
N ASN A 24 8.21 0.68 -10.50
CA ASN A 24 9.56 0.36 -10.10
C ASN A 24 9.71 0.47 -8.58
N GLU A 25 10.86 0.06 -8.06
CA GLU A 25 11.08 0.06 -6.61
C GLU A 25 10.94 1.44 -5.94
N GLU A 26 11.35 2.53 -6.58
CA GLU A 26 11.26 3.83 -5.89
C GLU A 26 9.82 4.20 -5.54
N GLN A 27 8.88 3.94 -6.45
CA GLN A 27 7.48 4.24 -6.17
C GLN A 27 6.95 3.44 -5.00
N ARG A 28 7.42 2.19 -4.91
CA ARG A 28 6.97 1.30 -3.85
C ARG A 28 7.27 1.91 -2.50
N ASN A 29 8.43 2.57 -2.40
CA ASN A 29 8.81 3.23 -1.16
C ASN A 29 7.84 4.29 -0.73
N GLY A 30 7.30 5.05 -1.68
CA GLY A 30 6.39 6.14 -1.30
C GLY A 30 5.22 5.63 -0.48
N PHE A 31 4.65 4.50 -0.87
CA PHE A 31 3.55 3.94 -0.09
C PHE A 31 3.96 3.50 1.31
N ILE A 32 5.16 2.93 1.45
CA ILE A 32 5.57 2.44 2.77
C ILE A 32 5.56 3.57 3.80
N GLN A 33 6.16 4.69 3.44
CA GLN A 33 6.21 5.83 4.36
C GLN A 33 4.81 6.35 4.70
N SER A 34 3.92 6.34 3.69
CA SER A 34 2.56 6.81 3.90
C SER A 34 1.85 5.97 4.95
N LEU A 35 2.12 4.66 4.94
CA LEU A 35 1.48 3.76 5.88
C LEU A 35 1.75 4.18 7.32
N LYS A 36 2.99 4.59 7.58
CA LYS A 36 3.36 4.99 8.92
C LYS A 36 2.54 6.19 9.42
N ASP A 37 2.30 7.15 8.54
CA ASP A 37 1.58 8.36 8.94
C ASP A 37 0.16 8.09 9.46
N ASP A 38 -0.56 7.18 8.80
CA ASP A 38 -1.94 6.84 9.22
C ASP A 38 -2.19 5.33 9.18
N PRO A 39 -1.69 4.54 10.10
CA PRO A 39 -1.93 3.07 10.01
C PRO A 39 -3.43 2.72 10.01
N SER A 40 -4.24 3.51 10.72
CA SER A 40 -5.69 3.24 10.76
C SER A 40 -6.31 3.31 9.36
N GLN A 41 -5.81 4.26 8.56
CA GLN A 41 -6.28 4.47 7.20
C GLN A 41 -5.55 3.64 6.17
N SER A 42 -4.79 2.65 6.61
CA SER A 42 -4.04 1.86 5.65
C SER A 42 -4.98 1.24 4.64
N ALA A 43 -6.21 0.96 5.05
CA ALA A 43 -7.16 0.40 4.09
C ALA A 43 -7.45 1.42 2.99
N ASN A 44 -7.61 2.68 3.38
CA ASN A 44 -7.88 3.73 2.40
C ASN A 44 -6.73 3.85 1.40
N LEU A 45 -5.51 3.71 1.90
CA LEU A 45 -4.32 3.79 1.06
C LEU A 45 -4.30 2.67 0.04
N LEU A 46 -4.77 1.51 0.45
CA LEU A 46 -4.77 0.36 -0.41
C LEU A 46 -5.55 0.61 -1.70
N ALA A 47 -6.67 1.31 -1.60
CA ALA A 47 -7.45 1.60 -2.80
C ALA A 47 -6.70 2.51 -3.77
N GLU A 48 -5.99 3.51 -3.23
CA GLU A 48 -5.26 4.46 -4.05
C GLU A 48 -4.11 3.82 -4.83
N ALA A 49 -3.45 2.83 -4.23
CA ALA A 49 -2.31 2.21 -4.90
C ALA A 49 -2.72 1.52 -6.19
N LYS A 50 -3.86 0.85 -6.17
CA LYS A 50 -4.33 0.18 -7.37
C LYS A 50 -4.55 1.18 -8.50
N LYS A 51 -5.11 2.33 -8.14
CA LYS A 51 -5.40 3.36 -9.13
C LYS A 51 -4.16 3.86 -9.86
N LEU A 52 -3.06 4.07 -9.13
CA LEU A 52 -1.82 4.53 -9.75
C LEU A 52 -1.31 3.52 -10.76
N ASN A 53 -1.45 2.24 -10.42
CA ASN A 53 -0.98 1.17 -11.27
C ASN A 53 -1.59 1.24 -12.66
N ASP A 54 -2.87 1.57 -12.72
CA ASP A 54 -3.56 1.65 -13.99
C ASP A 54 -2.95 2.67 -14.93
N ALA A 55 -2.53 3.82 -14.39
CA ALA A 55 -1.98 4.87 -15.24
C ALA A 55 -0.66 4.47 -15.91
N GLN A 56 0.25 3.84 -15.18
CA GLN A 56 1.51 3.43 -15.77
C GLN A 56 1.27 2.44 -16.91
N ALA A 57 0.28 1.57 -16.69
CA ALA A 57 -0.07 0.53 -17.65
C ALA A 57 -1.57 0.57 -17.99
N PRO A 58 -2.03 1.45 -18.82
CA PRO A 58 -3.48 1.52 -19.16
C PRO A 58 -3.97 0.17 -19.67
N LYS A 59 -3.04 -0.69 -20.09
CA LYS A 59 -3.41 -2.00 -20.61
C LYS A 59 -4.50 -2.65 -19.76
N ASP A 1 4.80 -6.11 22.22
CA ASP A 1 4.62 -7.52 21.76
C ASP A 1 3.20 -7.99 22.09
N VAL A 2 2.21 -7.35 21.47
CA VAL A 2 0.81 -7.70 21.70
C VAL A 2 0.17 -8.20 20.40
N ASP A 3 -0.58 -9.28 20.49
CA ASP A 3 -1.22 -9.87 19.32
C ASP A 3 -2.11 -8.84 18.60
N ASN A 4 -2.77 -8.00 19.37
CA ASN A 4 -3.67 -7.00 18.81
C ASN A 4 -2.91 -5.75 18.39
N LYS A 5 -1.58 -5.83 18.49
CA LYS A 5 -0.73 -4.70 18.12
C LYS A 5 -0.99 -4.30 16.67
N PHE A 6 -1.23 -5.29 15.81
CA PHE A 6 -1.48 -5.03 14.39
C PHE A 6 -2.68 -5.84 13.89
N ASN A 7 -3.23 -5.43 12.76
CA ASN A 7 -4.37 -6.12 12.16
C ASN A 7 -3.91 -6.99 11.01
N LYS A 8 -4.23 -8.27 11.07
CA LYS A 8 -3.80 -9.18 10.02
C LYS A 8 -4.34 -8.70 8.68
N GLU A 9 -5.54 -8.13 8.68
CA GLU A 9 -6.11 -7.63 7.44
C GLU A 9 -5.18 -6.56 6.84
N GLN A 10 -4.55 -5.77 7.70
CA GLN A 10 -3.63 -4.74 7.24
C GLN A 10 -2.50 -5.36 6.43
N GLN A 11 -2.05 -6.54 6.87
CA GLN A 11 -0.97 -7.23 6.19
C GLN A 11 -1.31 -7.46 4.72
N ASN A 12 -2.58 -7.76 4.44
CA ASN A 12 -3.00 -7.99 3.07
C ASN A 12 -2.66 -6.80 2.18
N ALA A 13 -2.83 -5.59 2.73
CA ALA A 13 -2.54 -4.39 1.97
C ALA A 13 -1.05 -4.31 1.62
N PHE A 14 -0.21 -4.78 2.53
CA PHE A 14 1.23 -4.74 2.29
C PHE A 14 1.59 -5.50 1.02
N TRP A 15 1.00 -6.70 0.87
CA TRP A 15 1.24 -7.51 -0.32
C TRP A 15 0.81 -6.82 -1.61
N GLU A 16 -0.28 -6.05 -1.55
CA GLU A 16 -0.76 -5.40 -2.75
C GLU A 16 0.27 -4.43 -3.29
N ILE A 17 0.98 -3.76 -2.40
CA ILE A 17 1.99 -2.82 -2.83
C ILE A 17 3.07 -3.56 -3.64
N LEU A 18 3.47 -4.72 -3.13
CA LEU A 18 4.48 -5.54 -3.79
C LEU A 18 4.02 -6.03 -5.15
N HIS A 19 2.73 -6.34 -5.25
CA HIS A 19 2.19 -6.90 -6.49
C HIS A 19 2.36 -5.97 -7.70
N LEU A 20 2.05 -4.68 -7.52
CA LEU A 20 2.13 -3.69 -8.62
C LEU A 20 3.32 -3.96 -9.56
N PRO A 21 3.16 -4.77 -10.61
CA PRO A 21 4.33 -5.09 -11.49
C PRO A 21 4.84 -3.87 -12.27
N ASN A 22 3.89 -3.05 -12.71
CA ASN A 22 4.19 -1.85 -13.49
C ASN A 22 5.10 -0.88 -12.75
N LEU A 23 4.94 -0.82 -11.43
CA LEU A 23 5.70 0.12 -10.60
C LEU A 23 7.01 -0.46 -10.10
N ASN A 24 8.04 0.39 -10.03
CA ASN A 24 9.34 -0.03 -9.53
C ASN A 24 9.33 -0.04 -8.01
N GLU A 25 10.37 -0.61 -7.41
CA GLU A 25 10.42 -0.70 -5.95
C GLU A 25 10.44 0.67 -5.26
N GLU A 26 11.09 1.67 -5.85
CA GLU A 26 11.13 2.98 -5.18
C GLU A 26 9.72 3.55 -5.00
N GLN A 27 8.87 3.34 -6.00
CA GLN A 27 7.50 3.81 -5.92
C GLN A 27 6.79 3.21 -4.72
N ARG A 28 7.07 1.92 -4.48
CA ARG A 28 6.45 1.24 -3.36
C ARG A 28 6.77 1.92 -2.05
N ASN A 29 7.99 2.44 -1.95
CA ASN A 29 8.40 3.13 -0.75
C ASN A 29 7.48 4.28 -0.42
N GLY A 30 7.02 4.99 -1.44
CA GLY A 30 6.15 6.12 -1.17
C GLY A 30 4.91 5.69 -0.39
N PHE A 31 4.32 4.55 -0.75
CA PHE A 31 3.16 4.06 0.00
C PHE A 31 3.50 3.69 1.44
N ILE A 32 4.64 3.05 1.64
CA ILE A 32 5.02 2.61 2.99
C ILE A 32 5.15 3.78 3.96
N GLN A 33 5.78 4.86 3.52
CA GLN A 33 5.96 6.00 4.42
C GLN A 33 4.60 6.57 4.82
N SER A 34 3.67 6.59 3.87
CA SER A 34 2.33 7.08 4.14
C SER A 34 1.64 6.24 5.20
N LEU A 35 1.91 4.93 5.16
CA LEU A 35 1.28 4.02 6.10
C LEU A 35 1.60 4.40 7.53
N LYS A 36 2.85 4.79 7.77
CA LYS A 36 3.25 5.17 9.12
C LYS A 36 2.43 6.36 9.63
N ASP A 37 2.20 7.34 8.76
CA ASP A 37 1.45 8.53 9.18
C ASP A 37 0.03 8.23 9.64
N ASP A 38 -0.66 7.33 8.93
CA ASP A 38 -2.05 6.95 9.29
C ASP A 38 -2.25 5.44 9.24
N PRO A 39 -1.79 4.67 10.19
CA PRO A 39 -1.98 3.19 10.13
C PRO A 39 -3.46 2.79 10.05
N SER A 40 -4.34 3.58 10.68
CA SER A 40 -5.78 3.27 10.65
C SER A 40 -6.33 3.38 9.23
N GLN A 41 -5.73 4.25 8.43
CA GLN A 41 -6.14 4.49 7.05
C GLN A 41 -5.46 3.57 6.06
N SER A 42 -4.80 2.53 6.53
CA SER A 42 -4.10 1.66 5.60
C SER A 42 -5.07 1.09 4.59
N ALA A 43 -6.33 0.93 4.99
CA ALA A 43 -7.31 0.43 4.03
C ALA A 43 -7.50 1.45 2.91
N ASN A 44 -7.56 2.73 3.27
CA ASN A 44 -7.72 3.78 2.28
C ASN A 44 -6.56 3.76 1.29
N LEU A 45 -5.36 3.51 1.81
CA LEU A 45 -4.16 3.46 0.98
C LEU A 45 -4.26 2.34 -0.04
N LEU A 46 -4.87 1.24 0.37
CA LEU A 46 -4.97 0.08 -0.50
C LEU A 46 -5.70 0.43 -1.79
N ALA A 47 -6.75 1.23 -1.68
CA ALA A 47 -7.48 1.60 -2.89
C ALA A 47 -6.66 2.47 -3.85
N GLU A 48 -5.93 3.42 -3.28
CA GLU A 48 -5.12 4.33 -4.09
C GLU A 48 -3.99 3.63 -4.84
N ALA A 49 -3.40 2.61 -4.24
CA ALA A 49 -2.29 1.94 -4.90
C ALA A 49 -2.71 1.28 -6.19
N LYS A 50 -3.87 0.64 -6.19
CA LYS A 50 -4.35 0.00 -7.40
C LYS A 50 -4.54 1.05 -8.50
N LYS A 51 -5.08 2.19 -8.09
CA LYS A 51 -5.37 3.27 -9.01
C LYS A 51 -4.11 3.80 -9.72
N LEU A 52 -3.02 3.93 -8.95
CA LEU A 52 -1.77 4.42 -9.51
C LEU A 52 -1.23 3.49 -10.59
N ASN A 53 -1.39 2.19 -10.37
CA ASN A 53 -0.87 1.20 -11.31
C ASN A 53 -1.40 1.42 -12.71
N ASP A 54 -2.67 1.77 -12.83
CA ASP A 54 -3.26 1.99 -14.15
C ASP A 54 -2.54 3.10 -14.92
N ALA A 55 -2.15 4.15 -14.22
CA ALA A 55 -1.48 5.28 -14.89
C ALA A 55 -0.12 4.91 -15.48
N GLN A 56 0.63 4.07 -14.77
CA GLN A 56 1.96 3.69 -15.24
C GLN A 56 1.92 3.01 -16.60
N ALA A 57 0.91 2.18 -16.84
CA ALA A 57 0.81 1.45 -18.11
C ALA A 57 -0.57 1.62 -18.74
N PRO A 58 -0.68 1.35 -20.02
CA PRO A 58 -1.99 1.44 -20.75
C PRO A 58 -3.03 0.49 -20.13
N LYS A 59 -2.53 -0.54 -19.46
CA LYS A 59 -3.39 -1.53 -18.82
C LYS A 59 -3.81 -1.06 -17.42
N ASP A 1 9.27 -2.68 23.89
CA ASP A 1 8.08 -2.01 24.52
C ASP A 1 7.36 -1.16 23.46
N VAL A 2 6.93 -1.82 22.39
CA VAL A 2 6.22 -1.15 21.29
C VAL A 2 4.93 -1.90 21.00
N ASP A 3 3.96 -1.25 20.36
CA ASP A 3 2.69 -1.92 20.07
C ASP A 3 2.82 -2.79 18.84
N ASN A 4 2.68 -4.08 19.08
CA ASN A 4 2.78 -5.13 18.07
C ASN A 4 1.44 -5.47 17.44
N LYS A 5 0.40 -4.70 17.72
CA LYS A 5 -0.92 -5.05 17.18
C LYS A 5 -1.09 -4.55 15.74
N PHE A 6 -1.58 -5.45 14.90
CA PHE A 6 -1.82 -5.18 13.48
C PHE A 6 -3.28 -5.47 13.13
N ASN A 7 -3.76 -4.85 12.05
CA ASN A 7 -5.13 -5.10 11.59
C ASN A 7 -5.04 -6.09 10.42
N LYS A 8 -5.91 -7.09 10.42
CA LYS A 8 -5.84 -8.11 9.37
C LYS A 8 -5.99 -7.51 7.99
N GLU A 9 -6.84 -6.50 7.84
CA GLU A 9 -7.01 -5.88 6.53
C GLU A 9 -5.72 -5.22 6.07
N GLN A 10 -4.98 -4.65 7.03
CA GLN A 10 -3.72 -3.98 6.73
C GLN A 10 -2.70 -4.91 6.07
N GLN A 11 -2.63 -6.16 6.53
CA GLN A 11 -1.66 -7.09 5.97
C GLN A 11 -1.87 -7.30 4.48
N ASN A 12 -3.13 -7.34 4.05
CA ASN A 12 -3.40 -7.54 2.65
C ASN A 12 -2.73 -6.46 1.81
N ALA A 13 -2.75 -5.24 2.33
CA ALA A 13 -2.15 -4.11 1.63
C ALA A 13 -0.65 -4.27 1.48
N PHE A 14 0.03 -4.82 2.49
CA PHE A 14 1.47 -4.96 2.41
C PHE A 14 1.90 -5.78 1.20
N TRP A 15 1.27 -6.93 0.99
CA TRP A 15 1.61 -7.73 -0.19
C TRP A 15 1.32 -6.99 -1.49
N GLU A 16 0.21 -6.26 -1.52
CA GLU A 16 -0.15 -5.55 -2.74
C GLU A 16 0.85 -4.47 -3.11
N ILE A 17 1.43 -3.78 -2.12
CA ILE A 17 2.39 -2.74 -2.47
C ILE A 17 3.53 -3.39 -3.24
N LEU A 18 3.97 -4.52 -2.72
CA LEU A 18 5.06 -5.28 -3.32
C LEU A 18 4.69 -5.79 -4.72
N HIS A 19 3.43 -6.18 -4.86
CA HIS A 19 2.94 -6.76 -6.11
C HIS A 19 3.02 -5.85 -7.33
N LEU A 20 2.60 -4.58 -7.19
CA LEU A 20 2.56 -3.62 -8.31
C LEU A 20 3.72 -3.79 -9.29
N PRO A 21 3.60 -4.64 -10.32
CA PRO A 21 4.75 -4.85 -11.27
C PRO A 21 5.06 -3.60 -12.11
N ASN A 22 4.01 -2.88 -12.49
CA ASN A 22 4.14 -1.69 -13.32
C ASN A 22 5.02 -0.61 -12.68
N LEU A 23 4.98 -0.51 -11.36
CA LEU A 23 5.74 0.51 -10.63
C LEU A 23 7.09 -0.03 -10.17
N ASN A 24 8.10 0.84 -10.21
CA ASN A 24 9.44 0.46 -9.78
C ASN A 24 9.48 0.45 -8.25
N GLU A 25 10.58 -0.03 -7.69
CA GLU A 25 10.67 -0.13 -6.24
C GLU A 25 10.59 1.23 -5.53
N GLU A 26 11.11 2.30 -6.13
CA GLU A 26 11.08 3.59 -5.44
C GLU A 26 9.66 4.07 -5.11
N GLN A 27 8.71 3.86 -6.04
CA GLN A 27 7.33 4.27 -5.75
C GLN A 27 6.77 3.51 -4.57
N ARG A 28 7.13 2.24 -4.48
CA ARG A 28 6.63 1.40 -3.42
C ARG A 28 7.02 1.97 -2.06
N ASN A 29 8.22 2.52 -1.99
CA ASN A 29 8.66 3.12 -0.74
C ASN A 29 7.71 4.20 -0.29
N GLY A 30 7.21 4.99 -1.24
CA GLY A 30 6.32 6.08 -0.88
C GLY A 30 5.10 5.60 -0.11
N PHE A 31 4.48 4.49 -0.53
CA PHE A 31 3.33 3.98 0.21
C PHE A 31 3.72 3.54 1.62
N ILE A 32 4.87 2.88 1.74
CA ILE A 32 5.28 2.39 3.05
C ILE A 32 5.43 3.50 4.08
N GLN A 33 6.09 4.59 3.69
CA GLN A 33 6.29 5.68 4.64
C GLN A 33 4.95 6.26 5.09
N SER A 34 4.02 6.38 4.14
CA SER A 34 2.71 6.89 4.46
C SER A 34 1.96 5.96 5.40
N LEU A 35 2.23 4.67 5.26
CA LEU A 35 1.56 3.68 6.09
C LEU A 35 1.84 3.92 7.56
N LYS A 36 3.09 4.27 7.85
CA LYS A 36 3.47 4.51 9.23
C LYS A 36 2.67 5.67 9.83
N ASP A 37 2.50 6.74 9.05
CA ASP A 37 1.78 7.91 9.56
C ASP A 37 0.33 7.61 9.97
N ASP A 38 -0.36 6.81 9.16
CA ASP A 38 -1.77 6.46 9.44
C ASP A 38 -2.03 4.96 9.27
N PRO A 39 -1.60 4.09 10.15
CA PRO A 39 -1.85 2.64 9.94
C PRO A 39 -3.35 2.33 9.86
N SER A 40 -4.18 3.10 10.57
CA SER A 40 -5.63 2.88 10.54
C SER A 40 -6.20 3.11 9.13
N GLN A 41 -5.56 4.03 8.40
CA GLN A 41 -5.98 4.38 7.04
C GLN A 41 -5.33 3.49 5.99
N SER A 42 -4.66 2.43 6.40
CA SER A 42 -3.98 1.59 5.43
C SER A 42 -5.00 1.07 4.44
N ALA A 43 -6.24 0.90 4.87
CA ALA A 43 -7.25 0.44 3.95
C ALA A 43 -7.47 1.48 2.86
N ASN A 44 -7.49 2.76 3.27
CA ASN A 44 -7.66 3.83 2.30
C ASN A 44 -6.52 3.84 1.29
N LEU A 45 -5.32 3.57 1.78
CA LEU A 45 -4.13 3.53 0.93
C LEU A 45 -4.22 2.41 -0.10
N LEU A 46 -4.80 1.29 0.31
CA LEU A 46 -4.90 0.15 -0.57
C LEU A 46 -5.66 0.47 -1.84
N ALA A 47 -6.73 1.23 -1.71
CA ALA A 47 -7.51 1.58 -2.89
C ALA A 47 -6.73 2.49 -3.84
N GLU A 48 -6.03 3.47 -3.29
CA GLU A 48 -5.27 4.40 -4.12
C GLU A 48 -4.11 3.73 -4.84
N ALA A 49 -3.45 2.77 -4.19
CA ALA A 49 -2.31 2.12 -4.82
C ALA A 49 -2.72 1.29 -6.02
N LYS A 50 -3.80 0.52 -5.89
CA LYS A 50 -4.26 -0.30 -6.99
C LYS A 50 -4.66 0.56 -8.18
N LYS A 51 -5.36 1.66 -7.90
CA LYS A 51 -5.82 2.56 -8.96
C LYS A 51 -4.67 3.13 -9.78
N LEU A 52 -3.60 3.55 -9.12
CA LEU A 52 -2.48 4.13 -9.83
C LEU A 52 -1.87 3.13 -10.80
N ASN A 53 -1.81 1.87 -10.38
CA ASN A 53 -1.21 0.84 -11.22
C ASN A 53 -1.91 0.77 -12.57
N ASP A 54 -3.23 0.87 -12.56
CA ASP A 54 -3.98 0.81 -13.81
C ASP A 54 -3.62 1.94 -14.77
N ALA A 55 -3.40 3.13 -14.23
CA ALA A 55 -3.09 4.29 -15.06
C ALA A 55 -1.76 4.19 -15.81
N GLN A 56 -0.73 3.65 -15.15
CA GLN A 56 0.56 3.55 -15.81
C GLN A 56 0.44 2.69 -17.07
N ALA A 57 -0.35 1.62 -16.96
CA ALA A 57 -0.58 0.71 -18.08
C ALA A 57 0.65 0.55 -18.96
N PRO A 58 1.76 0.10 -18.43
CA PRO A 58 3.00 -0.08 -19.23
C PRO A 58 2.79 -1.07 -20.38
N LYS A 59 1.81 -1.95 -20.21
CA LYS A 59 1.51 -2.98 -21.21
C LYS A 59 0.26 -2.59 -22.01
N ASP A 1 5.30 -6.89 21.50
CA ASP A 1 4.76 -8.13 20.88
C ASP A 1 3.39 -7.84 20.26
N VAL A 2 3.24 -8.15 18.98
CA VAL A 2 1.98 -7.93 18.26
C VAL A 2 1.29 -6.66 18.76
N ASP A 3 1.76 -5.51 18.26
CA ASP A 3 1.19 -4.23 18.67
C ASP A 3 -0.23 -4.05 18.16
N ASN A 4 -1.04 -3.44 19.01
CA ASN A 4 -2.44 -3.15 18.70
C ASN A 4 -2.58 -2.31 17.43
N LYS A 5 -1.59 -1.47 17.19
CA LYS A 5 -1.60 -0.56 16.04
C LYS A 5 -1.74 -1.30 14.72
N PHE A 6 -1.17 -2.52 14.61
CA PHE A 6 -1.24 -3.26 13.34
C PHE A 6 -2.27 -4.39 13.41
N ASN A 7 -3.09 -4.45 12.37
CA ASN A 7 -4.16 -5.45 12.23
C ASN A 7 -3.76 -6.49 11.18
N LYS A 8 -4.03 -7.75 11.44
CA LYS A 8 -3.63 -8.78 10.49
C LYS A 8 -4.20 -8.52 9.10
N GLU A 9 -5.41 -7.96 9.03
CA GLU A 9 -5.99 -7.64 7.72
C GLU A 9 -5.13 -6.62 6.99
N GLN A 10 -4.52 -5.72 7.77
CA GLN A 10 -3.66 -4.68 7.20
C GLN A 10 -2.55 -5.32 6.38
N GLN A 11 -2.06 -6.45 6.87
CA GLN A 11 -0.98 -7.15 6.18
C GLN A 11 -1.38 -7.44 4.74
N ASN A 12 -2.65 -7.78 4.54
CA ASN A 12 -3.15 -8.06 3.20
C ASN A 12 -2.87 -6.89 2.26
N ALA A 13 -3.01 -5.68 2.79
CA ALA A 13 -2.78 -4.51 1.97
C ALA A 13 -1.33 -4.44 1.50
N PHE A 14 -0.41 -4.87 2.37
CA PHE A 14 1.00 -4.83 2.00
C PHE A 14 1.26 -5.64 0.74
N TRP A 15 0.68 -6.83 0.66
CA TRP A 15 0.90 -7.66 -0.52
C TRP A 15 0.42 -7.00 -1.80
N GLU A 16 -0.71 -6.29 -1.78
CA GLU A 16 -1.17 -5.66 -3.02
C GLU A 16 -0.22 -4.56 -3.48
N ILE A 17 0.31 -3.80 -2.53
CA ILE A 17 1.26 -2.76 -2.87
C ILE A 17 2.52 -3.40 -3.44
N LEU A 18 2.90 -4.48 -2.79
CA LEU A 18 4.09 -5.24 -3.17
C LEU A 18 3.97 -5.79 -4.59
N HIS A 19 2.77 -6.23 -4.94
CA HIS A 19 2.52 -6.81 -6.26
C HIS A 19 2.78 -5.87 -7.44
N LEU A 20 2.35 -4.62 -7.32
CA LEU A 20 2.47 -3.62 -8.41
C LEU A 20 3.72 -3.80 -9.27
N PRO A 21 3.69 -4.62 -10.32
CA PRO A 21 4.92 -4.83 -11.17
C PRO A 21 5.33 -3.56 -11.91
N ASN A 22 4.32 -2.78 -12.30
CA ASN A 22 4.53 -1.53 -13.04
C ASN A 22 5.41 -0.53 -12.30
N LEU A 23 5.32 -0.49 -10.98
CA LEU A 23 6.08 0.49 -10.21
C LEU A 23 7.45 -0.06 -9.81
N ASN A 24 8.46 0.82 -9.80
CA ASN A 24 9.80 0.39 -9.42
C ASN A 24 9.85 0.25 -7.90
N GLU A 25 10.92 -0.33 -7.37
CA GLU A 25 10.99 -0.51 -5.94
C GLU A 25 11.02 0.83 -5.16
N GLU A 26 11.69 1.85 -5.69
CA GLU A 26 11.72 3.13 -4.95
C GLU A 26 10.32 3.74 -4.84
N GLN A 27 9.57 3.66 -5.93
CA GLN A 27 8.22 4.20 -5.92
C GLN A 27 7.38 3.48 -4.88
N ARG A 28 7.59 2.17 -4.78
CA ARG A 28 6.87 1.36 -3.84
C ARG A 28 7.06 1.90 -2.43
N ASN A 29 8.28 2.36 -2.16
CA ASN A 29 8.60 2.92 -0.85
C ASN A 29 7.67 4.06 -0.49
N GLY A 30 7.31 4.89 -1.48
CA GLY A 30 6.46 6.03 -1.16
C GLY A 30 5.19 5.61 -0.44
N PHE A 31 4.54 4.52 -0.88
CA PHE A 31 3.35 4.06 -0.16
C PHE A 31 3.67 3.61 1.26
N ILE A 32 4.79 2.90 1.42
CA ILE A 32 5.14 2.39 2.74
C ILE A 32 5.29 3.50 3.77
N GLN A 33 5.98 4.58 3.41
CA GLN A 33 6.18 5.66 4.36
C GLN A 33 4.83 6.26 4.76
N SER A 34 3.94 6.37 3.78
CA SER A 34 2.61 6.90 4.02
C SER A 34 1.85 6.05 5.02
N LEU A 35 2.06 4.74 4.94
CA LEU A 35 1.36 3.82 5.81
C LEU A 35 1.65 4.13 7.28
N LYS A 36 2.90 4.46 7.58
CA LYS A 36 3.25 4.78 8.95
C LYS A 36 2.48 5.97 9.48
N ASP A 37 2.29 6.98 8.63
CA ASP A 37 1.59 8.20 9.06
C ASP A 37 0.17 7.94 9.56
N ASP A 38 -0.57 7.07 8.86
CA ASP A 38 -1.96 6.75 9.24
C ASP A 38 -2.25 5.26 9.20
N PRO A 39 -1.79 4.46 10.13
CA PRO A 39 -2.07 3.00 10.05
C PRO A 39 -3.59 2.69 10.04
N SER A 40 -4.38 3.52 10.70
CA SER A 40 -5.83 3.33 10.72
C SER A 40 -6.43 3.39 9.32
N GLN A 41 -5.88 4.29 8.50
CA GLN A 41 -6.33 4.51 7.13
C GLN A 41 -5.67 3.61 6.11
N SER A 42 -4.96 2.59 6.57
CA SER A 42 -4.27 1.73 5.62
C SER A 42 -5.25 1.14 4.63
N ALA A 43 -6.50 0.94 5.04
CA ALA A 43 -7.47 0.43 4.10
C ALA A 43 -7.67 1.43 2.96
N ASN A 44 -7.75 2.71 3.33
CA ASN A 44 -7.92 3.76 2.32
C ASN A 44 -6.75 3.76 1.35
N LEU A 45 -5.55 3.52 1.87
CA LEU A 45 -4.35 3.49 1.05
C LEU A 45 -4.41 2.37 0.04
N LEU A 46 -5.00 1.25 0.45
CA LEU A 46 -5.08 0.09 -0.42
C LEU A 46 -5.80 0.44 -1.72
N ALA A 47 -6.87 1.22 -1.61
CA ALA A 47 -7.62 1.60 -2.81
C ALA A 47 -6.84 2.52 -3.76
N GLU A 48 -6.10 3.48 -3.20
CA GLU A 48 -5.36 4.44 -4.01
C GLU A 48 -4.25 3.81 -4.83
N ALA A 49 -3.58 2.80 -4.26
CA ALA A 49 -2.46 2.19 -4.97
C ALA A 49 -2.90 1.49 -6.25
N LYS A 50 -4.04 0.82 -6.21
CA LYS A 50 -4.52 0.13 -7.40
C LYS A 50 -4.76 1.13 -8.53
N LYS A 51 -5.33 2.28 -8.19
CA LYS A 51 -5.64 3.31 -9.18
C LYS A 51 -4.41 3.81 -9.93
N LEU A 52 -3.32 4.03 -9.21
CA LEU A 52 -2.10 4.53 -9.85
C LEU A 52 -1.59 3.55 -10.90
N ASN A 53 -1.68 2.28 -10.57
CA ASN A 53 -1.20 1.23 -11.46
C ASN A 53 -1.83 1.28 -12.84
N ASP A 54 -3.13 1.57 -12.89
CA ASP A 54 -3.82 1.60 -14.17
C ASP A 54 -3.19 2.58 -15.16
N ALA A 55 -2.77 3.75 -14.69
CA ALA A 55 -2.16 4.72 -15.61
C ALA A 55 -0.83 4.21 -16.14
N GLN A 56 -0.02 3.64 -15.26
CA GLN A 56 1.28 3.10 -15.64
C GLN A 56 1.12 1.96 -16.64
N ALA A 57 0.07 1.18 -16.44
CA ALA A 57 -0.19 0.03 -17.29
C ALA A 57 -0.62 0.48 -18.69
N PRO A 58 -0.29 -0.26 -19.73
CA PRO A 58 -0.68 0.12 -21.11
C PRO A 58 -2.20 0.23 -21.22
N LYS A 59 -2.90 -0.43 -20.29
CA LYS A 59 -4.35 -0.41 -20.28
C LYS A 59 -4.86 1.02 -20.44
N ASP A 1 2.18 8.02 17.79
CA ASP A 1 1.69 6.79 18.46
C ASP A 1 1.36 5.73 17.41
N VAL A 2 2.26 4.77 17.23
CA VAL A 2 2.08 3.69 16.26
C VAL A 2 2.00 2.34 16.96
N ASP A 3 1.04 1.52 16.56
CA ASP A 3 0.86 0.20 17.17
C ASP A 3 1.79 -0.83 16.54
N ASN A 4 2.65 -1.39 17.37
CA ASN A 4 3.60 -2.40 16.94
C ASN A 4 2.87 -3.56 16.25
N LYS A 5 1.67 -3.85 16.74
CA LYS A 5 0.87 -4.94 16.18
C LYS A 5 0.04 -4.45 15.00
N PHE A 6 -0.20 -5.36 14.05
CA PHE A 6 -0.96 -5.05 12.83
C PHE A 6 -2.23 -5.89 12.75
N ASN A 7 -3.20 -5.39 12.01
CA ASN A 7 -4.49 -6.08 11.85
C ASN A 7 -4.48 -6.93 10.59
N LYS A 8 -5.15 -8.07 10.66
CA LYS A 8 -5.14 -9.00 9.54
C LYS A 8 -5.64 -8.35 8.25
N GLU A 9 -6.70 -7.54 8.31
CA GLU A 9 -7.15 -6.90 7.08
C GLU A 9 -6.06 -5.96 6.57
N GLN A 10 -5.41 -5.29 7.51
CA GLN A 10 -4.31 -4.39 7.20
C GLN A 10 -3.13 -5.11 6.57
N GLN A 11 -2.88 -6.34 7.01
CA GLN A 11 -1.77 -7.12 6.49
C GLN A 11 -1.90 -7.31 4.99
N ASN A 12 -3.13 -7.52 4.53
CA ASN A 12 -3.37 -7.72 3.11
C ASN A 12 -2.85 -6.54 2.29
N ALA A 13 -3.03 -5.33 2.81
CA ALA A 13 -2.60 -4.15 2.09
C ALA A 13 -1.09 -4.13 1.89
N PHE A 14 -0.33 -4.56 2.89
CA PHE A 14 1.12 -4.55 2.77
C PHE A 14 1.62 -5.39 1.61
N TRP A 15 1.09 -6.59 1.50
CA TRP A 15 1.54 -7.48 0.45
C TRP A 15 1.33 -6.88 -0.93
N GLU A 16 0.19 -6.22 -1.11
CA GLU A 16 -0.14 -5.64 -2.41
C GLU A 16 0.85 -4.57 -2.85
N ILE A 17 1.38 -3.81 -1.91
CA ILE A 17 2.32 -2.77 -2.27
C ILE A 17 3.51 -3.37 -3.02
N LEU A 18 4.01 -4.50 -2.51
CA LEU A 18 5.12 -5.18 -3.15
C LEU A 18 4.78 -5.67 -4.55
N HIS A 19 3.55 -6.13 -4.71
CA HIS A 19 3.09 -6.72 -5.98
C HIS A 19 3.15 -5.80 -7.21
N LEU A 20 2.70 -4.55 -7.09
CA LEU A 20 2.64 -3.62 -8.24
C LEU A 20 3.79 -3.84 -9.23
N PRO A 21 3.66 -4.73 -10.20
CA PRO A 21 4.80 -5.00 -11.15
C PRO A 21 5.08 -3.81 -12.07
N ASN A 22 4.02 -3.13 -12.47
CA ASN A 22 4.10 -1.98 -13.38
C ASN A 22 4.98 -0.85 -12.84
N LEU A 23 4.95 -0.66 -11.53
CA LEU A 23 5.70 0.42 -10.89
C LEU A 23 7.09 -0.02 -10.41
N ASN A 24 8.06 0.89 -10.53
CA ASN A 24 9.42 0.59 -10.12
C ASN A 24 9.52 0.68 -8.60
N GLU A 25 10.66 0.25 -8.06
CA GLU A 25 10.87 0.22 -6.63
C GLU A 25 10.72 1.58 -5.93
N GLU A 26 11.14 2.69 -6.55
CA GLU A 26 11.04 3.96 -5.81
C GLU A 26 9.59 4.31 -5.46
N GLN A 27 8.66 4.08 -6.40
CA GLN A 27 7.26 4.34 -6.09
C GLN A 27 6.76 3.46 -4.97
N ARG A 28 7.25 2.23 -4.95
CA ARG A 28 6.83 1.27 -3.95
C ARG A 28 7.09 1.79 -2.54
N ASN A 29 8.25 2.42 -2.36
CA ASN A 29 8.60 2.97 -1.05
C ASN A 29 7.60 4.02 -0.57
N GLY A 30 7.12 4.85 -1.48
CA GLY A 30 6.23 5.92 -1.07
C GLY A 30 5.00 5.40 -0.32
N PHE A 31 4.43 4.30 -0.80
CA PHE A 31 3.27 3.74 -0.11
C PHE A 31 3.62 3.24 1.30
N ILE A 32 4.77 2.60 1.45
CA ILE A 32 5.13 2.05 2.75
C ILE A 32 5.20 3.14 3.82
N GLN A 33 5.85 4.24 3.49
CA GLN A 33 6.00 5.33 4.44
C GLN A 33 4.65 5.93 4.85
N SER A 34 3.75 6.05 3.88
CA SER A 34 2.43 6.61 4.15
C SER A 34 1.67 5.80 5.18
N LEU A 35 1.81 4.49 5.11
CA LEU A 35 1.11 3.61 6.04
C LEU A 35 1.52 3.91 7.48
N LYS A 36 2.81 4.18 7.67
CA LYS A 36 3.30 4.47 9.00
C LYS A 36 2.61 5.69 9.62
N ASP A 37 2.41 6.72 8.81
CA ASP A 37 1.78 7.94 9.32
C ASP A 37 0.36 7.70 9.85
N ASP A 38 -0.41 6.88 9.13
CA ASP A 38 -1.79 6.56 9.52
C ASP A 38 -2.08 5.07 9.37
N PRO A 39 -1.63 4.20 10.24
CA PRO A 39 -1.92 2.75 10.06
C PRO A 39 -3.42 2.45 10.00
N SER A 40 -4.24 3.24 10.69
CA SER A 40 -5.69 3.04 10.67
C SER A 40 -6.23 3.18 9.26
N GLN A 41 -5.66 4.12 8.51
CA GLN A 41 -6.07 4.40 7.12
C GLN A 41 -5.34 3.53 6.10
N SER A 42 -4.64 2.51 6.54
CA SER A 42 -3.91 1.70 5.59
C SER A 42 -4.87 1.13 4.56
N ALA A 43 -6.11 0.91 4.96
CA ALA A 43 -7.08 0.41 4.01
C ALA A 43 -7.32 1.45 2.91
N ASN A 44 -7.42 2.72 3.32
CA ASN A 44 -7.62 3.79 2.36
C ASN A 44 -6.48 3.85 1.36
N LEU A 45 -5.27 3.60 1.85
CA LEU A 45 -4.08 3.61 1.00
C LEU A 45 -4.16 2.52 -0.05
N LEU A 46 -4.74 1.39 0.34
CA LEU A 46 -4.82 0.26 -0.55
C LEU A 46 -5.57 0.62 -1.83
N ALA A 47 -6.64 1.40 -1.70
CA ALA A 47 -7.40 1.80 -2.87
C ALA A 47 -6.61 2.70 -3.82
N GLU A 48 -5.85 3.64 -3.26
CA GLU A 48 -5.08 4.56 -4.09
C GLU A 48 -3.98 3.87 -4.88
N ALA A 49 -3.35 2.87 -4.30
CA ALA A 49 -2.26 2.20 -5.00
C ALA A 49 -2.74 1.46 -6.25
N LYS A 50 -3.87 0.78 -6.13
CA LYS A 50 -4.40 0.06 -7.28
C LYS A 50 -4.71 1.01 -8.43
N LYS A 51 -5.30 2.15 -8.10
CA LYS A 51 -5.67 3.13 -9.12
C LYS A 51 -4.45 3.63 -9.90
N LEU A 52 -3.36 3.91 -9.18
CA LEU A 52 -2.14 4.39 -9.83
C LEU A 52 -1.60 3.36 -10.81
N ASN A 53 -1.70 2.10 -10.43
CA ASN A 53 -1.17 1.02 -11.25
C ASN A 53 -1.77 1.03 -12.65
N ASP A 54 -3.07 1.32 -12.73
CA ASP A 54 -3.74 1.34 -14.03
C ASP A 54 -3.12 2.35 -14.99
N ALA A 55 -2.74 3.52 -14.48
CA ALA A 55 -2.16 4.54 -15.34
C ALA A 55 -0.82 4.12 -15.93
N GLN A 56 0.01 3.47 -15.11
CA GLN A 56 1.31 3.01 -15.58
C GLN A 56 1.15 2.03 -16.73
N ALA A 57 0.14 1.18 -16.63
CA ALA A 57 -0.15 0.16 -17.63
C ALA A 57 -1.61 0.25 -18.09
N PRO A 58 -1.96 1.15 -18.97
CA PRO A 58 -3.37 1.26 -19.42
C PRO A 58 -3.86 -0.07 -20.00
N LYS A 59 -2.92 -0.95 -20.34
CA LYS A 59 -3.27 -2.25 -20.94
C LYS A 59 -4.44 -2.12 -21.91
N ASP A 1 -3.71 -14.77 19.60
CA ASP A 1 -3.90 -13.56 20.45
C ASP A 1 -2.55 -12.88 20.68
N VAL A 2 -1.71 -12.88 19.65
CA VAL A 2 -0.38 -12.26 19.74
C VAL A 2 -0.16 -11.31 18.57
N ASP A 3 0.74 -10.36 18.74
CA ASP A 3 1.04 -9.39 17.69
C ASP A 3 -0.23 -8.66 17.26
N ASN A 4 -1.02 -8.21 18.24
CA ASN A 4 -2.27 -7.51 17.94
C ASN A 4 -2.01 -6.02 17.70
N LYS A 5 -0.75 -5.63 17.70
CA LYS A 5 -0.38 -4.24 17.45
C LYS A 5 -0.91 -3.83 16.08
N PHE A 6 -0.89 -4.81 15.17
CA PHE A 6 -1.34 -4.62 13.80
C PHE A 6 -2.53 -5.54 13.52
N ASN A 7 -3.35 -5.18 12.54
CA ASN A 7 -4.53 -5.97 12.19
C ASN A 7 -4.21 -6.90 11.03
N LYS A 8 -4.72 -8.12 11.09
CA LYS A 8 -4.44 -9.10 10.06
C LYS A 8 -4.86 -8.60 8.70
N GLU A 9 -5.96 -7.86 8.63
CA GLU A 9 -6.41 -7.33 7.35
C GLU A 9 -5.36 -6.36 6.79
N GLN A 10 -4.70 -5.63 7.67
CA GLN A 10 -3.66 -4.69 7.26
C GLN A 10 -2.55 -5.40 6.51
N GLN A 11 -2.22 -6.61 6.97
CA GLN A 11 -1.16 -7.38 6.33
C GLN A 11 -1.45 -7.57 4.85
N ASN A 12 -2.73 -7.79 4.53
CA ASN A 12 -3.11 -7.99 3.14
C ASN A 12 -2.69 -6.82 2.27
N ALA A 13 -2.82 -5.61 2.81
CA ALA A 13 -2.45 -4.43 2.04
C ALA A 13 -0.97 -4.41 1.69
N PHE A 14 -0.13 -4.85 2.63
CA PHE A 14 1.31 -4.85 2.37
C PHE A 14 1.72 -5.71 1.20
N TRP A 15 1.20 -6.93 1.16
CA TRP A 15 1.60 -7.87 0.13
C TRP A 15 1.27 -7.34 -1.27
N GLU A 16 0.09 -6.73 -1.39
CA GLU A 16 -0.36 -6.23 -2.68
C GLU A 16 0.53 -5.14 -3.25
N ILE A 17 1.11 -4.29 -2.40
CA ILE A 17 1.96 -3.23 -2.93
C ILE A 17 3.11 -3.85 -3.72
N LEU A 18 3.65 -4.95 -3.20
CA LEU A 18 4.73 -5.66 -3.88
C LEU A 18 4.28 -6.17 -5.25
N HIS A 19 3.02 -6.59 -5.32
CA HIS A 19 2.49 -7.14 -6.57
C HIS A 19 2.56 -6.18 -7.76
N LEU A 20 2.20 -4.91 -7.55
CA LEU A 20 2.20 -3.90 -8.63
C LEU A 20 3.37 -4.12 -9.60
N PRO A 21 3.21 -4.93 -10.66
CA PRO A 21 4.37 -5.19 -11.58
C PRO A 21 4.83 -3.96 -12.35
N ASN A 22 3.84 -3.14 -12.74
CA ASN A 22 4.10 -1.92 -13.49
C ASN A 22 5.01 -0.95 -12.75
N LEU A 23 4.88 -0.92 -11.42
CA LEU A 23 5.64 0.03 -10.61
C LEU A 23 6.96 -0.56 -10.13
N ASN A 24 7.99 0.29 -10.10
CA ASN A 24 9.30 -0.13 -9.62
C ASN A 24 9.31 -0.08 -8.09
N GLU A 25 10.35 -0.60 -7.48
CA GLU A 25 10.42 -0.65 -6.02
C GLU A 25 10.34 0.74 -5.37
N GLU A 26 10.90 1.79 -5.99
CA GLU A 26 10.87 3.11 -5.35
C GLU A 26 9.46 3.65 -5.13
N GLN A 27 8.54 3.42 -6.07
CA GLN A 27 7.17 3.91 -5.87
C GLN A 27 6.54 3.25 -4.66
N ARG A 28 6.86 1.98 -4.46
CA ARG A 28 6.30 1.25 -3.35
C ARG A 28 6.64 1.91 -2.02
N ASN A 29 7.87 2.40 -1.92
CA ASN A 29 8.30 3.04 -0.70
C ASN A 29 7.40 4.22 -0.36
N GLY A 30 6.98 4.96 -1.38
CA GLY A 30 6.15 6.12 -1.12
C GLY A 30 4.89 5.72 -0.36
N PHE A 31 4.29 4.59 -0.73
CA PHE A 31 3.12 4.13 -0.01
C PHE A 31 3.45 3.81 1.44
N ILE A 32 4.61 3.20 1.68
CA ILE A 32 4.98 2.84 3.04
C ILE A 32 5.06 4.05 3.94
N GLN A 33 5.65 5.15 3.45
CA GLN A 33 5.78 6.32 4.31
C GLN A 33 4.40 6.80 4.74
N SER A 34 3.45 6.75 3.82
CA SER A 34 2.10 7.17 4.14
C SER A 34 1.47 6.24 5.17
N LEU A 35 1.87 4.97 5.15
CA LEU A 35 1.32 4.01 6.09
C LEU A 35 1.63 4.43 7.52
N LYS A 36 2.85 4.90 7.74
CA LYS A 36 3.23 5.32 9.08
C LYS A 36 2.38 6.47 9.61
N ASP A 37 2.04 7.42 8.73
CA ASP A 37 1.26 8.57 9.16
C ASP A 37 -0.12 8.21 9.73
N ASP A 38 -0.80 7.26 9.08
CA ASP A 38 -2.14 6.83 9.52
C ASP A 38 -2.29 5.31 9.45
N PRO A 39 -1.74 4.52 10.34
CA PRO A 39 -1.89 3.05 10.21
C PRO A 39 -3.35 2.60 10.21
N SER A 40 -4.23 3.32 10.92
CA SER A 40 -5.66 2.98 10.93
C SER A 40 -6.28 3.02 9.53
N GLN A 41 -5.82 4.00 8.74
CA GLN A 41 -6.30 4.22 7.37
C GLN A 41 -5.54 3.44 6.33
N SER A 42 -4.76 2.45 6.74
CA SER A 42 -3.97 1.72 5.78
C SER A 42 -4.88 1.12 4.71
N ALA A 43 -6.10 0.79 5.06
CA ALA A 43 -7.00 0.25 4.05
C ALA A 43 -7.28 1.30 2.97
N ASN A 44 -7.50 2.54 3.41
CA ASN A 44 -7.77 3.62 2.46
C ASN A 44 -6.60 3.80 1.49
N LEU A 45 -5.39 3.68 2.03
CA LEU A 45 -4.18 3.83 1.24
C LEU A 45 -4.10 2.77 0.16
N LEU A 46 -4.55 1.57 0.51
CA LEU A 46 -4.50 0.44 -0.41
C LEU A 46 -5.25 0.71 -1.70
N ALA A 47 -6.40 1.37 -1.60
CA ALA A 47 -7.18 1.66 -2.80
C ALA A 47 -6.44 2.60 -3.77
N GLU A 48 -5.72 3.57 -3.22
CA GLU A 48 -5.00 4.54 -4.04
C GLU A 48 -3.88 3.90 -4.87
N ALA A 49 -3.22 2.88 -4.32
CA ALA A 49 -2.11 2.27 -5.04
C ALA A 49 -2.53 1.63 -6.34
N LYS A 50 -3.68 0.97 -6.35
CA LYS A 50 -4.15 0.33 -7.57
C LYS A 50 -4.35 1.36 -8.66
N LYS A 51 -4.88 2.52 -8.27
CA LYS A 51 -5.17 3.59 -9.21
C LYS A 51 -3.94 4.10 -9.96
N LEU A 52 -2.81 4.27 -9.27
CA LEU A 52 -1.61 4.76 -9.94
C LEU A 52 -1.14 3.77 -11.00
N ASN A 53 -1.28 2.49 -10.69
CA ASN A 53 -0.86 1.43 -11.60
C ASN A 53 -1.52 1.53 -12.97
N ASP A 54 -2.79 1.89 -12.99
CA ASP A 54 -3.49 1.98 -14.27
C ASP A 54 -2.87 3.01 -15.21
N ALA A 55 -2.41 4.14 -14.68
CA ALA A 55 -1.83 5.18 -15.54
C ALA A 55 -0.52 4.77 -16.21
N GLN A 56 0.38 4.14 -15.46
CA GLN A 56 1.65 3.72 -16.06
C GLN A 56 1.44 2.71 -17.18
N ALA A 57 0.44 1.84 -16.99
CA ALA A 57 0.15 0.77 -17.95
C ALA A 57 -1.29 0.83 -18.44
N PRO A 58 -1.59 1.67 -19.38
CA PRO A 58 -2.96 1.79 -19.94
C PRO A 58 -3.46 0.43 -20.43
N LYS A 59 -2.50 -0.49 -20.63
CA LYS A 59 -2.82 -1.85 -21.10
C LYS A 59 -4.18 -2.32 -20.58
N ASP A 1 1.57 4.42 15.73
CA ASP A 1 1.61 4.77 17.18
C ASP A 1 2.81 4.06 17.82
N VAL A 2 3.12 4.47 19.06
CA VAL A 2 4.24 3.87 19.78
C VAL A 2 3.91 2.43 20.18
N ASP A 3 2.62 2.16 20.37
CA ASP A 3 2.19 0.82 20.76
C ASP A 3 2.70 -0.19 19.73
N ASN A 4 2.70 0.23 18.47
CA ASN A 4 3.21 -0.57 17.35
C ASN A 4 2.47 -1.90 17.17
N LYS A 5 1.14 -1.89 17.25
CA LYS A 5 0.37 -3.13 17.02
C LYS A 5 -0.10 -3.17 15.57
N PHE A 6 -0.07 -4.36 14.97
CA PHE A 6 -0.48 -4.52 13.57
C PHE A 6 -1.66 -5.49 13.45
N ASN A 7 -2.44 -5.31 12.38
CA ASN A 7 -3.59 -6.18 12.10
C ASN A 7 -3.20 -7.13 10.97
N LYS A 8 -3.47 -8.41 11.16
CA LYS A 8 -3.09 -9.40 10.16
C LYS A 8 -3.69 -9.06 8.79
N GLU A 9 -4.92 -8.54 8.76
CA GLU A 9 -5.51 -8.20 7.47
C GLU A 9 -4.74 -7.07 6.80
N GLN A 10 -4.17 -6.18 7.63
CA GLN A 10 -3.39 -5.07 7.11
C GLN A 10 -2.22 -5.58 6.28
N GLN A 11 -1.66 -6.70 6.72
CA GLN A 11 -0.50 -7.27 6.04
C GLN A 11 -0.81 -7.50 4.56
N ASN A 12 -2.02 -7.92 4.24
CA ASN A 12 -2.36 -8.16 2.84
C ASN A 12 -2.12 -6.90 2.02
N ALA A 13 -2.43 -5.74 2.60
CA ALA A 13 -2.24 -4.50 1.87
C ALA A 13 -0.77 -4.33 1.52
N PHE A 14 0.10 -4.72 2.44
CA PHE A 14 1.53 -4.61 2.17
C PHE A 14 1.86 -5.42 0.93
N TRP A 15 1.31 -6.64 0.88
CA TRP A 15 1.49 -7.51 -0.27
C TRP A 15 0.95 -6.88 -1.54
N GLU A 16 -0.17 -6.18 -1.42
CA GLU A 16 -0.77 -5.57 -2.59
C GLU A 16 0.22 -4.60 -3.22
N ILE A 17 0.97 -3.89 -2.38
CA ILE A 17 1.96 -2.97 -2.90
C ILE A 17 3.01 -3.71 -3.71
N LEU A 18 3.42 -4.87 -3.19
CA LEU A 18 4.43 -5.69 -3.87
C LEU A 18 3.92 -6.18 -5.22
N HIS A 19 2.63 -6.48 -5.29
CA HIS A 19 2.05 -7.02 -6.51
C HIS A 19 2.19 -6.10 -7.72
N LEU A 20 1.91 -4.81 -7.53
CA LEU A 20 1.98 -3.83 -8.64
C LEU A 20 3.14 -4.14 -9.61
N PRO A 21 2.95 -4.94 -10.65
CA PRO A 21 4.09 -5.30 -11.55
C PRO A 21 4.62 -4.08 -12.33
N ASN A 22 3.69 -3.23 -12.73
CA ASN A 22 4.01 -2.03 -13.50
C ASN A 22 4.98 -1.09 -12.78
N LEU A 23 4.86 -1.01 -11.46
CA LEU A 23 5.67 -0.08 -10.66
C LEU A 23 6.94 -0.73 -10.13
N ASN A 24 8.04 0.04 -10.10
CA ASN A 24 9.31 -0.46 -9.59
C ASN A 24 9.32 -0.38 -8.06
N GLU A 25 10.35 -0.92 -7.44
CA GLU A 25 10.42 -0.94 -5.97
C GLU A 25 10.44 0.45 -5.31
N GLU A 26 11.07 1.46 -5.91
CA GLU A 26 11.10 2.76 -5.24
C GLU A 26 9.70 3.32 -5.00
N GLN A 27 8.81 3.12 -5.97
CA GLN A 27 7.43 3.57 -5.81
C GLN A 27 6.75 2.89 -4.64
N ARG A 28 7.08 1.62 -4.42
CA ARG A 28 6.47 0.89 -3.32
C ARG A 28 6.77 1.59 -2.00
N ASN A 29 7.97 2.14 -1.89
CA ASN A 29 8.36 2.85 -0.68
C ASN A 29 7.43 4.01 -0.37
N GLY A 30 7.00 4.72 -1.40
CA GLY A 30 6.14 5.86 -1.14
C GLY A 30 4.89 5.48 -0.36
N PHE A 31 4.27 4.35 -0.71
CA PHE A 31 3.09 3.91 0.02
C PHE A 31 3.39 3.56 1.48
N ILE A 32 4.53 2.90 1.71
CA ILE A 32 4.86 2.49 3.07
C ILE A 32 4.96 3.69 4.02
N GLN A 33 5.62 4.75 3.56
CA GLN A 33 5.78 5.92 4.42
C GLN A 33 4.42 6.51 4.79
N SER A 34 3.51 6.51 3.81
CA SER A 34 2.17 7.03 4.03
C SER A 34 1.45 6.25 5.13
N LEU A 35 1.70 4.94 5.15
CA LEU A 35 1.05 4.08 6.12
C LEU A 35 1.36 4.53 7.55
N LYS A 36 2.61 4.92 7.79
CA LYS A 36 2.99 5.36 9.11
C LYS A 36 2.20 6.58 9.57
N ASP A 37 1.96 7.51 8.65
CA ASP A 37 1.24 8.74 9.00
C ASP A 37 -0.18 8.48 9.52
N ASP A 38 -0.90 7.54 8.88
CA ASP A 38 -2.27 7.21 9.28
C ASP A 38 -2.53 5.70 9.28
N PRO A 39 -2.06 4.94 10.23
CA PRO A 39 -2.30 3.47 10.17
C PRO A 39 -3.79 3.11 10.13
N SER A 40 -4.64 3.93 10.75
CA SER A 40 -6.09 3.69 10.74
C SER A 40 -6.66 3.69 9.32
N GLN A 41 -6.11 4.58 8.49
CA GLN A 41 -6.54 4.74 7.09
C GLN A 41 -5.82 3.83 6.12
N SER A 42 -5.12 2.83 6.63
CA SER A 42 -4.38 1.96 5.74
C SER A 42 -5.30 1.35 4.70
N ALA A 43 -6.56 1.12 5.06
CA ALA A 43 -7.47 0.58 4.08
C ALA A 43 -7.67 1.56 2.94
N ASN A 44 -7.81 2.84 3.27
CA ASN A 44 -7.98 3.87 2.25
C ASN A 44 -6.79 3.92 1.30
N LEU A 45 -5.59 3.74 1.87
CA LEU A 45 -4.37 3.77 1.08
C LEU A 45 -4.34 2.64 0.07
N LEU A 46 -4.87 1.49 0.48
CA LEU A 46 -4.87 0.33 -0.38
C LEU A 46 -5.60 0.60 -1.68
N ALA A 47 -6.71 1.33 -1.61
CA ALA A 47 -7.46 1.66 -2.83
C ALA A 47 -6.64 2.54 -3.76
N GLU A 48 -5.88 3.48 -3.18
CA GLU A 48 -5.07 4.41 -3.95
C GLU A 48 -3.97 3.73 -4.75
N ALA A 49 -3.41 2.66 -4.20
CA ALA A 49 -2.30 2.01 -4.90
C ALA A 49 -2.73 1.44 -6.24
N LYS A 50 -3.93 0.88 -6.30
CA LYS A 50 -4.40 0.35 -7.57
C LYS A 50 -4.49 1.46 -8.61
N LYS A 51 -4.96 2.63 -8.17
CA LYS A 51 -5.12 3.77 -9.05
C LYS A 51 -3.81 4.22 -9.70
N LEU A 52 -2.73 4.27 -8.93
CA LEU A 52 -1.45 4.69 -9.46
C LEU A 52 -0.99 3.74 -10.57
N ASN A 53 -1.25 2.46 -10.36
CA ASN A 53 -0.83 1.44 -11.31
C ASN A 53 -1.38 1.69 -12.70
N ASP A 54 -2.62 2.16 -12.76
CA ASP A 54 -3.25 2.43 -14.05
C ASP A 54 -2.49 3.48 -14.86
N ALA A 55 -1.98 4.52 -14.19
CA ALA A 55 -1.26 5.57 -14.90
C ALA A 55 0.03 5.09 -15.54
N GLN A 56 0.80 4.27 -14.81
CA GLN A 56 2.05 3.75 -15.36
C GLN A 56 1.75 2.92 -16.60
N ALA A 57 0.64 2.19 -16.51
CA ALA A 57 0.20 1.28 -17.58
C ALA A 57 -1.24 1.55 -17.97
N PRO A 58 -1.50 2.47 -18.86
CA PRO A 58 -2.90 2.75 -19.28
C PRO A 58 -3.53 1.42 -19.69
N LYS A 59 -2.65 0.46 -19.98
CA LYS A 59 -3.06 -0.89 -20.34
C LYS A 59 -4.00 -1.47 -19.27
N ASP A 1 -4.56 -6.36 29.40
CA ASP A 1 -5.30 -6.61 28.13
C ASP A 1 -5.15 -5.41 27.20
N VAL A 2 -4.47 -5.61 26.08
CA VAL A 2 -4.24 -4.54 25.10
C VAL A 2 -4.91 -4.89 23.77
N ASP A 3 -5.59 -3.92 23.19
CA ASP A 3 -6.27 -4.13 21.92
C ASP A 3 -5.26 -4.37 20.82
N ASN A 4 -5.59 -5.27 19.90
CA ASN A 4 -4.73 -5.59 18.79
C ASN A 4 -4.42 -4.31 18.05
N LYS A 5 -5.42 -3.45 17.99
CA LYS A 5 -5.29 -2.15 17.38
C LYS A 5 -4.85 -2.24 15.91
N PHE A 6 -4.50 -3.45 15.45
CA PHE A 6 -4.12 -3.65 14.03
C PHE A 6 -5.08 -4.65 13.40
N ASN A 7 -5.27 -4.56 12.08
CA ASN A 7 -6.17 -5.48 11.38
C ASN A 7 -5.35 -6.49 10.57
N LYS A 8 -5.74 -7.75 10.67
CA LYS A 8 -5.06 -8.79 9.94
C LYS A 8 -5.11 -8.48 8.45
N GLU A 9 -6.23 -7.90 8.02
CA GLU A 9 -6.39 -7.54 6.63
C GLU A 9 -5.36 -6.49 6.22
N GLN A 10 -5.00 -5.59 7.15
CA GLN A 10 -4.03 -4.56 6.84
C GLN A 10 -2.71 -5.19 6.38
N GLN A 11 -2.34 -6.30 7.03
CA GLN A 11 -1.11 -6.98 6.65
C GLN A 11 -1.17 -7.36 5.17
N ASN A 12 -2.35 -7.78 4.74
CA ASN A 12 -2.54 -8.16 3.35
C ASN A 12 -2.18 -7.01 2.44
N ALA A 13 -2.48 -5.79 2.88
CA ALA A 13 -2.20 -4.61 2.07
C ALA A 13 -0.71 -4.47 1.80
N PHE A 14 0.11 -4.81 2.80
CA PHE A 14 1.55 -4.72 2.59
C PHE A 14 2.02 -5.57 1.44
N TRP A 15 1.55 -6.81 1.41
CA TRP A 15 1.99 -7.73 0.38
C TRP A 15 1.64 -7.21 -1.02
N GLU A 16 0.46 -6.61 -1.14
CA GLU A 16 -0.02 -6.12 -2.42
C GLU A 16 0.88 -5.02 -2.99
N ILE A 17 1.45 -4.19 -2.15
CA ILE A 17 2.31 -3.13 -2.63
C ILE A 17 3.45 -3.73 -3.44
N LEU A 18 4.00 -4.83 -2.93
CA LEU A 18 5.10 -5.51 -3.61
C LEU A 18 4.67 -6.01 -5.00
N HIS A 19 3.43 -6.47 -5.09
CA HIS A 19 2.90 -7.04 -6.33
C HIS A 19 2.89 -6.08 -7.53
N LEU A 20 2.45 -4.84 -7.34
CA LEU A 20 2.33 -3.86 -8.45
C LEU A 20 3.46 -4.01 -9.49
N PRO A 21 3.31 -4.84 -10.52
CA PRO A 21 4.43 -5.05 -11.51
C PRO A 21 4.75 -3.81 -12.35
N ASN A 22 3.71 -3.06 -12.73
CA ASN A 22 3.88 -1.86 -13.55
C ASN A 22 4.78 -0.83 -12.87
N LEU A 23 4.71 -0.76 -11.54
CA LEU A 23 5.46 0.23 -10.77
C LEU A 23 6.84 -0.26 -10.37
N ASN A 24 7.80 0.68 -10.39
CA ASN A 24 9.17 0.37 -10.00
C ASN A 24 9.26 0.34 -8.48
N GLU A 25 10.39 -0.10 -7.96
CA GLU A 25 10.55 -0.22 -6.52
C GLU A 25 10.44 1.13 -5.77
N GLU A 26 10.92 2.23 -6.36
CA GLU A 26 10.87 3.51 -5.63
C GLU A 26 9.44 3.94 -5.27
N GLN A 27 8.48 3.75 -6.17
CA GLN A 27 7.10 4.10 -5.84
C GLN A 27 6.58 3.30 -4.67
N ARG A 28 6.98 2.03 -4.62
CA ARG A 28 6.51 1.15 -3.56
C ARG A 28 6.90 1.69 -2.20
N ASN A 29 8.10 2.25 -2.11
CA ASN A 29 8.56 2.82 -0.86
C ASN A 29 7.63 3.91 -0.35
N GLY A 30 7.13 4.72 -1.27
CA GLY A 30 6.26 5.81 -0.87
C GLY A 30 5.03 5.32 -0.11
N PHE A 31 4.43 4.21 -0.56
CA PHE A 31 3.28 3.68 0.15
C PHE A 31 3.61 3.21 1.56
N ILE A 32 4.76 2.54 1.72
CA ILE A 32 5.11 2.04 3.04
C ILE A 32 5.25 3.18 4.05
N GLN A 33 5.93 4.25 3.65
CA GLN A 33 6.13 5.38 4.54
C GLN A 33 4.79 6.02 4.93
N SER A 34 3.89 6.07 3.95
CA SER A 34 2.58 6.65 4.18
C SER A 34 1.79 5.83 5.19
N LEU A 35 2.04 4.53 5.21
CA LEU A 35 1.30 3.67 6.13
C LEU A 35 1.55 4.10 7.57
N LYS A 36 2.79 4.44 7.89
CA LYS A 36 3.11 4.87 9.24
C LYS A 36 2.36 6.13 9.64
N ASP A 37 2.23 7.07 8.71
CA ASP A 37 1.55 8.33 9.04
C ASP A 37 0.10 8.15 9.48
N ASP A 38 -0.63 7.26 8.79
CA ASP A 38 -2.04 7.01 9.10
C ASP A 38 -2.38 5.52 9.13
N PRO A 39 -1.99 4.75 10.11
CA PRO A 39 -2.33 3.30 10.09
C PRO A 39 -3.84 3.05 10.00
N SER A 40 -4.63 3.94 10.61
CA SER A 40 -6.09 3.83 10.57
C SER A 40 -6.62 3.88 9.14
N GLN A 41 -5.97 4.73 8.34
CA GLN A 41 -6.36 4.95 6.94
C GLN A 41 -5.71 3.94 6.00
N SER A 42 -5.06 2.92 6.55
CA SER A 42 -4.35 1.97 5.69
C SER A 42 -5.28 1.30 4.70
N ALA A 43 -6.54 1.10 5.04
CA ALA A 43 -7.42 0.49 4.06
C ALA A 43 -7.58 1.43 2.88
N ASN A 44 -7.73 2.72 3.18
CA ASN A 44 -7.87 3.73 2.15
C ASN A 44 -6.64 3.78 1.24
N LEU A 45 -5.45 3.60 1.83
CA LEU A 45 -4.22 3.61 1.06
C LEU A 45 -4.21 2.48 0.05
N LEU A 46 -4.78 1.35 0.44
CA LEU A 46 -4.80 0.18 -0.43
C LEU A 46 -5.50 0.52 -1.74
N ALA A 47 -6.58 1.28 -1.65
CA ALA A 47 -7.30 1.66 -2.87
C ALA A 47 -6.47 2.57 -3.78
N GLU A 48 -5.73 3.49 -3.17
CA GLU A 48 -4.92 4.45 -3.94
C GLU A 48 -3.79 3.78 -4.71
N ALA A 49 -3.18 2.74 -4.15
CA ALA A 49 -2.06 2.11 -4.84
C ALA A 49 -2.51 1.47 -6.15
N LYS A 50 -3.65 0.80 -6.14
CA LYS A 50 -4.17 0.20 -7.35
C LYS A 50 -4.44 1.27 -8.40
N LYS A 51 -4.93 2.41 -7.94
CA LYS A 51 -5.28 3.50 -8.83
C LYS A 51 -4.10 4.01 -9.67
N LEU A 52 -2.93 4.16 -9.03
CA LEU A 52 -1.76 4.64 -9.77
C LEU A 52 -1.36 3.64 -10.84
N ASN A 53 -1.50 2.36 -10.52
CA ASN A 53 -1.10 1.30 -11.43
C ASN A 53 -1.79 1.41 -12.80
N ASP A 54 -3.08 1.73 -12.79
CA ASP A 54 -3.81 1.86 -14.04
C ASP A 54 -3.28 3.00 -14.92
N ALA A 55 -2.92 4.11 -14.28
CA ALA A 55 -2.46 5.29 -15.02
C ALA A 55 -1.14 5.11 -15.77
N GLN A 56 -0.17 4.43 -15.17
CA GLN A 56 1.12 4.27 -15.83
C GLN A 56 0.97 3.57 -17.17
N ALA A 57 0.10 2.57 -17.21
CA ALA A 57 -0.16 1.82 -18.43
C ALA A 57 1.14 1.53 -19.19
N PRO A 58 2.02 0.72 -18.64
CA PRO A 58 3.30 0.38 -19.32
C PRO A 58 3.09 -0.21 -20.72
N LYS A 59 1.91 -0.78 -20.93
CA LYS A 59 1.59 -1.38 -22.22
C LYS A 59 1.12 -0.32 -23.21
N ASP A 1 -1.60 1.58 17.64
CA ASP A 1 -1.50 2.57 18.75
C ASP A 1 -0.35 2.19 19.68
N VAL A 2 -0.61 2.26 20.98
CA VAL A 2 0.43 1.92 21.96
C VAL A 2 0.88 0.48 21.79
N ASP A 3 -0.07 -0.41 21.51
CA ASP A 3 0.24 -1.82 21.33
C ASP A 3 1.07 -2.04 20.07
N ASN A 4 2.03 -2.97 20.17
CA ASN A 4 2.90 -3.29 19.04
C ASN A 4 2.26 -4.37 18.15
N LYS A 5 1.01 -4.69 18.43
CA LYS A 5 0.28 -5.71 17.68
C LYS A 5 -0.40 -5.11 16.45
N PHE A 6 -0.52 -5.93 15.41
CA PHE A 6 -1.12 -5.52 14.14
C PHE A 6 -2.12 -6.58 13.69
N ASN A 7 -2.97 -6.21 12.73
CA ASN A 7 -4.00 -7.14 12.22
C ASN A 7 -3.53 -7.79 10.93
N LYS A 8 -3.80 -9.08 10.80
CA LYS A 8 -3.39 -9.83 9.63
C LYS A 8 -3.94 -9.21 8.35
N GLU A 9 -5.17 -8.70 8.40
CA GLU A 9 -5.74 -8.11 7.21
C GLU A 9 -4.92 -6.92 6.74
N GLN A 10 -4.36 -6.18 7.70
CA GLN A 10 -3.52 -5.04 7.35
C GLN A 10 -2.34 -5.51 6.51
N GLN A 11 -1.81 -6.67 6.88
CA GLN A 11 -0.68 -7.25 6.16
C GLN A 11 -1.02 -7.46 4.70
N ASN A 12 -2.27 -7.86 4.44
CA ASN A 12 -2.71 -8.10 3.09
C ASN A 12 -2.48 -6.88 2.22
N ALA A 13 -2.71 -5.70 2.79
CA ALA A 13 -2.52 -4.49 2.02
C ALA A 13 -1.06 -4.33 1.61
N PHE A 14 -0.16 -4.75 2.51
CA PHE A 14 1.26 -4.64 2.22
C PHE A 14 1.62 -5.45 0.97
N TRP A 15 1.10 -6.67 0.89
CA TRP A 15 1.35 -7.54 -0.27
C TRP A 15 0.89 -6.94 -1.59
N GLU A 16 -0.24 -6.24 -1.60
CA GLU A 16 -0.73 -5.68 -2.84
C GLU A 16 0.28 -4.67 -3.39
N ILE A 17 0.92 -3.93 -2.48
CA ILE A 17 1.90 -2.97 -2.92
C ILE A 17 3.02 -3.67 -3.68
N LEU A 18 3.45 -4.81 -3.16
CA LEU A 18 4.50 -5.61 -3.80
C LEU A 18 4.04 -6.10 -5.17
N HIS A 19 2.77 -6.45 -5.25
CA HIS A 19 2.21 -7.03 -6.46
C HIS A 19 2.32 -6.13 -7.70
N LEU A 20 2.03 -4.83 -7.55
CA LEU A 20 2.07 -3.89 -8.70
C LEU A 20 3.22 -4.21 -9.66
N PRO A 21 3.04 -5.03 -10.69
CA PRO A 21 4.18 -5.39 -11.59
C PRO A 21 4.72 -4.18 -12.37
N ASN A 22 3.80 -3.31 -12.79
CA ASN A 22 4.15 -2.11 -13.56
C ASN A 22 5.14 -1.19 -12.82
N LEU A 23 4.99 -1.12 -11.50
CA LEU A 23 5.81 -0.22 -10.68
C LEU A 23 7.04 -0.88 -10.08
N ASN A 24 8.14 -0.11 -10.02
CA ASN A 24 9.38 -0.58 -9.44
C ASN A 24 9.33 -0.43 -7.93
N GLU A 25 10.35 -0.94 -7.23
CA GLU A 25 10.38 -0.90 -5.78
C GLU A 25 10.36 0.53 -5.19
N GLU A 26 10.98 1.51 -5.82
CA GLU A 26 11.01 2.85 -5.22
C GLU A 26 9.60 3.44 -5.06
N GLN A 27 8.73 3.20 -6.03
CA GLN A 27 7.36 3.71 -5.91
C GLN A 27 6.67 3.12 -4.69
N ARG A 28 6.97 1.85 -4.42
CA ARG A 28 6.36 1.18 -3.29
C ARG A 28 6.69 1.92 -2.00
N ASN A 29 7.91 2.46 -1.94
CA ASN A 29 8.31 3.20 -0.77
C ASN A 29 7.38 4.35 -0.48
N GLY A 30 6.91 5.03 -1.52
CA GLY A 30 6.02 6.15 -1.27
C GLY A 30 4.79 5.72 -0.46
N PHE A 31 4.22 4.57 -0.79
CA PHE A 31 3.06 4.08 -0.03
C PHE A 31 3.40 3.78 1.43
N ILE A 32 4.56 3.16 1.66
CA ILE A 32 4.93 2.80 3.02
C ILE A 32 4.99 4.01 3.93
N GLN A 33 5.59 5.10 3.45
CA GLN A 33 5.71 6.29 4.28
C GLN A 33 4.33 6.80 4.69
N SER A 34 3.39 6.73 3.76
CA SER A 34 2.03 7.16 4.08
C SER A 34 1.44 6.32 5.20
N LEU A 35 1.76 5.03 5.18
CA LEU A 35 1.20 4.10 6.16
C LEU A 35 1.53 4.45 7.61
N LYS A 36 2.76 4.87 7.92
CA LYS A 36 3.07 5.20 9.30
C LYS A 36 2.29 6.42 9.77
N ASP A 37 2.12 7.40 8.88
CA ASP A 37 1.41 8.62 9.26
C ASP A 37 -0.03 8.36 9.71
N ASP A 38 -0.73 7.46 9.01
CA ASP A 38 -2.12 7.13 9.35
C ASP A 38 -2.37 5.61 9.33
N PRO A 39 -1.93 4.85 10.29
CA PRO A 39 -2.14 3.37 10.25
C PRO A 39 -3.62 2.98 10.16
N SER A 40 -4.51 3.77 10.79
CA SER A 40 -5.94 3.46 10.74
C SER A 40 -6.49 3.56 9.32
N GLN A 41 -5.88 4.44 8.53
CA GLN A 41 -6.26 4.67 7.14
C GLN A 41 -5.54 3.77 6.17
N SER A 42 -4.87 2.75 6.66
CA SER A 42 -4.13 1.89 5.74
C SER A 42 -5.06 1.30 4.71
N ALA A 43 -6.32 1.10 5.08
CA ALA A 43 -7.27 0.58 4.11
C ALA A 43 -7.47 1.60 2.98
N ASN A 44 -7.58 2.88 3.36
CA ASN A 44 -7.76 3.93 2.36
C ASN A 44 -6.59 3.98 1.39
N LEU A 45 -5.38 3.78 1.93
CA LEU A 45 -4.19 3.80 1.10
C LEU A 45 -4.20 2.68 0.08
N LEU A 46 -4.74 1.54 0.49
CA LEU A 46 -4.79 0.38 -0.37
C LEU A 46 -5.55 0.65 -1.66
N ALA A 47 -6.65 1.40 -1.57
CA ALA A 47 -7.41 1.71 -2.76
C ALA A 47 -6.61 2.58 -3.71
N GLU A 48 -5.85 3.50 -3.13
CA GLU A 48 -5.04 4.43 -3.89
C GLU A 48 -3.97 3.73 -4.73
N ALA A 49 -3.40 2.65 -4.20
CA ALA A 49 -2.34 1.97 -4.92
C ALA A 49 -2.81 1.39 -6.25
N LYS A 50 -4.01 0.84 -6.28
CA LYS A 50 -4.52 0.29 -7.52
C LYS A 50 -4.60 1.37 -8.60
N LYS A 51 -5.05 2.55 -8.19
CA LYS A 51 -5.22 3.67 -9.11
C LYS A 51 -3.91 4.08 -9.80
N LEU A 52 -2.83 4.13 -9.03
CA LEU A 52 -1.54 4.52 -9.58
C LEU A 52 -1.09 3.57 -10.67
N ASN A 53 -1.36 2.29 -10.48
CA ASN A 53 -0.93 1.28 -11.44
C ASN A 53 -1.44 1.56 -12.84
N ASP A 54 -2.68 2.02 -12.94
CA ASP A 54 -3.26 2.32 -14.24
C ASP A 54 -2.45 3.36 -15.01
N ALA A 55 -1.95 4.38 -14.30
CA ALA A 55 -1.18 5.44 -14.96
C ALA A 55 0.13 4.93 -15.54
N GLN A 56 0.80 4.06 -14.81
CA GLN A 56 2.06 3.50 -15.28
C GLN A 56 1.81 2.75 -16.57
N ALA A 57 0.66 2.09 -16.61
CA ALA A 57 0.26 1.29 -17.74
C ALA A 57 1.37 0.29 -18.11
N PRO A 58 1.13 -0.59 -19.05
CA PRO A 58 2.15 -1.60 -19.46
C PRO A 58 3.46 -0.94 -19.88
N LYS A 59 4.57 -1.59 -19.58
CA LYS A 59 5.88 -1.05 -19.94
C LYS A 59 6.14 -1.23 -21.43
N ASP A 1 7.26 2.07 23.30
CA ASP A 1 6.60 3.39 23.06
C ASP A 1 5.17 3.18 22.60
N VAL A 2 5.00 2.29 21.63
CA VAL A 2 3.68 1.97 21.07
C VAL A 2 3.47 0.46 21.00
N ASP A 3 2.25 0.03 21.27
CA ASP A 3 1.91 -1.40 21.25
C ASP A 3 2.27 -2.05 19.92
N ASN A 4 2.10 -1.30 18.84
CA ASN A 4 2.38 -1.79 17.49
C ASN A 4 1.59 -3.06 17.19
N LYS A 5 0.32 -3.07 17.59
CA LYS A 5 -0.54 -4.22 17.34
C LYS A 5 -0.93 -4.23 15.86
N PHE A 6 -0.86 -5.41 15.23
CA PHE A 6 -1.18 -5.53 13.81
C PHE A 6 -2.46 -6.34 13.59
N ASN A 7 -3.23 -5.91 12.59
CA ASN A 7 -4.48 -6.57 12.22
C ASN A 7 -4.21 -7.45 11.01
N LYS A 8 -4.60 -8.70 11.08
CA LYS A 8 -4.33 -9.62 9.99
C LYS A 8 -4.92 -9.10 8.68
N GLU A 9 -6.08 -8.45 8.75
CA GLU A 9 -6.67 -7.91 7.52
C GLU A 9 -5.76 -6.85 6.91
N GLN A 10 -5.10 -6.08 7.78
CA GLN A 10 -4.18 -5.03 7.33
C GLN A 10 -3.05 -5.62 6.50
N GLN A 11 -2.59 -6.80 6.92
CA GLN A 11 -1.48 -7.46 6.25
C GLN A 11 -1.75 -7.65 4.76
N ASN A 12 -2.99 -7.97 4.41
CA ASN A 12 -3.32 -8.17 3.02
C ASN A 12 -2.96 -6.94 2.20
N ALA A 13 -3.18 -5.77 2.79
CA ALA A 13 -2.86 -4.53 2.10
C ALA A 13 -1.37 -4.39 1.85
N PHE A 14 -0.57 -4.83 2.82
CA PHE A 14 0.88 -4.71 2.68
C PHE A 14 1.38 -5.47 1.46
N TRP A 15 0.89 -6.69 1.27
CA TRP A 15 1.28 -7.49 0.12
C TRP A 15 0.92 -6.84 -1.20
N GLU A 16 -0.24 -6.20 -1.27
CA GLU A 16 -0.64 -5.58 -2.52
C GLU A 16 0.33 -4.49 -2.93
N ILE A 17 0.86 -3.76 -1.96
CA ILE A 17 1.84 -2.73 -2.28
C ILE A 17 3.03 -3.35 -2.97
N LEU A 18 3.49 -4.49 -2.44
CA LEU A 18 4.63 -5.19 -3.03
C LEU A 18 4.33 -5.68 -4.45
N HIS A 19 3.09 -6.11 -4.64
CA HIS A 19 2.67 -6.70 -5.91
C HIS A 19 2.79 -5.81 -7.15
N LEU A 20 2.38 -4.54 -7.05
CA LEU A 20 2.40 -3.61 -8.20
C LEU A 20 3.58 -3.88 -9.16
N PRO A 21 3.45 -4.77 -10.13
CA PRO A 21 4.60 -5.09 -11.05
C PRO A 21 4.98 -3.92 -11.97
N ASN A 22 3.95 -3.19 -12.40
CA ASN A 22 4.13 -2.04 -13.30
C ASN A 22 5.03 -0.96 -12.72
N LEU A 23 4.98 -0.79 -11.39
CA LEU A 23 5.75 0.23 -10.71
C LEU A 23 7.10 -0.26 -10.23
N ASN A 24 8.10 0.62 -10.30
CA ASN A 24 9.44 0.28 -9.88
C ASN A 24 9.48 0.29 -8.35
N GLU A 25 10.58 -0.18 -7.79
CA GLU A 25 10.71 -0.23 -6.34
C GLU A 25 10.66 1.15 -5.67
N GLU A 26 11.19 2.20 -6.30
CA GLU A 26 11.18 3.50 -5.62
C GLU A 26 9.75 4.00 -5.35
N GLN A 27 8.84 3.80 -6.30
CA GLN A 27 7.46 4.23 -6.08
C GLN A 27 6.84 3.48 -4.92
N ARG A 28 7.19 2.21 -4.80
CA ARG A 28 6.66 1.36 -3.77
C ARG A 28 6.92 1.94 -2.38
N ASN A 29 8.12 2.48 -2.20
CA ASN A 29 8.48 3.09 -0.93
C ASN A 29 7.56 4.24 -0.56
N GLY A 30 7.15 5.03 -1.55
CA GLY A 30 6.33 6.19 -1.24
C GLY A 30 5.07 5.80 -0.47
N PHE A 31 4.43 4.69 -0.85
CA PHE A 31 3.25 4.25 -0.10
C PHE A 31 3.59 3.89 1.34
N ILE A 32 4.73 3.24 1.53
CA ILE A 32 5.11 2.83 2.88
C ILE A 32 5.22 3.99 3.85
N GLN A 33 5.81 5.10 3.41
CA GLN A 33 5.97 6.21 4.34
C GLN A 33 4.61 6.69 4.83
N SER A 34 3.64 6.73 3.93
CA SER A 34 2.30 7.15 4.33
C SER A 34 1.67 6.16 5.29
N LEU A 35 2.02 4.88 5.13
CA LEU A 35 1.44 3.85 5.98
C LEU A 35 1.78 4.09 7.44
N LYS A 36 3.02 4.48 7.70
CA LYS A 36 3.42 4.75 9.08
C LYS A 36 2.61 5.88 9.71
N ASP A 37 2.39 6.95 8.93
CA ASP A 37 1.66 8.10 9.45
C ASP A 37 0.24 7.77 9.92
N ASP A 38 -0.47 6.95 9.15
CA ASP A 38 -1.85 6.56 9.49
C ASP A 38 -2.08 5.06 9.34
N PRO A 39 -1.62 4.22 10.23
CA PRO A 39 -1.86 2.75 10.04
C PRO A 39 -3.35 2.42 9.95
N SER A 40 -4.18 3.21 10.65
CA SER A 40 -5.63 3.00 10.61
C SER A 40 -6.18 3.15 9.18
N GLN A 41 -5.58 4.09 8.45
CA GLN A 41 -5.97 4.39 7.07
C GLN A 41 -5.30 3.52 6.03
N SER A 42 -4.63 2.46 6.46
CA SER A 42 -3.96 1.62 5.49
C SER A 42 -4.95 1.14 4.44
N ALA A 43 -6.19 0.91 4.84
CA ALA A 43 -7.18 0.48 3.86
C ALA A 43 -7.39 1.56 2.81
N ASN A 44 -7.43 2.83 3.25
CA ASN A 44 -7.61 3.92 2.31
C ASN A 44 -6.46 3.94 1.31
N LEU A 45 -5.26 3.65 1.80
CA LEU A 45 -4.07 3.60 0.96
C LEU A 45 -4.17 2.52 -0.09
N LEU A 46 -4.81 1.41 0.30
CA LEU A 46 -4.93 0.28 -0.60
C LEU A 46 -5.63 0.68 -1.88
N ALA A 47 -6.66 1.50 -1.78
CA ALA A 47 -7.39 1.92 -2.98
C ALA A 47 -6.56 2.82 -3.90
N GLU A 48 -5.81 3.75 -3.32
CA GLU A 48 -5.00 4.67 -4.12
C GLU A 48 -3.88 3.99 -4.89
N ALA A 49 -3.27 2.97 -4.30
CA ALA A 49 -2.15 2.31 -4.99
C ALA A 49 -2.59 1.64 -6.27
N LYS A 50 -3.74 0.98 -6.23
CA LYS A 50 -4.24 0.31 -7.41
C LYS A 50 -4.48 1.30 -8.55
N LYS A 51 -5.01 2.47 -8.20
CA LYS A 51 -5.35 3.48 -9.19
C LYS A 51 -4.14 3.96 -10.00
N LEU A 52 -3.01 4.19 -9.34
CA LEU A 52 -1.82 4.63 -10.06
C LEU A 52 -1.36 3.58 -11.06
N ASN A 53 -1.47 2.32 -10.63
CA ASN A 53 -1.05 1.20 -11.45
C ASN A 53 -1.73 1.16 -12.81
N ASP A 54 -3.01 1.49 -12.85
CA ASP A 54 -3.73 1.43 -14.12
C ASP A 54 -3.08 2.29 -15.19
N ALA A 55 -2.61 3.49 -14.82
CA ALA A 55 -1.98 4.36 -15.82
C ALA A 55 -0.68 3.76 -16.34
N GLN A 56 0.11 3.20 -15.43
CA GLN A 56 1.39 2.60 -15.79
C GLN A 56 1.19 1.43 -16.76
N ALA A 57 0.11 0.69 -16.55
CA ALA A 57 -0.19 -0.48 -17.37
C ALA A 57 -0.52 -0.07 -18.80
N PRO A 58 -0.18 -0.89 -19.79
CA PRO A 58 -0.49 -0.56 -21.22
C PRO A 58 -1.99 -0.35 -21.41
N LYS A 59 -2.77 -0.92 -20.50
CA LYS A 59 -4.22 -0.81 -20.57
C LYS A 59 -4.66 0.59 -20.99
N ASP A 1 6.08 1.30 17.64
CA ASP A 1 4.75 0.82 18.12
C ASP A 1 4.94 -0.03 19.38
N VAL A 2 4.71 0.58 20.54
CA VAL A 2 4.87 -0.13 21.80
C VAL A 2 3.92 -1.32 21.86
N ASP A 3 2.69 -1.14 21.37
CA ASP A 3 1.72 -2.22 21.40
C ASP A 3 2.12 -3.33 20.42
N ASN A 4 1.95 -4.57 20.84
CA ASN A 4 2.28 -5.73 20.02
C ASN A 4 1.11 -6.13 19.13
N LYS A 5 0.04 -5.34 19.13
CA LYS A 5 -1.15 -5.68 18.34
C LYS A 5 -1.09 -5.08 16.93
N PHE A 6 -1.53 -5.89 15.96
CA PHE A 6 -1.58 -5.49 14.56
C PHE A 6 -2.87 -6.02 13.94
N ASN A 7 -3.27 -5.50 12.78
CA ASN A 7 -4.49 -5.98 12.11
C ASN A 7 -4.10 -6.89 10.95
N LYS A 8 -4.66 -8.09 10.93
CA LYS A 8 -4.34 -9.04 9.87
C LYS A 8 -4.66 -8.49 8.50
N GLU A 9 -5.76 -7.75 8.38
CA GLU A 9 -6.13 -7.18 7.10
C GLU A 9 -5.04 -6.24 6.59
N GLN A 10 -4.42 -5.51 7.51
CA GLN A 10 -3.36 -4.58 7.15
C GLN A 10 -2.20 -5.31 6.46
N GLN A 11 -1.88 -6.50 6.95
CA GLN A 11 -0.77 -7.24 6.37
C GLN A 11 -0.96 -7.49 4.88
N ASN A 12 -2.20 -7.80 4.47
CA ASN A 12 -2.46 -8.06 3.05
C ASN A 12 -2.07 -6.85 2.20
N ALA A 13 -2.33 -5.67 2.73
CA ALA A 13 -2.05 -4.45 1.97
C ALA A 13 -0.57 -4.33 1.67
N PHE A 14 0.28 -4.76 2.61
CA PHE A 14 1.70 -4.69 2.37
C PHE A 14 2.04 -5.49 1.12
N TRP A 15 1.46 -6.68 1.03
CA TRP A 15 1.64 -7.53 -0.15
C TRP A 15 1.14 -6.88 -1.41
N GLU A 16 0.03 -6.16 -1.33
CA GLU A 16 -0.53 -5.53 -2.50
C GLU A 16 0.45 -4.57 -3.14
N ILE A 17 1.20 -3.84 -2.31
CA ILE A 17 2.18 -2.91 -2.86
C ILE A 17 3.21 -3.65 -3.68
N LEU A 18 3.66 -4.79 -3.14
CA LEU A 18 4.66 -5.60 -3.83
C LEU A 18 4.15 -6.14 -5.16
N HIS A 19 2.87 -6.48 -5.21
CA HIS A 19 2.30 -7.05 -6.41
C HIS A 19 2.42 -6.14 -7.64
N LEU A 20 2.09 -4.86 -7.46
CA LEU A 20 2.11 -3.87 -8.55
C LEU A 20 3.29 -4.11 -9.51
N PRO A 21 3.15 -4.90 -10.58
CA PRO A 21 4.31 -5.17 -11.48
C PRO A 21 4.78 -3.93 -12.24
N ASN A 22 3.81 -3.09 -12.60
CA ASN A 22 4.08 -1.86 -13.36
C ASN A 22 5.02 -0.91 -12.63
N LEU A 23 4.94 -0.89 -11.30
CA LEU A 23 5.74 0.05 -10.51
C LEU A 23 7.09 -0.52 -10.09
N ASN A 24 8.11 0.34 -10.09
CA ASN A 24 9.44 -0.07 -9.66
C ASN A 24 9.50 -0.03 -8.15
N GLU A 25 10.58 -0.53 -7.56
CA GLU A 25 10.68 -0.58 -6.11
C GLU A 25 10.62 0.78 -5.42
N GLU A 26 11.18 1.84 -6.01
CA GLU A 26 11.15 3.14 -5.32
C GLU A 26 9.73 3.64 -5.06
N GLN A 27 8.83 3.47 -6.02
CA GLN A 27 7.45 3.89 -5.82
C GLN A 27 6.80 3.14 -4.65
N ARG A 28 7.15 1.87 -4.52
CA ARG A 28 6.58 1.08 -3.45
C ARG A 28 6.90 1.69 -2.11
N ASN A 29 8.10 2.23 -1.98
CA ASN A 29 8.50 2.86 -0.73
C ASN A 29 7.55 3.98 -0.34
N GLY A 30 7.10 4.75 -1.33
CA GLY A 30 6.23 5.86 -1.01
C GLY A 30 4.99 5.42 -0.24
N PHE A 31 4.40 4.29 -0.64
CA PHE A 31 3.24 3.79 0.09
C PHE A 31 3.58 3.37 1.51
N ILE A 32 4.74 2.74 1.70
CA ILE A 32 5.12 2.28 3.03
C ILE A 32 5.17 3.43 4.02
N GLN A 33 5.80 4.52 3.63
CA GLN A 33 5.91 5.67 4.51
C GLN A 33 4.55 6.24 4.87
N SER A 34 3.65 6.24 3.88
CA SER A 34 2.29 6.73 4.09
C SER A 34 1.58 5.93 5.17
N LEU A 35 1.85 4.62 5.18
CA LEU A 35 1.19 3.75 6.14
C LEU A 35 1.47 4.20 7.57
N LYS A 36 2.71 4.61 7.83
CA LYS A 36 3.07 5.04 9.17
C LYS A 36 2.25 6.25 9.62
N ASP A 37 2.05 7.20 8.71
CA ASP A 37 1.30 8.41 9.06
C ASP A 37 -0.14 8.15 9.52
N ASP A 38 -0.83 7.23 8.84
CA ASP A 38 -2.23 6.91 9.20
C ASP A 38 -2.48 5.41 9.24
N PRO A 39 -2.04 4.67 10.21
CA PRO A 39 -2.29 3.20 10.21
C PRO A 39 -3.78 2.86 10.18
N SER A 40 -4.62 3.68 10.81
CA SER A 40 -6.07 3.44 10.80
C SER A 40 -6.63 3.47 9.38
N GLN A 41 -6.08 4.38 8.58
CA GLN A 41 -6.50 4.57 7.19
C GLN A 41 -5.75 3.69 6.21
N SER A 42 -5.04 2.69 6.70
CA SER A 42 -4.27 1.86 5.79
C SER A 42 -5.18 1.25 4.74
N ALA A 43 -6.43 1.00 5.11
CA ALA A 43 -7.35 0.45 4.12
C ALA A 43 -7.56 1.45 2.99
N ASN A 44 -7.73 2.73 3.36
CA ASN A 44 -7.93 3.77 2.36
C ASN A 44 -6.75 3.86 1.40
N LEU A 45 -5.55 3.71 1.95
CA LEU A 45 -4.33 3.79 1.14
C LEU A 45 -4.28 2.68 0.12
N LEU A 46 -4.77 1.52 0.52
CA LEU A 46 -4.74 0.36 -0.36
C LEU A 46 -5.50 0.63 -1.65
N ALA A 47 -6.63 1.32 -1.54
CA ALA A 47 -7.41 1.63 -2.74
C ALA A 47 -6.67 2.58 -3.67
N GLU A 48 -5.94 3.54 -3.10
CA GLU A 48 -5.21 4.52 -3.88
C GLU A 48 -4.10 3.91 -4.74
N ALA A 49 -3.45 2.88 -4.23
CA ALA A 49 -2.35 2.29 -4.97
C ALA A 49 -2.79 1.67 -6.29
N LYS A 50 -3.96 1.04 -6.30
CA LYS A 50 -4.44 0.43 -7.52
C LYS A 50 -4.63 1.45 -8.64
N LYS A 51 -5.13 2.64 -8.29
CA LYS A 51 -5.37 3.66 -9.30
C LYS A 51 -4.10 4.09 -10.03
N LEU A 52 -3.00 4.21 -9.29
CA LEU A 52 -1.74 4.62 -9.90
C LEU A 52 -1.30 3.60 -10.95
N ASN A 53 -1.51 2.33 -10.63
CA ASN A 53 -1.11 1.25 -11.52
C ASN A 53 -1.74 1.41 -12.89
N ASP A 54 -3.00 1.81 -12.93
CA ASP A 54 -3.71 1.97 -14.20
C ASP A 54 -3.04 2.97 -15.13
N ALA A 55 -2.53 4.08 -14.59
CA ALA A 55 -1.90 5.09 -15.45
C ALA A 55 -0.62 4.57 -16.10
N GLN A 56 0.20 3.87 -15.32
CA GLN A 56 1.44 3.31 -15.83
C GLN A 56 1.15 2.30 -16.94
N ALA A 57 0.06 1.56 -16.77
CA ALA A 57 -0.37 0.56 -17.73
C ALA A 57 0.75 -0.48 -18.00
N PRO A 58 0.44 -1.76 -18.04
CA PRO A 58 1.48 -2.80 -18.28
C PRO A 58 2.23 -2.57 -19.60
N LYS A 59 3.52 -2.89 -19.60
CA LYS A 59 4.35 -2.70 -20.79
C LYS A 59 5.18 -3.94 -21.08
N ASP A 1 9.46 -9.70 19.35
CA ASP A 1 9.38 -8.28 19.81
C ASP A 1 8.53 -7.48 18.83
N VAL A 2 7.33 -7.99 18.54
CA VAL A 2 6.41 -7.31 17.60
C VAL A 2 5.13 -6.90 18.33
N ASP A 3 4.71 -5.66 18.10
CA ASP A 3 3.50 -5.13 18.72
C ASP A 3 2.25 -5.79 18.17
N ASN A 4 1.27 -6.00 19.05
CA ASN A 4 -0.01 -6.62 18.68
C ASN A 4 -0.99 -5.57 18.15
N LYS A 5 -0.50 -4.35 17.96
CA LYS A 5 -1.33 -3.24 17.49
C LYS A 5 -1.62 -3.33 16.00
N PHE A 6 -1.11 -4.37 15.34
CA PHE A 6 -1.32 -4.54 13.89
C PHE A 6 -2.38 -5.61 13.63
N ASN A 7 -3.28 -5.30 12.68
CA ASN A 7 -4.38 -6.20 12.33
C ASN A 7 -4.06 -6.99 11.07
N LYS A 8 -4.49 -8.25 11.05
CA LYS A 8 -4.23 -9.12 9.91
C LYS A 8 -4.78 -8.55 8.61
N GLU A 9 -5.94 -7.87 8.67
CA GLU A 9 -6.51 -7.32 7.45
C GLU A 9 -5.56 -6.28 6.84
N GLN A 10 -4.89 -5.53 7.69
CA GLN A 10 -3.93 -4.53 7.22
C GLN A 10 -2.83 -5.19 6.41
N GLN A 11 -2.43 -6.38 6.87
CA GLN A 11 -1.35 -7.12 6.21
C GLN A 11 -1.66 -7.36 4.74
N ASN A 12 -2.92 -7.63 4.42
CA ASN A 12 -3.29 -7.89 3.04
C ASN A 12 -2.88 -6.72 2.15
N ALA A 13 -3.04 -5.50 2.66
CA ALA A 13 -2.68 -4.33 1.88
C ALA A 13 -1.18 -4.30 1.58
N PHE A 14 -0.38 -4.75 2.56
CA PHE A 14 1.06 -4.75 2.38
C PHE A 14 1.52 -5.59 1.20
N TRP A 15 0.97 -6.79 1.11
CA TRP A 15 1.38 -7.69 0.05
C TRP A 15 1.14 -7.08 -1.34
N GLU A 16 -0.01 -6.40 -1.47
CA GLU A 16 -0.39 -5.82 -2.75
C GLU A 16 0.59 -4.76 -3.24
N ILE A 17 1.17 -3.99 -2.32
CA ILE A 17 2.10 -2.95 -2.74
C ILE A 17 3.27 -3.56 -3.50
N LEU A 18 3.79 -4.66 -2.98
CA LEU A 18 4.90 -5.34 -3.63
C LEU A 18 4.54 -5.84 -5.02
N HIS A 19 3.31 -6.30 -5.17
CA HIS A 19 2.85 -6.86 -6.44
C HIS A 19 2.95 -5.89 -7.64
N LEU A 20 2.52 -4.64 -7.44
CA LEU A 20 2.53 -3.64 -8.53
C LEU A 20 3.72 -3.82 -9.48
N PRO A 21 3.62 -4.63 -10.54
CA PRO A 21 4.79 -4.86 -11.44
C PRO A 21 5.19 -3.60 -12.23
N ASN A 22 4.18 -2.84 -12.63
CA ASN A 22 4.38 -1.61 -13.41
C ASN A 22 5.25 -0.59 -12.68
N LEU A 23 5.11 -0.55 -11.37
CA LEU A 23 5.83 0.42 -10.54
C LEU A 23 7.15 -0.13 -10.00
N ASN A 24 8.16 0.75 -9.96
CA ASN A 24 9.47 0.35 -9.45
C ASN A 24 9.48 0.43 -7.93
N GLU A 25 10.54 -0.07 -7.31
CA GLU A 25 10.64 -0.10 -5.86
C GLU A 25 10.52 1.29 -5.21
N GLU A 26 11.05 2.35 -5.83
CA GLU A 26 10.98 3.66 -5.18
C GLU A 26 9.52 4.09 -4.92
N GLN A 27 8.62 3.82 -5.86
CA GLN A 27 7.22 4.18 -5.64
C GLN A 27 6.66 3.45 -4.44
N ARG A 28 7.08 2.20 -4.25
CA ARG A 28 6.58 1.41 -3.15
C ARG A 28 6.88 2.10 -1.83
N ASN A 29 8.05 2.72 -1.74
CA ASN A 29 8.41 3.42 -0.52
C ASN A 29 7.39 4.48 -0.19
N GLY A 30 6.86 5.15 -1.22
CA GLY A 30 5.89 6.18 -0.95
C GLY A 30 4.70 5.62 -0.18
N PHE A 31 4.20 4.45 -0.59
CA PHE A 31 3.08 3.85 0.13
C PHE A 31 3.47 3.35 1.52
N ILE A 32 4.59 2.63 1.62
CA ILE A 32 5.00 2.09 2.91
C ILE A 32 5.28 3.17 3.93
N GLN A 33 6.04 4.19 3.54
CA GLN A 33 6.34 5.25 4.50
C GLN A 33 5.07 5.94 4.95
N SER A 34 4.16 6.13 4.01
CA SER A 34 2.87 6.75 4.31
C SER A 34 2.10 5.93 5.31
N LEU A 35 2.20 4.61 5.18
CA LEU A 35 1.48 3.71 6.07
C LEU A 35 1.84 3.94 7.52
N LYS A 36 3.11 4.17 7.79
CA LYS A 36 3.54 4.39 9.15
C LYS A 36 2.86 5.63 9.75
N ASP A 37 2.77 6.69 8.95
CA ASP A 37 2.16 7.93 9.45
C ASP A 37 0.69 7.77 9.83
N ASP A 38 -0.08 7.01 9.04
CA ASP A 38 -1.51 6.80 9.32
C ASP A 38 -1.92 5.34 9.17
N PRO A 39 -1.58 4.46 10.06
CA PRO A 39 -1.99 3.04 9.90
C PRO A 39 -3.52 2.88 9.81
N SER A 40 -4.25 3.78 10.47
CA SER A 40 -5.71 3.75 10.44
C SER A 40 -6.25 3.91 9.02
N GLN A 41 -5.56 4.73 8.25
CA GLN A 41 -5.95 5.03 6.86
C GLN A 41 -5.42 3.98 5.88
N SER A 42 -4.84 2.91 6.39
CA SER A 42 -4.26 1.91 5.50
C SER A 42 -5.27 1.32 4.54
N ALA A 43 -6.54 1.22 4.93
CA ALA A 43 -7.51 0.70 4.00
C ALA A 43 -7.64 1.65 2.81
N ASN A 44 -7.65 2.95 3.12
CA ASN A 44 -7.75 3.97 2.08
C ASN A 44 -6.58 3.91 1.13
N LEU A 45 -5.39 3.63 1.66
CA LEU A 45 -4.19 3.54 0.83
C LEU A 45 -4.31 2.40 -0.17
N LEU A 46 -4.94 1.31 0.26
CA LEU A 46 -5.07 0.15 -0.60
C LEU A 46 -5.82 0.50 -1.88
N ALA A 47 -6.86 1.32 -1.76
CA ALA A 47 -7.61 1.71 -2.95
C ALA A 47 -6.78 2.57 -3.90
N GLU A 48 -6.02 3.50 -3.34
CA GLU A 48 -5.20 4.39 -4.16
C GLU A 48 -4.08 3.69 -4.92
N ALA A 49 -3.47 2.67 -4.30
CA ALA A 49 -2.35 2.00 -4.95
C ALA A 49 -2.71 1.26 -6.24
N LYS A 50 -3.83 0.53 -6.23
CA LYS A 50 -4.23 -0.18 -7.44
C LYS A 50 -4.61 0.79 -8.54
N LYS A 51 -5.30 1.87 -8.17
CA LYS A 51 -5.74 2.86 -9.14
C LYS A 51 -4.59 3.48 -9.90
N LEU A 52 -3.51 3.81 -9.20
CA LEU A 52 -2.35 4.41 -9.85
C LEU A 52 -1.76 3.47 -10.89
N ASN A 53 -1.74 2.18 -10.55
CA ASN A 53 -1.18 1.18 -11.44
C ASN A 53 -1.83 1.17 -12.82
N ASP A 54 -3.15 1.35 -12.87
CA ASP A 54 -3.82 1.31 -14.15
C ASP A 54 -3.26 2.35 -15.12
N ALA A 55 -2.95 3.54 -14.61
CA ALA A 55 -2.39 4.58 -15.47
C ALA A 55 -1.01 4.18 -15.98
N GLN A 56 -0.22 3.57 -15.09
CA GLN A 56 1.12 3.15 -15.44
C GLN A 56 1.12 2.12 -16.57
N ALA A 57 0.12 1.25 -16.57
CA ALA A 57 0.03 0.20 -17.57
C ALA A 57 -0.32 0.78 -18.94
N PRO A 58 0.34 0.39 -20.03
CA PRO A 58 -0.05 0.88 -21.38
C PRO A 58 -1.51 0.55 -21.67
N LYS A 59 -2.00 -0.47 -20.96
CA LYS A 59 -3.38 -0.92 -21.12
C LYS A 59 -4.35 0.22 -20.88
N ASP A 1 -13.05 -2.40 19.87
CA ASP A 1 -11.83 -2.47 19.00
C ASP A 1 -11.24 -1.07 18.85
N VAL A 2 -9.94 -1.02 18.53
CA VAL A 2 -9.23 0.24 18.35
C VAL A 2 -8.44 0.23 17.05
N ASP A 3 -8.36 1.37 16.39
CA ASP A 3 -7.65 1.49 15.12
C ASP A 3 -6.19 1.05 15.25
N ASN A 4 -5.58 1.34 16.39
CA ASN A 4 -4.18 0.99 16.62
C ASN A 4 -4.00 -0.50 16.36
N LYS A 5 -5.05 -1.24 16.65
CA LYS A 5 -5.05 -2.69 16.46
C LYS A 5 -4.92 -3.00 14.97
N PHE A 6 -4.15 -4.03 14.65
CA PHE A 6 -3.93 -4.41 13.25
C PHE A 6 -4.78 -5.62 12.88
N ASN A 7 -5.43 -5.52 11.72
CA ASN A 7 -6.31 -6.57 11.20
C ASN A 7 -5.62 -7.39 10.13
N LYS A 8 -6.02 -8.64 10.03
CA LYS A 8 -5.43 -9.55 9.06
C LYS A 8 -5.57 -8.99 7.66
N GLU A 9 -6.68 -8.31 7.39
CA GLU A 9 -6.89 -7.73 6.07
C GLU A 9 -5.88 -6.62 5.80
N GLN A 10 -5.48 -5.92 6.86
CA GLN A 10 -4.50 -4.85 6.72
C GLN A 10 -3.19 -5.39 6.14
N GLN A 11 -2.83 -6.59 6.59
CA GLN A 11 -1.61 -7.23 6.12
C GLN A 11 -1.65 -7.34 4.60
N ASN A 12 -2.83 -7.64 4.08
CA ASN A 12 -3.01 -7.77 2.65
C ASN A 12 -2.55 -6.50 1.93
N ALA A 13 -2.80 -5.33 2.52
CA ALA A 13 -2.42 -4.10 1.86
C ALA A 13 -0.91 -4.06 1.66
N PHE A 14 -0.16 -4.56 2.64
CA PHE A 14 1.28 -4.58 2.50
C PHE A 14 1.72 -5.39 1.30
N TRP A 15 1.16 -6.58 1.18
CA TRP A 15 1.54 -7.49 0.11
C TRP A 15 1.29 -6.89 -1.27
N GLU A 16 0.16 -6.20 -1.43
CA GLU A 16 -0.21 -5.64 -2.72
C GLU A 16 0.78 -4.60 -3.23
N ILE A 17 1.37 -3.82 -2.34
CA ILE A 17 2.31 -2.80 -2.79
C ILE A 17 3.45 -3.47 -3.54
N LEU A 18 3.94 -4.57 -2.99
CA LEU A 18 5.03 -5.31 -3.62
C LEU A 18 4.61 -5.86 -4.99
N HIS A 19 3.36 -6.28 -5.08
CA HIS A 19 2.83 -6.89 -6.30
C HIS A 19 2.89 -5.98 -7.54
N LEU A 20 2.50 -4.71 -7.38
CA LEU A 20 2.47 -3.76 -8.52
C LEU A 20 3.61 -4.01 -9.51
N PRO A 21 3.45 -4.85 -10.53
CA PRO A 21 4.58 -5.13 -11.48
C PRO A 21 4.96 -3.90 -12.31
N ASN A 22 3.94 -3.12 -12.68
CA ASN A 22 4.12 -1.92 -13.47
C ASN A 22 5.06 -0.90 -12.81
N LEU A 23 5.00 -0.84 -11.48
CA LEU A 23 5.77 0.15 -10.70
C LEU A 23 7.14 -0.35 -10.27
N ASN A 24 8.07 0.59 -10.23
CA ASN A 24 9.44 0.31 -9.81
C ASN A 24 9.50 0.20 -8.29
N GLU A 25 10.65 -0.21 -7.78
CA GLU A 25 10.81 -0.34 -6.34
C GLU A 25 10.67 1.01 -5.61
N GLU A 26 11.10 2.10 -6.25
CA GLU A 26 11.03 3.41 -5.60
C GLU A 26 9.59 3.78 -5.23
N GLN A 27 8.65 3.44 -6.09
CA GLN A 27 7.25 3.75 -5.82
C GLN A 27 6.79 3.05 -4.55
N ARG A 28 7.26 1.84 -4.34
CA ARG A 28 6.85 1.08 -3.17
C ARG A 28 7.19 1.83 -1.91
N ASN A 29 8.35 2.48 -1.90
CA ASN A 29 8.75 3.24 -0.73
C ASN A 29 7.74 4.31 -0.38
N GLY A 30 7.18 4.97 -1.40
CA GLY A 30 6.23 6.04 -1.14
C GLY A 30 5.04 5.57 -0.31
N PHE A 31 4.50 4.40 -0.62
CA PHE A 31 3.38 3.89 0.17
C PHE A 31 3.77 3.60 1.61
N ILE A 32 4.95 3.04 1.81
CA ILE A 32 5.39 2.69 3.15
C ILE A 32 5.43 3.91 4.06
N GLN A 33 5.97 5.01 3.55
CA GLN A 33 6.09 6.22 4.37
C GLN A 33 4.71 6.72 4.78
N SER A 34 3.74 6.63 3.89
CA SER A 34 2.40 7.08 4.22
C SER A 34 1.77 6.20 5.30
N LEU A 35 2.13 4.91 5.29
CA LEU A 35 1.53 3.97 6.24
C LEU A 35 1.80 4.33 7.70
N LYS A 36 3.02 4.74 8.02
CA LYS A 36 3.31 5.09 9.41
C LYS A 36 2.58 6.36 9.84
N ASP A 37 2.48 7.33 8.93
CA ASP A 37 1.82 8.59 9.27
C ASP A 37 0.37 8.40 9.69
N ASP A 38 -0.35 7.52 9.00
CA ASP A 38 -1.76 7.25 9.31
C ASP A 38 -2.08 5.75 9.32
N PRO A 39 -1.70 4.99 10.32
CA PRO A 39 -2.01 3.53 10.30
C PRO A 39 -3.51 3.24 10.20
N SER A 40 -4.34 4.14 10.75
CA SER A 40 -5.79 3.96 10.69
C SER A 40 -6.30 3.92 9.24
N GLN A 41 -5.67 4.72 8.39
CA GLN A 41 -6.03 4.84 6.97
C GLN A 41 -5.35 3.82 6.09
N SER A 42 -4.69 2.82 6.67
CA SER A 42 -4.01 1.85 5.84
C SER A 42 -5.00 1.18 4.90
N ALA A 43 -6.24 1.08 5.33
CA ALA A 43 -7.24 0.50 4.43
C ALA A 43 -7.39 1.40 3.20
N ASN A 44 -7.43 2.71 3.44
CA ASN A 44 -7.55 3.67 2.35
C ASN A 44 -6.39 3.54 1.38
N LEU A 45 -5.20 3.30 1.94
CA LEU A 45 -4.00 3.17 1.14
C LEU A 45 -4.12 1.99 0.19
N LEU A 46 -4.76 0.93 0.67
CA LEU A 46 -4.90 -0.26 -0.14
C LEU A 46 -5.63 0.08 -1.45
N ALA A 47 -6.65 0.91 -1.34
CA ALA A 47 -7.39 1.32 -2.53
C ALA A 47 -6.57 2.19 -3.48
N GLU A 48 -5.78 3.10 -2.90
CA GLU A 48 -4.99 4.04 -3.70
C GLU A 48 -3.91 3.38 -4.54
N ALA A 49 -3.28 2.32 -4.03
CA ALA A 49 -2.20 1.70 -4.79
C ALA A 49 -2.68 1.08 -6.10
N LYS A 50 -3.80 0.37 -6.05
CA LYS A 50 -4.32 -0.25 -7.26
C LYS A 50 -4.66 0.77 -8.33
N LYS A 51 -5.28 1.88 -7.91
CA LYS A 51 -5.71 2.92 -8.85
C LYS A 51 -4.55 3.53 -9.62
N LEU A 52 -3.44 3.82 -8.94
CA LEU A 52 -2.29 4.43 -9.60
C LEU A 52 -1.76 3.53 -10.71
N ASN A 53 -1.76 2.23 -10.44
CA ASN A 53 -1.22 1.27 -11.39
C ASN A 53 -1.87 1.31 -12.76
N ASP A 54 -3.17 1.48 -12.82
CA ASP A 54 -3.83 1.51 -14.13
C ASP A 54 -3.31 2.64 -15.00
N ALA A 55 -3.09 3.81 -14.40
CA ALA A 55 -2.63 4.97 -15.18
C ALA A 55 -1.21 4.85 -15.73
N GLN A 56 -0.26 4.39 -14.90
CA GLN A 56 1.12 4.31 -15.36
C GLN A 56 1.28 3.37 -16.56
N ALA A 57 0.58 2.24 -16.49
CA ALA A 57 0.61 1.22 -17.54
C ALA A 57 -0.79 0.75 -17.87
N PRO A 58 -1.61 1.48 -18.59
CA PRO A 58 -2.98 0.98 -18.87
C PRO A 58 -2.93 -0.39 -19.54
N LYS A 59 -3.84 -1.27 -19.14
CA LYS A 59 -3.90 -2.61 -19.71
C LYS A 59 -4.51 -2.59 -21.11
N ASP A 1 -3.90 9.84 19.74
CA ASP A 1 -2.92 8.74 19.57
C ASP A 1 -3.56 7.56 18.86
N VAL A 2 -2.74 6.57 18.50
CA VAL A 2 -3.22 5.38 17.79
C VAL A 2 -2.67 4.12 18.45
N ASP A 3 -3.50 3.08 18.50
CA ASP A 3 -3.10 1.81 19.11
C ASP A 3 -2.01 1.14 18.28
N ASN A 4 -1.06 0.50 18.98
CA ASN A 4 0.04 -0.18 18.31
C ASN A 4 -0.37 -1.59 17.89
N LYS A 5 -1.64 -1.92 18.10
CA LYS A 5 -2.15 -3.24 17.75
C LYS A 5 -2.28 -3.37 16.23
N PHE A 6 -1.84 -4.52 15.70
CA PHE A 6 -1.89 -4.76 14.26
C PHE A 6 -2.95 -5.81 13.93
N ASN A 7 -3.69 -5.57 12.84
CA ASN A 7 -4.74 -6.48 12.39
C ASN A 7 -4.21 -7.32 11.24
N LYS A 8 -4.36 -8.64 11.36
CA LYS A 8 -3.86 -9.53 10.33
C LYS A 8 -4.49 -9.19 8.98
N GLU A 9 -5.75 -8.76 8.98
CA GLU A 9 -6.41 -8.40 7.74
C GLU A 9 -5.68 -7.21 7.09
N GLN A 10 -5.16 -6.31 7.93
CA GLN A 10 -4.43 -5.15 7.43
C GLN A 10 -3.23 -5.58 6.60
N GLN A 11 -2.61 -6.66 7.02
CA GLN A 11 -1.43 -7.17 6.34
C GLN A 11 -1.71 -7.42 4.86
N ASN A 12 -2.92 -7.88 4.55
CA ASN A 12 -3.25 -8.16 3.16
C ASN A 12 -3.05 -6.91 2.31
N ALA A 13 -3.39 -5.75 2.86
CA ALA A 13 -3.22 -4.52 2.12
C ALA A 13 -1.76 -4.26 1.81
N PHE A 14 -0.91 -4.57 2.79
CA PHE A 14 0.53 -4.37 2.63
C PHE A 14 1.11 -5.20 1.49
N TRP A 15 0.74 -6.45 1.45
CA TRP A 15 1.29 -7.35 0.45
C TRP A 15 1.03 -6.86 -0.98
N GLU A 16 -0.17 -6.33 -1.19
CA GLU A 16 -0.55 -5.85 -2.52
C GLU A 16 0.35 -4.72 -2.96
N ILE A 17 0.79 -3.90 -2.02
CA ILE A 17 1.67 -2.79 -2.36
C ILE A 17 2.92 -3.35 -3.03
N LEU A 18 3.42 -4.46 -2.51
CA LEU A 18 4.61 -5.09 -3.07
C LEU A 18 4.36 -5.54 -4.52
N HIS A 19 3.13 -6.01 -4.76
CA HIS A 19 2.73 -6.58 -6.05
C HIS A 19 2.85 -5.66 -7.27
N LEU A 20 2.43 -4.39 -7.16
CA LEU A 20 2.43 -3.47 -8.33
C LEU A 20 3.58 -3.76 -9.31
N PRO A 21 3.40 -4.67 -10.26
CA PRO A 21 4.51 -5.01 -11.21
C PRO A 21 4.85 -3.86 -12.15
N ASN A 22 3.81 -3.12 -12.55
CA ASN A 22 3.96 -2.00 -13.46
C ASN A 22 4.91 -0.93 -12.93
N LEU A 23 4.90 -0.75 -11.61
CA LEU A 23 5.70 0.29 -10.96
C LEU A 23 7.04 -0.24 -10.44
N ASN A 24 8.07 0.60 -10.52
CA ASN A 24 9.40 0.23 -10.03
C ASN A 24 9.42 0.33 -8.51
N GLU A 25 10.53 -0.11 -7.91
CA GLU A 25 10.65 -0.13 -6.45
C GLU A 25 10.54 1.25 -5.79
N GLU A 26 11.02 2.32 -6.42
CA GLU A 26 10.96 3.62 -5.73
C GLU A 26 9.52 4.07 -5.45
N GLN A 27 8.60 3.80 -6.39
CA GLN A 27 7.21 4.15 -6.16
C GLN A 27 6.66 3.42 -4.96
N ARG A 28 7.09 2.17 -4.82
CA ARG A 28 6.61 1.34 -3.73
C ARG A 28 6.87 1.99 -2.38
N ASN A 29 8.05 2.58 -2.23
CA ASN A 29 8.37 3.27 -0.98
C ASN A 29 7.43 4.40 -0.64
N GLY A 30 6.95 5.13 -1.65
CA GLY A 30 6.07 6.23 -1.32
C GLY A 30 4.86 5.74 -0.52
N PHE A 31 4.29 4.62 -0.93
CA PHE A 31 3.17 4.05 -0.18
C PHE A 31 3.56 3.55 1.20
N ILE A 32 4.71 2.88 1.31
CA ILE A 32 5.12 2.34 2.60
C ILE A 32 5.28 3.43 3.65
N GLN A 33 5.94 4.52 3.29
CA GLN A 33 6.12 5.60 4.25
C GLN A 33 4.77 6.17 4.69
N SER A 34 3.85 6.24 3.72
CA SER A 34 2.51 6.75 3.99
C SER A 34 1.80 5.91 5.04
N LEU A 35 2.04 4.60 4.99
CA LEU A 35 1.40 3.69 5.93
C LEU A 35 1.72 4.08 7.37
N LYS A 36 2.97 4.46 7.60
CA LYS A 36 3.37 4.85 8.94
C LYS A 36 2.57 6.04 9.46
N ASP A 37 2.34 7.02 8.58
CA ASP A 37 1.63 8.23 9.01
C ASP A 37 0.21 7.96 9.53
N ASP A 38 -0.52 7.07 8.87
CA ASP A 38 -1.89 6.74 9.29
C ASP A 38 -2.15 5.23 9.22
N PRO A 39 -1.66 4.43 10.12
CA PRO A 39 -1.91 2.96 10.02
C PRO A 39 -3.41 2.62 10.02
N SER A 40 -4.23 3.42 10.71
CA SER A 40 -5.67 3.18 10.74
C SER A 40 -6.29 3.26 9.34
N GLN A 41 -5.78 4.19 8.55
CA GLN A 41 -6.25 4.43 7.18
C GLN A 41 -5.56 3.58 6.14
N SER A 42 -4.83 2.57 6.56
CA SER A 42 -4.11 1.76 5.60
C SER A 42 -5.07 1.17 4.58
N ALA A 43 -6.31 0.92 4.97
CA ALA A 43 -7.26 0.40 4.01
C ALA A 43 -7.49 1.43 2.91
N ASN A 44 -7.60 2.70 3.31
CA ASN A 44 -7.80 3.77 2.35
C ASN A 44 -6.64 3.85 1.37
N LEU A 45 -5.43 3.63 1.90
CA LEU A 45 -4.23 3.68 1.08
C LEU A 45 -4.23 2.59 0.03
N LEU A 46 -4.78 1.44 0.41
CA LEU A 46 -4.81 0.30 -0.49
C LEU A 46 -5.55 0.62 -1.78
N ALA A 47 -6.65 1.36 -1.69
CA ALA A 47 -7.39 1.71 -2.89
C ALA A 47 -6.59 2.63 -3.83
N GLU A 48 -5.87 3.60 -3.24
CA GLU A 48 -5.09 4.55 -4.03
C GLU A 48 -3.95 3.91 -4.80
N ALA A 49 -3.32 2.89 -4.22
CA ALA A 49 -2.18 2.26 -4.88
C ALA A 49 -2.56 1.62 -6.20
N LYS A 50 -3.71 0.97 -6.24
CA LYS A 50 -4.14 0.34 -7.47
C LYS A 50 -4.29 1.35 -8.60
N LYS A 51 -4.82 2.52 -8.26
CA LYS A 51 -5.06 3.56 -9.26
C LYS A 51 -3.79 4.01 -9.97
N LEU A 52 -2.70 4.24 -9.24
CA LEU A 52 -1.46 4.68 -9.87
C LEU A 52 -0.93 3.59 -10.81
N ASN A 53 -1.07 2.34 -10.38
CA ASN A 53 -0.58 1.21 -11.15
C ASN A 53 -1.17 1.19 -12.54
N ASP A 54 -2.45 1.51 -12.65
CA ASP A 54 -3.13 1.51 -13.93
C ASP A 54 -2.50 2.48 -14.92
N ALA A 55 -2.09 3.65 -14.45
CA ALA A 55 -1.54 4.66 -15.36
C ALA A 55 -0.21 4.26 -16.00
N GLN A 56 0.72 3.67 -15.24
CA GLN A 56 2.00 3.31 -15.82
C GLN A 56 1.85 2.29 -16.96
N ALA A 57 0.97 1.32 -16.76
CA ALA A 57 0.70 0.28 -17.76
C ALA A 57 -0.81 0.08 -17.91
N PRO A 58 -1.50 0.92 -18.64
CA PRO A 58 -2.97 0.76 -18.76
C PRO A 58 -3.35 -0.65 -19.22
N LYS A 59 -4.41 -1.17 -18.60
CA LYS A 59 -4.90 -2.52 -18.92
C LYS A 59 -6.11 -2.44 -19.84
N ASP A 1 5.10 7.98 14.85
CA ASP A 1 5.92 6.77 14.54
C ASP A 1 4.99 5.64 14.08
N VAL A 2 5.06 4.50 14.78
CA VAL A 2 4.22 3.34 14.45
C VAL A 2 3.54 2.81 15.71
N ASP A 3 2.30 2.35 15.57
CA ASP A 3 1.56 1.82 16.71
C ASP A 3 2.09 0.44 17.11
N ASN A 4 2.20 0.23 18.42
CA ASN A 4 2.71 -1.03 18.94
C ASN A 4 1.87 -2.20 18.42
N LYS A 5 0.56 -1.99 18.27
CA LYS A 5 -0.34 -3.03 17.80
C LYS A 5 -0.54 -2.95 16.28
N PHE A 6 -0.62 -4.11 15.64
CA PHE A 6 -0.83 -4.18 14.19
C PHE A 6 -2.11 -4.96 13.88
N ASN A 7 -2.72 -4.67 12.74
CA ASN A 7 -3.94 -5.37 12.33
C ASN A 7 -3.62 -6.38 11.24
N LYS A 8 -4.15 -7.58 11.38
CA LYS A 8 -3.88 -8.63 10.40
C LYS A 8 -4.30 -8.21 9.01
N GLU A 9 -5.41 -7.48 8.90
CA GLU A 9 -5.87 -7.03 7.60
C GLU A 9 -4.86 -6.10 6.94
N GLN A 10 -4.17 -5.30 7.76
CA GLN A 10 -3.18 -4.37 7.24
C GLN A 10 -2.09 -5.13 6.49
N GLN A 11 -1.72 -6.30 7.01
CA GLN A 11 -0.68 -7.11 6.38
C GLN A 11 -1.04 -7.44 4.94
N ASN A 12 -2.33 -7.72 4.70
CA ASN A 12 -2.77 -8.05 3.36
C ASN A 12 -2.43 -6.93 2.38
N ALA A 13 -2.56 -5.69 2.84
CA ALA A 13 -2.27 -4.55 1.99
C ALA A 13 -0.81 -4.54 1.57
N PHE A 14 0.08 -4.95 2.47
CA PHE A 14 1.49 -4.97 2.15
C PHE A 14 1.82 -5.84 0.95
N TRP A 15 1.27 -7.03 0.94
CA TRP A 15 1.58 -7.96 -0.13
C TRP A 15 1.20 -7.39 -1.49
N GLU A 16 0.04 -6.71 -1.53
CA GLU A 16 -0.45 -6.14 -2.79
C GLU A 16 0.49 -5.09 -3.36
N ILE A 17 1.15 -4.32 -2.49
CA ILE A 17 2.05 -3.29 -2.98
C ILE A 17 3.14 -3.93 -3.84
N LEU A 18 3.65 -5.07 -3.40
CA LEU A 18 4.68 -5.77 -4.15
C LEU A 18 4.16 -6.21 -5.52
N HIS A 19 2.89 -6.58 -5.58
CA HIS A 19 2.30 -7.06 -6.82
C HIS A 19 2.38 -6.06 -7.98
N LEU A 20 2.06 -4.80 -7.71
CA LEU A 20 2.07 -3.74 -8.75
C LEU A 20 3.21 -3.96 -9.77
N PRO A 21 3.02 -4.71 -10.85
CA PRO A 21 4.15 -4.98 -11.80
C PRO A 21 4.65 -3.73 -12.52
N ASN A 22 3.69 -2.88 -12.91
CA ASN A 22 4.00 -1.64 -13.61
C ASN A 22 4.91 -0.71 -12.83
N LEU A 23 4.77 -0.71 -11.50
CA LEU A 23 5.54 0.21 -10.67
C LEU A 23 6.86 -0.40 -10.22
N ASN A 24 7.91 0.43 -10.16
CA ASN A 24 9.22 -0.03 -9.71
C ASN A 24 9.25 -0.06 -8.18
N GLU A 25 10.32 -0.59 -7.62
CA GLU A 25 10.41 -0.70 -6.16
C GLU A 25 10.37 0.66 -5.44
N GLU A 26 10.95 1.71 -6.02
CA GLU A 26 10.97 3.00 -5.32
C GLU A 26 9.55 3.54 -5.05
N GLN A 27 8.63 3.38 -6.01
CA GLN A 27 7.27 3.85 -5.80
C GLN A 27 6.62 3.15 -4.62
N ARG A 28 6.95 1.87 -4.46
CA ARG A 28 6.38 1.11 -3.35
C ARG A 28 6.76 1.75 -2.03
N ASN A 29 7.97 2.28 -1.97
CA ASN A 29 8.43 2.93 -0.76
C ASN A 29 7.51 4.06 -0.34
N GLY A 30 7.01 4.82 -1.31
CA GLY A 30 6.14 5.92 -0.96
C GLY A 30 4.93 5.45 -0.16
N PHE A 31 4.35 4.30 -0.54
CA PHE A 31 3.22 3.78 0.21
C PHE A 31 3.58 3.36 1.63
N ILE A 32 4.75 2.75 1.82
CA ILE A 32 5.11 2.29 3.15
C ILE A 32 5.20 3.45 4.14
N GLN A 33 5.86 4.54 3.75
CA GLN A 33 5.97 5.69 4.64
C GLN A 33 4.62 6.28 4.97
N SER A 34 3.73 6.29 3.98
CA SER A 34 2.40 6.82 4.18
C SER A 34 1.66 6.04 5.25
N LEU A 35 1.89 4.74 5.28
CA LEU A 35 1.20 3.89 6.25
C LEU A 35 1.47 4.34 7.68
N LYS A 36 2.72 4.71 7.98
CA LYS A 36 3.02 5.15 9.33
C LYS A 36 2.23 6.38 9.72
N ASP A 37 2.06 7.32 8.78
CA ASP A 37 1.35 8.55 9.08
C ASP A 37 -0.10 8.31 9.52
N ASP A 38 -0.79 7.39 8.85
CA ASP A 38 -2.19 7.08 9.19
C ASP A 38 -2.45 5.57 9.17
N PRO A 39 -2.02 4.80 10.12
CA PRO A 39 -2.29 3.33 10.07
C PRO A 39 -3.79 3.01 9.99
N SER A 40 -4.61 3.85 10.61
CA SER A 40 -6.07 3.65 10.58
C SER A 40 -6.63 3.69 9.15
N GLN A 41 -6.04 4.56 8.33
CA GLN A 41 -6.47 4.75 6.95
C GLN A 41 -5.80 3.76 6.00
N SER A 42 -5.09 2.78 6.53
CA SER A 42 -4.36 1.85 5.67
C SER A 42 -5.26 1.19 4.64
N ALA A 43 -6.50 0.88 5.00
CA ALA A 43 -7.37 0.27 4.01
C ALA A 43 -7.62 1.24 2.86
N ASN A 44 -7.83 2.51 3.22
CA ASN A 44 -8.06 3.54 2.21
C ASN A 44 -6.87 3.68 1.26
N LEU A 45 -5.65 3.54 1.81
CA LEU A 45 -4.45 3.62 0.99
C LEU A 45 -4.41 2.50 -0.03
N LEU A 46 -4.91 1.34 0.37
CA LEU A 46 -4.88 0.18 -0.50
C LEU A 46 -5.61 0.47 -1.80
N ALA A 47 -6.73 1.18 -1.71
CA ALA A 47 -7.48 1.50 -2.91
C ALA A 47 -6.69 2.43 -3.84
N GLU A 48 -5.98 3.38 -3.24
CA GLU A 48 -5.19 4.35 -4.01
C GLU A 48 -4.06 3.71 -4.79
N ALA A 49 -3.45 2.66 -4.22
CA ALA A 49 -2.31 2.04 -4.88
C ALA A 49 -2.69 1.42 -6.22
N LYS A 50 -3.86 0.78 -6.27
CA LYS A 50 -4.29 0.18 -7.52
C LYS A 50 -4.44 1.24 -8.60
N LYS A 51 -4.99 2.39 -8.20
CA LYS A 51 -5.23 3.48 -9.13
C LYS A 51 -3.94 4.02 -9.77
N LEU A 52 -2.90 4.17 -8.97
CA LEU A 52 -1.63 4.68 -9.50
C LEU A 52 -1.05 3.75 -10.56
N ASN A 53 -1.20 2.45 -10.31
CA ASN A 53 -0.66 1.46 -11.21
C ASN A 53 -1.19 1.64 -12.63
N ASP A 54 -2.48 1.96 -12.71
CA ASP A 54 -3.11 2.16 -14.01
C ASP A 54 -2.48 3.29 -14.82
N ALA A 55 -2.10 4.38 -14.15
CA ALA A 55 -1.55 5.53 -14.87
C ALA A 55 -0.21 5.24 -15.56
N GLN A 56 0.70 4.55 -14.87
CA GLN A 56 1.99 4.26 -15.49
C GLN A 56 1.82 3.41 -16.75
N ALA A 57 0.87 2.49 -16.69
CA ALA A 57 0.62 1.58 -17.81
C ALA A 57 0.08 2.32 -19.04
N PRO A 58 0.40 1.87 -20.24
CA PRO A 58 -0.09 2.51 -21.49
C PRO A 58 -1.62 2.49 -21.53
N LYS A 59 -2.22 1.55 -20.80
CA LYS A 59 -3.68 1.41 -20.76
C LYS A 59 -4.17 1.18 -19.34
N ASP A 1 -2.49 5.62 16.99
CA ASP A 1 -1.40 5.05 16.15
C ASP A 1 -0.27 4.54 17.04
N VAL A 2 -0.27 4.98 18.29
CA VAL A 2 0.77 4.55 19.24
C VAL A 2 0.60 3.09 19.60
N ASP A 3 -0.64 2.62 19.55
CA ASP A 3 -0.93 1.22 19.86
C ASP A 3 -0.35 0.31 18.80
N ASN A 4 0.14 -0.81 19.28
CA ASN A 4 0.74 -1.82 18.44
C ASN A 4 -0.30 -2.80 17.90
N LYS A 5 -1.57 -2.50 18.17
CA LYS A 5 -2.66 -3.35 17.71
C LYS A 5 -2.88 -3.13 16.21
N PHE A 6 -3.04 -4.23 15.47
CA PHE A 6 -3.24 -4.15 14.02
C PHE A 6 -4.37 -5.06 13.56
N ASN A 7 -4.86 -4.82 12.34
CA ASN A 7 -5.94 -5.62 11.77
C ASN A 7 -5.39 -6.62 10.77
N LYS A 8 -5.91 -7.85 10.81
CA LYS A 8 -5.46 -8.88 9.90
C LYS A 8 -5.63 -8.45 8.46
N GLU A 9 -6.73 -7.75 8.17
CA GLU A 9 -6.98 -7.29 6.81
C GLU A 9 -5.88 -6.31 6.38
N GLN A 10 -5.38 -5.53 7.32
CA GLN A 10 -4.34 -4.56 7.00
C GLN A 10 -3.11 -5.26 6.41
N GLN A 11 -2.78 -6.43 6.94
CA GLN A 11 -1.63 -7.17 6.44
C GLN A 11 -1.78 -7.44 4.96
N ASN A 12 -3.00 -7.75 4.55
CA ASN A 12 -3.28 -8.03 3.14
C ASN A 12 -2.87 -6.85 2.27
N ALA A 13 -3.10 -5.64 2.77
CA ALA A 13 -2.77 -4.44 2.02
C ALA A 13 -1.28 -4.38 1.75
N PHE A 14 -0.48 -4.82 2.71
CA PHE A 14 0.96 -4.79 2.53
C PHE A 14 1.41 -5.60 1.33
N TRP A 15 0.88 -6.80 1.21
CA TRP A 15 1.32 -7.66 0.13
C TRP A 15 1.09 -7.03 -1.24
N GLU A 16 -0.05 -6.37 -1.39
CA GLU A 16 -0.38 -5.77 -2.69
C GLU A 16 0.61 -4.68 -3.10
N ILE A 17 1.13 -3.93 -2.15
CA ILE A 17 2.06 -2.87 -2.50
C ILE A 17 3.28 -3.43 -3.22
N LEU A 18 3.80 -4.53 -2.71
CA LEU A 18 4.97 -5.16 -3.32
C LEU A 18 4.67 -5.67 -4.74
N HIS A 19 3.46 -6.18 -4.94
CA HIS A 19 3.09 -6.76 -6.22
C HIS A 19 3.18 -5.79 -7.42
N LEU A 20 2.70 -4.56 -7.24
CA LEU A 20 2.68 -3.55 -8.33
C LEU A 20 3.87 -3.68 -9.30
N PRO A 21 3.80 -4.53 -10.33
CA PRO A 21 4.95 -4.72 -11.27
C PRO A 21 5.23 -3.48 -12.13
N ASN A 22 4.13 -2.80 -12.48
CA ASN A 22 4.18 -1.61 -13.32
C ASN A 22 5.04 -0.48 -12.73
N LEU A 23 5.06 -0.38 -11.41
CA LEU A 23 5.80 0.70 -10.74
C LEU A 23 7.23 0.31 -10.39
N ASN A 24 8.13 1.29 -10.47
CA ASN A 24 9.54 1.07 -10.17
C ASN A 24 9.77 1.00 -8.66
N GLU A 25 10.96 0.59 -8.26
CA GLU A 25 11.27 0.41 -6.84
C GLU A 25 11.13 1.69 -6.00
N GLU A 26 11.50 2.87 -6.54
CA GLU A 26 11.38 4.08 -5.72
C GLU A 26 9.93 4.34 -5.31
N GLN A 27 9.02 4.08 -6.24
CA GLN A 27 7.60 4.25 -5.98
C GLN A 27 7.13 3.37 -4.83
N ARG A 28 7.66 2.16 -4.78
CA ARG A 28 7.25 1.22 -3.75
C ARG A 28 7.52 1.80 -2.37
N ASN A 29 8.64 2.50 -2.25
CA ASN A 29 9.01 3.14 -0.99
C ASN A 29 7.99 4.16 -0.52
N GLY A 30 7.42 4.93 -1.44
CA GLY A 30 6.48 5.96 -1.02
C GLY A 30 5.31 5.42 -0.23
N PHE A 31 4.74 4.30 -0.65
CA PHE A 31 3.64 3.72 0.11
C PHE A 31 4.04 3.25 1.51
N ILE A 32 5.22 2.64 1.65
CA ILE A 32 5.62 2.11 2.95
C ILE A 32 5.68 3.21 4.03
N GLN A 33 6.33 4.32 3.72
CA GLN A 33 6.42 5.40 4.71
C GLN A 33 5.05 5.95 5.06
N SER A 34 4.19 6.05 4.05
CA SER A 34 2.84 6.58 4.25
C SER A 34 2.05 5.73 5.24
N LEU A 35 2.24 4.42 5.19
CA LEU A 35 1.49 3.55 6.07
C LEU A 35 1.73 3.88 7.53
N LYS A 36 2.99 4.18 7.89
CA LYS A 36 3.30 4.51 9.26
C LYS A 36 2.56 5.76 9.74
N ASP A 37 2.45 6.77 8.88
CA ASP A 37 1.81 8.01 9.29
C ASP A 37 0.34 7.84 9.72
N ASP A 38 -0.41 7.02 8.99
CA ASP A 38 -1.83 6.78 9.32
C ASP A 38 -2.20 5.30 9.23
N PRO A 39 -1.83 4.45 10.15
CA PRO A 39 -2.20 3.02 10.02
C PRO A 39 -3.72 2.82 9.92
N SER A 40 -4.49 3.71 10.57
CA SER A 40 -5.95 3.61 10.51
C SER A 40 -6.48 3.73 9.08
N GLN A 41 -5.83 4.59 8.30
CA GLN A 41 -6.19 4.83 6.90
C GLN A 41 -5.52 3.88 5.93
N SER A 42 -4.89 2.84 6.44
CA SER A 42 -4.21 1.92 5.55
C SER A 42 -5.20 1.35 4.55
N ALA A 43 -6.46 1.23 4.95
CA ALA A 43 -7.45 0.73 4.02
C ALA A 43 -7.59 1.71 2.86
N ASN A 44 -7.60 3.01 3.19
CA ASN A 44 -7.71 4.03 2.16
C ASN A 44 -6.55 3.95 1.18
N LEU A 45 -5.36 3.65 1.73
CA LEU A 45 -4.17 3.53 0.91
C LEU A 45 -4.30 2.38 -0.08
N LEU A 46 -4.95 1.32 0.37
CA LEU A 46 -5.10 0.14 -0.47
C LEU A 46 -5.82 0.48 -1.77
N ALA A 47 -6.85 1.31 -1.70
CA ALA A 47 -7.56 1.68 -2.90
C ALA A 47 -6.71 2.52 -3.86
N GLU A 48 -5.96 3.47 -3.31
CA GLU A 48 -5.13 4.34 -4.14
C GLU A 48 -3.98 3.61 -4.82
N ALA A 49 -3.38 2.63 -4.15
CA ALA A 49 -2.26 1.94 -4.77
C ALA A 49 -2.69 1.16 -5.99
N LYS A 50 -3.79 0.43 -5.88
CA LYS A 50 -4.30 -0.33 -7.01
C LYS A 50 -4.67 0.61 -8.15
N LYS A 51 -5.29 1.72 -7.78
CA LYS A 51 -5.74 2.71 -8.75
C LYS A 51 -4.60 3.27 -9.59
N LEU A 52 -3.48 3.58 -8.93
CA LEU A 52 -2.34 4.14 -9.65
C LEU A 52 -1.83 3.16 -10.71
N ASN A 53 -1.85 1.89 -10.35
CA ASN A 53 -1.37 0.85 -11.25
C ASN A 53 -2.09 0.85 -12.58
N ASP A 54 -3.39 1.07 -12.55
CA ASP A 54 -4.17 1.07 -13.77
C ASP A 54 -3.69 2.11 -14.78
N ALA A 55 -3.34 3.30 -14.30
CA ALA A 55 -2.92 4.37 -15.21
C ALA A 55 -1.60 4.07 -15.94
N GLN A 56 -0.60 3.59 -15.20
CA GLN A 56 0.68 3.28 -15.84
C GLN A 56 0.54 2.22 -16.92
N ALA A 57 -0.34 1.24 -16.63
CA ALA A 57 -0.55 0.11 -17.54
C ALA A 57 -2.02 -0.07 -17.89
N PRO A 58 -2.52 0.69 -18.82
CA PRO A 58 -3.94 0.57 -19.25
C PRO A 58 -4.25 -0.88 -19.65
N LYS A 59 -3.17 -1.64 -19.91
CA LYS A 59 -3.28 -3.05 -20.32
C LYS A 59 -4.50 -3.71 -19.68
N ASP A 1 5.30 3.04 14.92
CA ASP A 1 6.46 2.38 14.27
C ASP A 1 7.30 1.68 15.33
N VAL A 2 7.50 2.36 16.45
CA VAL A 2 8.28 1.80 17.55
C VAL A 2 7.64 0.51 18.07
N ASP A 3 6.31 0.50 18.14
CA ASP A 3 5.60 -0.68 18.63
C ASP A 3 5.73 -1.83 17.64
N ASN A 4 5.91 -3.04 18.18
CA ASN A 4 6.05 -4.23 17.35
C ASN A 4 4.69 -4.82 16.99
N LYS A 5 3.61 -4.14 17.36
CA LYS A 5 2.27 -4.65 17.07
C LYS A 5 1.76 -4.15 15.72
N PHE A 6 1.10 -5.05 15.00
CA PHE A 6 0.53 -4.73 13.68
C PHE A 6 -0.83 -5.42 13.53
N ASN A 7 -1.63 -4.99 12.56
CA ASN A 7 -2.96 -5.59 12.34
C ASN A 7 -2.88 -6.60 11.20
N LYS A 8 -3.48 -7.77 11.42
CA LYS A 8 -3.42 -8.82 10.41
C LYS A 8 -4.03 -8.35 9.09
N GLU A 9 -5.10 -7.56 9.16
CA GLU A 9 -5.72 -7.07 7.93
C GLU A 9 -4.74 -6.22 7.14
N GLN A 10 -3.92 -5.47 7.86
CA GLN A 10 -2.93 -4.60 7.23
C GLN A 10 -1.96 -5.40 6.36
N GLN A 11 -1.58 -6.58 6.84
CA GLN A 11 -0.63 -7.40 6.12
C GLN A 11 -1.09 -7.73 4.70
N ASN A 12 -2.37 -8.01 4.52
CA ASN A 12 -2.87 -8.32 3.18
C ASN A 12 -2.56 -7.17 2.24
N ALA A 13 -2.72 -5.97 2.77
CA ALA A 13 -2.48 -4.77 1.99
C ALA A 13 -1.02 -4.66 1.56
N PHE A 14 -0.12 -5.10 2.43
CA PHE A 14 1.31 -5.01 2.15
C PHE A 14 1.68 -5.80 0.90
N TRP A 15 1.16 -7.03 0.78
CA TRP A 15 1.44 -7.85 -0.40
C TRP A 15 0.98 -7.23 -1.71
N GLU A 16 -0.18 -6.57 -1.71
CA GLU A 16 -0.65 -5.99 -2.95
C GLU A 16 0.29 -4.92 -3.47
N ILE A 17 0.90 -4.16 -2.56
CA ILE A 17 1.84 -3.14 -2.99
C ILE A 17 2.99 -3.78 -3.75
N LEU A 18 3.48 -4.91 -3.24
CA LEU A 18 4.57 -5.62 -3.88
C LEU A 18 4.16 -6.10 -5.27
N HIS A 19 2.91 -6.50 -5.38
CA HIS A 19 2.39 -7.05 -6.62
C HIS A 19 2.50 -6.11 -7.83
N LEU A 20 2.15 -4.83 -7.65
CA LEU A 20 2.18 -3.85 -8.76
C LEU A 20 3.34 -4.12 -9.72
N PRO A 21 3.19 -4.94 -10.75
CA PRO A 21 4.34 -5.26 -11.66
C PRO A 21 4.83 -4.05 -12.46
N ASN A 22 3.87 -3.20 -12.86
CA ASN A 22 4.17 -2.02 -13.65
C ASN A 22 5.14 -1.05 -12.95
N LEU A 23 5.03 -0.97 -11.62
CA LEU A 23 5.84 -0.04 -10.84
C LEU A 23 7.11 -0.66 -10.25
N ASN A 24 8.14 0.18 -10.18
CA ASN A 24 9.42 -0.21 -9.62
C ASN A 24 9.35 -0.24 -8.11
N GLU A 25 10.41 -0.75 -7.49
CA GLU A 25 10.46 -0.82 -6.03
C GLU A 25 10.37 0.57 -5.38
N GLU A 26 10.93 1.60 -6.01
CA GLU A 26 10.92 2.93 -5.39
C GLU A 26 9.49 3.44 -5.14
N GLN A 27 8.58 3.15 -6.06
CA GLN A 27 7.20 3.58 -5.89
C GLN A 27 6.61 2.95 -4.64
N ARG A 28 6.98 1.71 -4.36
CA ARG A 28 6.45 1.02 -3.21
C ARG A 28 6.78 1.77 -1.94
N ASN A 29 7.98 2.35 -1.90
CA ASN A 29 8.40 3.11 -0.74
C ASN A 29 7.45 4.24 -0.43
N GLY A 30 6.95 4.92 -1.45
CA GLY A 30 6.06 6.04 -1.19
C GLY A 30 4.84 5.61 -0.38
N PHE A 31 4.28 4.45 -0.72
CA PHE A 31 3.13 3.95 0.03
C PHE A 31 3.46 3.60 1.48
N ILE A 32 4.62 2.98 1.71
CA ILE A 32 4.98 2.59 3.06
C ILE A 32 5.05 3.79 4.01
N GLN A 33 5.63 4.88 3.55
CA GLN A 33 5.75 6.05 4.40
C GLN A 33 4.38 6.55 4.82
N SER A 34 3.43 6.50 3.90
CA SER A 34 2.08 6.93 4.22
C SER A 34 1.45 6.02 5.27
N LEU A 35 1.85 4.74 5.25
CA LEU A 35 1.24 3.77 6.17
C LEU A 35 1.45 4.14 7.65
N LYS A 36 2.64 4.59 8.03
CA LYS A 36 2.85 4.95 9.42
C LYS A 36 2.07 6.19 9.83
N ASP A 37 1.95 7.16 8.91
CA ASP A 37 1.25 8.40 9.25
C ASP A 37 -0.20 8.18 9.70
N ASP A 38 -0.92 7.29 9.02
CA ASP A 38 -2.33 6.99 9.38
C ASP A 38 -2.62 5.48 9.35
N PRO A 39 -2.19 4.70 10.30
CA PRO A 39 -2.46 3.22 10.24
C PRO A 39 -3.96 2.87 10.18
N SER A 40 -4.80 3.68 10.84
CA SER A 40 -6.24 3.41 10.81
C SER A 40 -6.78 3.45 9.39
N GLN A 41 -6.26 4.40 8.62
CA GLN A 41 -6.65 4.60 7.22
C GLN A 41 -5.82 3.77 6.26
N SER A 42 -5.05 2.84 6.76
CA SER A 42 -4.20 2.06 5.87
C SER A 42 -5.05 1.38 4.81
N ALA A 43 -6.28 1.04 5.14
CA ALA A 43 -7.14 0.44 4.15
C ALA A 43 -7.42 1.43 3.02
N ASN A 44 -7.67 2.69 3.39
CA ASN A 44 -7.94 3.73 2.40
C ASN A 44 -6.76 3.92 1.45
N LEU A 45 -5.55 3.86 2.02
CA LEU A 45 -4.34 4.03 1.22
C LEU A 45 -4.21 2.94 0.17
N LEU A 46 -4.62 1.74 0.56
CA LEU A 46 -4.52 0.59 -0.31
C LEU A 46 -5.31 0.80 -1.60
N ALA A 47 -6.48 1.40 -1.50
CA ALA A 47 -7.30 1.64 -2.68
C ALA A 47 -6.61 2.59 -3.67
N GLU A 48 -5.90 3.59 -3.13
CA GLU A 48 -5.22 4.57 -3.95
C GLU A 48 -4.11 3.96 -4.80
N ALA A 49 -3.44 2.95 -4.26
CA ALA A 49 -2.32 2.36 -4.99
C ALA A 49 -2.74 1.70 -6.30
N LYS A 50 -3.90 1.06 -6.32
CA LYS A 50 -4.34 0.41 -7.55
C LYS A 50 -4.50 1.44 -8.67
N LYS A 51 -5.05 2.60 -8.34
CA LYS A 51 -5.28 3.64 -9.35
C LYS A 51 -3.98 4.11 -10.01
N LEU A 52 -2.91 4.23 -9.22
CA LEU A 52 -1.64 4.69 -9.76
C LEU A 52 -1.13 3.74 -10.82
N ASN A 53 -1.34 2.45 -10.59
CA ASN A 53 -0.85 1.43 -11.50
C ASN A 53 -1.36 1.61 -12.93
N ASP A 54 -2.62 1.97 -13.09
CA ASP A 54 -3.16 2.14 -14.43
C ASP A 54 -2.42 3.20 -15.23
N ALA A 55 -2.06 4.31 -14.57
CA ALA A 55 -1.40 5.41 -15.27
C ALA A 55 0.01 5.11 -15.79
N GLN A 56 0.85 4.44 -14.99
CA GLN A 56 2.22 4.17 -15.45
C GLN A 56 2.25 3.30 -16.70
N ALA A 57 1.36 2.31 -16.73
CA ALA A 57 1.27 1.39 -17.86
C ALA A 57 -0.20 1.13 -18.21
N PRO A 58 -0.87 2.02 -18.87
CA PRO A 58 -2.30 1.77 -19.19
C PRO A 58 -2.48 0.43 -19.91
N LYS A 59 -3.53 -0.29 -19.53
CA LYS A 59 -3.81 -1.59 -20.14
C LYS A 59 -4.61 -1.41 -21.43
N ASP A 1 -0.57 0.81 18.70
CA ASP A 1 0.06 0.94 20.04
C ASP A 1 1.56 0.68 19.92
N VAL A 2 2.23 0.52 21.06
CA VAL A 2 3.66 0.27 21.07
C VAL A 2 3.99 -0.98 20.26
N ASP A 3 3.08 -1.96 20.31
CA ASP A 3 3.27 -3.21 19.59
C ASP A 3 3.22 -2.98 18.09
N ASN A 4 4.07 -3.72 17.42
CA ASN A 4 4.20 -3.69 15.98
C ASN A 4 3.21 -4.64 15.32
N LYS A 5 2.33 -5.21 16.12
CA LYS A 5 1.33 -6.15 15.63
C LYS A 5 0.28 -5.41 14.80
N PHE A 6 -0.08 -6.01 13.66
CA PHE A 6 -1.07 -5.42 12.76
C PHE A 6 -2.25 -6.37 12.66
N ASN A 7 -3.45 -5.86 12.33
CA ASN A 7 -4.61 -6.74 12.24
C ASN A 7 -4.55 -7.55 10.95
N LYS A 8 -5.39 -8.58 10.86
CA LYS A 8 -5.37 -9.44 9.69
C LYS A 8 -5.74 -8.71 8.40
N GLU A 9 -6.71 -7.80 8.43
CA GLU A 9 -7.08 -7.11 7.19
C GLU A 9 -5.95 -6.24 6.64
N GLN A 10 -5.22 -5.60 7.54
CA GLN A 10 -4.11 -4.74 7.12
C GLN A 10 -3.02 -5.51 6.38
N GLN A 11 -2.75 -6.73 6.83
CA GLN A 11 -1.69 -7.52 6.21
C GLN A 11 -1.92 -7.70 4.71
N ASN A 12 -3.18 -7.90 4.33
CA ASN A 12 -3.48 -8.06 2.91
C ASN A 12 -3.03 -6.86 2.11
N ALA A 13 -3.22 -5.68 2.68
CA ALA A 13 -2.83 -4.46 2.00
C ALA A 13 -1.35 -4.37 1.78
N PHE A 14 -0.56 -4.85 2.75
CA PHE A 14 0.89 -4.77 2.64
C PHE A 14 1.40 -5.51 1.39
N TRP A 15 0.89 -6.71 1.16
CA TRP A 15 1.32 -7.47 -0.02
C TRP A 15 1.00 -6.78 -1.34
N GLU A 16 -0.15 -6.12 -1.42
CA GLU A 16 -0.52 -5.48 -2.68
C GLU A 16 0.46 -4.37 -3.05
N ILE A 17 0.96 -3.65 -2.06
CA ILE A 17 1.91 -2.59 -2.35
C ILE A 17 3.14 -3.19 -3.03
N LEU A 18 3.59 -4.32 -2.50
CA LEU A 18 4.75 -5.01 -3.06
C LEU A 18 4.49 -5.47 -4.49
N HIS A 19 3.26 -5.90 -4.73
CA HIS A 19 2.86 -6.48 -6.01
C HIS A 19 3.01 -5.59 -7.25
N LEU A 20 2.60 -4.32 -7.17
CA LEU A 20 2.62 -3.41 -8.34
C LEU A 20 3.80 -3.69 -9.30
N PRO A 21 3.66 -4.62 -10.23
CA PRO A 21 4.80 -4.97 -11.13
C PRO A 21 5.18 -3.84 -12.10
N ASN A 22 4.15 -3.11 -12.56
CA ASN A 22 4.35 -2.02 -13.51
C ASN A 22 5.29 -0.93 -12.98
N LEU A 23 5.21 -0.64 -11.69
CA LEU A 23 6.05 0.41 -11.07
C LEU A 23 7.34 -0.12 -10.46
N ASN A 24 8.38 0.71 -10.56
CA ASN A 24 9.69 0.35 -10.03
C ASN A 24 9.69 0.41 -8.51
N GLU A 25 10.79 -0.05 -7.91
CA GLU A 25 10.90 -0.10 -6.45
C GLU A 25 10.81 1.26 -5.76
N GLU A 26 11.32 2.34 -6.37
CA GLU A 26 11.25 3.62 -5.67
C GLU A 26 9.81 4.06 -5.44
N GLN A 27 8.94 3.79 -6.41
CA GLN A 27 7.53 4.14 -6.27
C GLN A 27 6.94 3.44 -5.05
N ARG A 28 7.34 2.18 -4.89
CA ARG A 28 6.84 1.36 -3.79
C ARG A 28 7.11 2.02 -2.45
N ASN A 29 8.28 2.62 -2.31
CA ASN A 29 8.65 3.28 -1.07
C ASN A 29 7.68 4.38 -0.68
N GLY A 30 7.18 5.13 -1.67
CA GLY A 30 6.30 6.24 -1.33
C GLY A 30 5.07 5.81 -0.53
N PHE A 31 4.45 4.69 -0.91
CA PHE A 31 3.30 4.21 -0.13
C PHE A 31 3.65 3.80 1.29
N ILE A 32 4.80 3.15 1.47
CA ILE A 32 5.18 2.68 2.80
C ILE A 32 5.28 3.83 3.79
N GLN A 33 5.90 4.92 3.39
CA GLN A 33 6.07 6.02 4.31
C GLN A 33 4.71 6.53 4.78
N SER A 34 3.76 6.58 3.85
CA SER A 34 2.42 7.00 4.17
C SER A 34 1.78 6.06 5.19
N LEU A 35 2.07 4.77 5.04
CA LEU A 35 1.49 3.77 5.93
C LEU A 35 1.86 4.03 7.39
N LYS A 36 3.10 4.40 7.62
CA LYS A 36 3.52 4.66 8.99
C LYS A 36 2.73 5.80 9.62
N ASP A 37 2.49 6.86 8.85
CA ASP A 37 1.78 8.02 9.38
C ASP A 37 0.36 7.71 9.88
N ASP A 38 -0.38 6.87 9.15
CA ASP A 38 -1.76 6.52 9.54
C ASP A 38 -2.01 5.02 9.40
N PRO A 39 -1.53 4.17 10.25
CA PRO A 39 -1.79 2.71 10.07
C PRO A 39 -3.30 2.38 10.06
N SER A 40 -4.09 3.15 10.80
CA SER A 40 -5.54 2.93 10.82
C SER A 40 -6.17 3.08 9.43
N GLN A 41 -5.64 4.04 8.68
CA GLN A 41 -6.12 4.34 7.32
C GLN A 41 -5.42 3.51 6.25
N SER A 42 -4.69 2.49 6.65
CA SER A 42 -3.98 1.71 5.66
C SER A 42 -4.96 1.15 4.64
N ALA A 43 -6.19 0.89 5.06
CA ALA A 43 -7.16 0.39 4.11
C ALA A 43 -7.43 1.46 3.04
N ASN A 44 -7.55 2.70 3.48
CA ASN A 44 -7.79 3.80 2.55
C ASN A 44 -6.66 3.92 1.54
N LEU A 45 -5.44 3.71 2.01
CA LEU A 45 -4.26 3.79 1.15
C LEU A 45 -4.30 2.72 0.08
N LEU A 46 -4.80 1.55 0.46
CA LEU A 46 -4.84 0.43 -0.45
C LEU A 46 -5.65 0.73 -1.70
N ALA A 47 -6.76 1.45 -1.54
CA ALA A 47 -7.57 1.76 -2.72
C ALA A 47 -6.86 2.68 -3.71
N GLU A 48 -6.18 3.71 -3.19
CA GLU A 48 -5.48 4.65 -4.06
C GLU A 48 -4.32 4.01 -4.82
N ALA A 49 -3.62 3.10 -4.17
CA ALA A 49 -2.46 2.48 -4.80
C ALA A 49 -2.80 1.64 -6.01
N LYS A 50 -3.89 0.87 -5.93
CA LYS A 50 -4.26 0.01 -7.03
C LYS A 50 -4.53 0.81 -8.31
N LYS A 51 -5.24 1.93 -8.18
CA LYS A 51 -5.56 2.75 -9.34
C LYS A 51 -4.33 3.28 -10.07
N LEU A 52 -3.32 3.71 -9.31
CA LEU A 52 -2.13 4.26 -9.94
C LEU A 52 -1.42 3.25 -10.82
N ASN A 53 -1.36 1.99 -10.36
CA ASN A 53 -0.67 0.97 -11.12
C ASN A 53 -1.28 0.85 -12.51
N ASP A 54 -2.60 0.94 -12.55
CA ASP A 54 -3.33 0.84 -13.82
C ASP A 54 -2.95 1.94 -14.80
N ALA A 55 -2.73 3.16 -14.31
CA ALA A 55 -2.43 4.27 -15.20
C ALA A 55 -1.12 4.10 -15.96
N GLN A 56 -0.06 3.66 -15.28
CA GLN A 56 1.20 3.47 -15.99
C GLN A 56 1.02 2.43 -17.09
N ALA A 57 0.21 1.41 -16.77
CA ALA A 57 -0.07 0.31 -17.69
C ALA A 57 -1.59 0.14 -17.86
N PRO A 58 -2.20 0.94 -18.69
CA PRO A 58 -3.67 0.87 -18.92
C PRO A 58 -4.11 -0.53 -19.32
N LYS A 59 -3.14 -1.35 -19.77
CA LYS A 59 -3.40 -2.73 -20.20
C LYS A 59 -4.63 -3.32 -19.53
N ASP A 1 -11.07 1.04 18.84
CA ASP A 1 -10.02 1.19 19.89
C ASP A 1 -8.64 1.09 19.26
N VAL A 2 -8.61 0.71 17.98
CA VAL A 2 -7.34 0.57 17.25
C VAL A 2 -6.26 -0.02 18.16
N ASP A 3 -6.17 -1.34 18.14
CA ASP A 3 -5.20 -2.06 18.98
C ASP A 3 -3.76 -1.80 18.55
N ASN A 4 -2.87 -1.75 19.54
CA ASN A 4 -1.45 -1.56 19.30
C ASN A 4 -0.98 -2.62 18.33
N LYS A 5 -1.62 -3.78 18.42
CA LYS A 5 -1.30 -4.91 17.57
C LYS A 5 -1.80 -4.65 16.15
N PHE A 6 -1.26 -5.40 15.20
CA PHE A 6 -1.60 -5.21 13.78
C PHE A 6 -2.65 -6.23 13.35
N ASN A 7 -3.61 -5.76 12.57
CA ASN A 7 -4.71 -6.59 12.11
C ASN A 7 -4.33 -7.31 10.82
N LYS A 8 -4.84 -8.52 10.66
CA LYS A 8 -4.51 -9.32 9.50
C LYS A 8 -4.87 -8.62 8.20
N GLU A 9 -5.98 -7.92 8.16
CA GLU A 9 -6.35 -7.23 6.94
C GLU A 9 -5.27 -6.21 6.57
N GLN A 10 -4.70 -5.56 7.57
CA GLN A 10 -3.65 -4.58 7.32
C GLN A 10 -2.46 -5.23 6.61
N GLN A 11 -2.14 -6.46 7.03
CA GLN A 11 -1.02 -7.18 6.45
C GLN A 11 -1.21 -7.35 4.95
N ASN A 12 -2.45 -7.63 4.55
CA ASN A 12 -2.75 -7.83 3.15
C ASN A 12 -2.35 -6.62 2.32
N ALA A 13 -2.56 -5.42 2.88
CA ALA A 13 -2.22 -4.20 2.17
C ALA A 13 -0.73 -4.10 1.90
N PHE A 14 0.07 -4.58 2.85
CA PHE A 14 1.52 -4.53 2.66
C PHE A 14 1.91 -5.27 1.39
N TRP A 15 1.33 -6.45 1.22
CA TRP A 15 1.58 -7.26 0.02
C TRP A 15 1.18 -6.54 -1.26
N GLU A 16 0.08 -5.78 -1.21
CA GLU A 16 -0.39 -5.10 -2.41
C GLU A 16 0.64 -4.11 -2.92
N ILE A 17 1.35 -3.45 -2.01
CA ILE A 17 2.37 -2.50 -2.46
C ILE A 17 3.40 -3.25 -3.29
N LEU A 18 3.80 -4.42 -2.78
CA LEU A 18 4.78 -5.26 -3.45
C LEU A 18 4.29 -5.77 -4.80
N HIS A 19 2.99 -6.07 -4.87
CA HIS A 19 2.41 -6.63 -6.07
C HIS A 19 2.55 -5.77 -7.32
N LEU A 20 2.26 -4.47 -7.21
CA LEU A 20 2.31 -3.55 -8.37
C LEU A 20 3.47 -3.86 -9.33
N PRO A 21 3.31 -4.72 -10.34
CA PRO A 21 4.45 -5.03 -11.25
C PRO A 21 4.89 -3.83 -12.09
N ASN A 22 3.89 -3.03 -12.48
CA ASN A 22 4.10 -1.85 -13.31
C ASN A 22 5.03 -0.81 -12.68
N LEU A 23 4.98 -0.66 -11.36
CA LEU A 23 5.78 0.36 -10.66
C LEU A 23 7.12 -0.17 -10.18
N ASN A 24 8.12 0.71 -10.23
CA ASN A 24 9.48 0.38 -9.80
C ASN A 24 9.54 0.33 -8.27
N GLU A 25 10.67 -0.13 -7.75
CA GLU A 25 10.82 -0.28 -6.31
C GLU A 25 10.72 1.04 -5.54
N GLU A 26 11.21 2.14 -6.10
CA GLU A 26 11.15 3.41 -5.35
C GLU A 26 9.71 3.81 -5.04
N GLN A 27 8.80 3.58 -5.99
CA GLN A 27 7.40 3.92 -5.77
C GLN A 27 6.84 3.18 -4.57
N ARG A 28 7.23 1.93 -4.46
CA ARG A 28 6.76 1.09 -3.38
C ARG A 28 7.13 1.67 -2.03
N ASN A 29 8.33 2.23 -1.96
CA ASN A 29 8.79 2.81 -0.71
C ASN A 29 7.84 3.89 -0.22
N GLY A 30 7.32 4.70 -1.15
CA GLY A 30 6.44 5.79 -0.75
C GLY A 30 5.22 5.29 0.03
N PHE A 31 4.60 4.19 -0.43
CA PHE A 31 3.47 3.66 0.31
C PHE A 31 3.86 3.19 1.71
N ILE A 32 5.03 2.54 1.83
CA ILE A 32 5.43 2.02 3.13
C ILE A 32 5.52 3.14 4.17
N GLN A 33 6.22 4.23 3.82
CA GLN A 33 6.34 5.34 4.76
C GLN A 33 4.98 5.96 5.06
N SER A 34 4.16 6.06 4.02
CA SER A 34 2.82 6.64 4.17
C SER A 34 1.98 5.84 5.14
N LEU A 35 2.14 4.52 5.08
CA LEU A 35 1.37 3.64 5.94
C LEU A 35 1.64 3.94 7.40
N LYS A 36 2.89 4.21 7.74
CA LYS A 36 3.23 4.50 9.12
C LYS A 36 2.50 5.74 9.64
N ASP A 37 2.44 6.78 8.79
CA ASP A 37 1.79 8.02 9.21
C ASP A 37 0.32 7.86 9.57
N ASP A 38 -0.42 7.07 8.79
CA ASP A 38 -1.87 6.87 9.04
C ASP A 38 -2.27 5.39 8.94
N PRO A 39 -1.94 4.55 9.87
CA PRO A 39 -2.35 3.12 9.76
C PRO A 39 -3.87 2.96 9.65
N SER A 40 -4.61 3.89 10.26
CA SER A 40 -6.08 3.84 10.21
C SER A 40 -6.58 3.91 8.78
N GLN A 41 -5.91 4.71 7.96
CA GLN A 41 -6.27 4.89 6.56
C GLN A 41 -5.62 3.87 5.64
N SER A 42 -4.99 2.86 6.21
CA SER A 42 -4.33 1.86 5.37
C SER A 42 -5.34 1.29 4.39
N ALA A 43 -6.59 1.14 4.82
CA ALA A 43 -7.58 0.63 3.90
C ALA A 43 -7.75 1.59 2.73
N ASN A 44 -7.77 2.89 3.03
CA ASN A 44 -7.91 3.88 1.97
C ASN A 44 -6.75 3.79 0.98
N LEU A 45 -5.55 3.55 1.52
CA LEU A 45 -4.36 3.44 0.70
C LEU A 45 -4.42 2.26 -0.25
N LEU A 46 -5.01 1.16 0.22
CA LEU A 46 -5.08 -0.02 -0.61
C LEU A 46 -5.82 0.27 -1.90
N ALA A 47 -6.89 1.05 -1.80
CA ALA A 47 -7.62 1.43 -3.00
C ALA A 47 -6.78 2.33 -3.88
N GLU A 48 -6.06 3.23 -3.21
CA GLU A 48 -5.23 4.20 -3.89
C GLU A 48 -4.11 3.55 -4.69
N ALA A 49 -3.54 2.47 -4.17
CA ALA A 49 -2.45 1.82 -4.89
C ALA A 49 -2.93 1.25 -6.21
N LYS A 50 -4.11 0.64 -6.21
CA LYS A 50 -4.63 0.06 -7.44
C LYS A 50 -4.84 1.11 -8.52
N LYS A 51 -5.34 2.28 -8.14
CA LYS A 51 -5.58 3.33 -9.13
C LYS A 51 -4.31 3.77 -9.84
N LEU A 52 -3.21 3.87 -9.09
CA LEU A 52 -1.96 4.30 -9.70
C LEU A 52 -1.54 3.32 -10.79
N ASN A 53 -1.72 2.03 -10.54
CA ASN A 53 -1.32 1.03 -11.50
C ASN A 53 -1.99 1.21 -12.85
N ASP A 54 -3.29 1.51 -12.83
CA ASP A 54 -4.02 1.70 -14.08
C ASP A 54 -3.52 2.87 -14.92
N ALA A 55 -3.23 4.01 -14.27
CA ALA A 55 -2.78 5.18 -15.01
C ALA A 55 -1.38 5.04 -15.59
N GLN A 56 -0.44 4.61 -14.74
CA GLN A 56 0.94 4.46 -15.17
C GLN A 56 1.04 3.45 -16.31
N ALA A 57 0.26 2.40 -16.19
CA ALA A 57 0.25 1.30 -17.15
C ALA A 57 -1.16 0.99 -17.65
N PRO A 58 -1.66 1.73 -18.58
CA PRO A 58 -3.02 1.49 -19.13
C PRO A 58 -3.12 0.05 -19.62
N LYS A 59 -1.96 -0.54 -19.90
CA LYS A 59 -1.88 -1.94 -20.34
C LYS A 59 -2.94 -2.80 -19.65
N ASP A 1 -7.48 3.57 20.51
CA ASP A 1 -8.64 3.94 19.64
C ASP A 1 -8.32 3.56 18.19
N VAL A 2 -7.85 2.32 17.99
CA VAL A 2 -7.50 1.83 16.65
C VAL A 2 -8.39 0.66 16.27
N ASP A 3 -8.90 0.66 15.04
CA ASP A 3 -9.77 -0.41 14.58
C ASP A 3 -8.92 -1.60 14.10
N ASN A 4 -9.04 -2.70 14.82
CA ASN A 4 -8.28 -3.91 14.51
C ASN A 4 -8.97 -4.87 13.54
N LYS A 5 -10.12 -4.52 13.00
CA LYS A 5 -10.78 -5.45 12.08
C LYS A 5 -9.91 -5.81 10.86
N PHE A 6 -9.14 -4.85 10.35
CA PHE A 6 -8.31 -5.13 9.17
C PHE A 6 -7.27 -6.24 9.42
N ASN A 7 -6.64 -6.25 10.61
CA ASN A 7 -5.64 -7.26 10.99
C ASN A 7 -5.08 -8.07 9.82
N LYS A 8 -5.54 -9.30 9.66
CA LYS A 8 -5.00 -10.11 8.58
C LYS A 8 -5.22 -9.40 7.25
N GLU A 9 -6.39 -8.78 7.08
CA GLU A 9 -6.63 -8.03 5.86
C GLU A 9 -5.61 -6.89 5.77
N GLN A 10 -5.29 -6.28 6.93
CA GLN A 10 -4.32 -5.18 6.94
C GLN A 10 -2.98 -5.69 6.42
N GLN A 11 -2.66 -6.90 6.84
CA GLN A 11 -1.40 -7.53 6.44
C GLN A 11 -1.31 -7.65 4.92
N ASN A 12 -2.42 -7.99 4.29
CA ASN A 12 -2.44 -8.15 2.84
C ASN A 12 -2.08 -6.85 2.14
N ALA A 13 -2.47 -5.72 2.75
CA ALA A 13 -2.20 -4.44 2.12
C ALA A 13 -0.71 -4.23 1.97
N PHE A 14 0.07 -4.68 2.95
CA PHE A 14 1.51 -4.53 2.81
C PHE A 14 1.97 -5.28 1.56
N TRP A 15 1.45 -6.51 1.40
CA TRP A 15 1.76 -7.32 0.22
C TRP A 15 1.34 -6.69 -1.10
N GLU A 16 0.20 -6.01 -1.14
CA GLU A 16 -0.26 -5.44 -2.39
C GLU A 16 0.72 -4.41 -2.93
N ILE A 17 1.35 -3.65 -2.04
CA ILE A 17 2.31 -2.66 -2.51
C ILE A 17 3.43 -3.38 -3.27
N LEU A 18 3.88 -4.50 -2.71
CA LEU A 18 4.93 -5.29 -3.33
C LEU A 18 4.51 -5.85 -4.69
N HIS A 19 3.23 -6.24 -4.79
CA HIS A 19 2.73 -6.86 -6.01
C HIS A 19 2.82 -5.98 -7.26
N LEU A 20 2.43 -4.72 -7.14
CA LEU A 20 2.41 -3.78 -8.30
C LEU A 20 3.57 -4.02 -9.28
N PRO A 21 3.43 -4.90 -10.28
CA PRO A 21 4.55 -5.18 -11.23
C PRO A 21 4.91 -3.97 -12.10
N ASN A 22 3.86 -3.23 -12.47
CA ASN A 22 3.99 -2.05 -13.31
C ASN A 22 4.92 -1.00 -12.72
N LEU A 23 4.91 -0.89 -11.39
CA LEU A 23 5.69 0.14 -10.70
C LEU A 23 7.06 -0.37 -10.28
N ASN A 24 8.06 0.51 -10.36
CA ASN A 24 9.41 0.15 -9.94
C ASN A 24 9.48 0.17 -8.42
N GLU A 25 10.58 -0.29 -7.86
CA GLU A 25 10.69 -0.36 -6.41
C GLU A 25 10.61 1.00 -5.70
N GLU A 26 11.13 2.08 -6.29
CA GLU A 26 11.09 3.37 -5.59
C GLU A 26 9.67 3.86 -5.31
N GLN A 27 8.75 3.66 -6.27
CA GLN A 27 7.37 4.08 -6.04
C GLN A 27 6.76 3.31 -4.88
N ARG A 28 7.12 2.03 -4.77
CA ARG A 28 6.58 1.20 -3.71
C ARG A 28 6.93 1.78 -2.35
N ASN A 29 8.13 2.33 -2.24
CA ASN A 29 8.55 2.92 -0.98
C ASN A 29 7.61 4.02 -0.54
N GLY A 30 7.12 4.81 -1.49
CA GLY A 30 6.25 5.91 -1.10
C GLY A 30 5.04 5.43 -0.30
N PHE A 31 4.46 4.30 -0.70
CA PHE A 31 3.33 3.77 0.05
C PHE A 31 3.72 3.36 1.47
N ILE A 32 4.89 2.74 1.63
CA ILE A 32 5.30 2.29 2.95
C ILE A 32 5.38 3.45 3.94
N GLN A 33 6.03 4.52 3.52
CA GLN A 33 6.18 5.68 4.38
C GLN A 33 4.84 6.30 4.76
N SER A 34 3.93 6.33 3.79
CA SER A 34 2.60 6.89 4.01
C SER A 34 1.85 6.12 5.08
N LEU A 35 2.02 4.80 5.09
CA LEU A 35 1.32 3.97 6.05
C LEU A 35 1.66 4.36 7.48
N LYS A 36 2.91 4.68 7.74
CA LYS A 36 3.30 5.07 9.09
C LYS A 36 2.57 6.34 9.53
N ASP A 37 2.42 7.30 8.61
CA ASP A 37 1.76 8.56 8.95
C ASP A 37 0.31 8.39 9.44
N ASP A 38 -0.44 7.51 8.77
CA ASP A 38 -1.85 7.27 9.12
C ASP A 38 -2.19 5.78 9.16
N PRO A 39 -1.78 5.02 10.15
CA PRO A 39 -2.10 3.55 10.16
C PRO A 39 -3.61 3.26 10.14
N SER A 40 -4.41 4.13 10.75
CA SER A 40 -5.87 3.92 10.76
C SER A 40 -6.45 4.01 9.34
N GLN A 41 -5.79 4.82 8.52
CA GLN A 41 -6.19 5.05 7.13
C GLN A 41 -5.61 4.02 6.18
N SER A 42 -4.98 2.98 6.71
CA SER A 42 -4.34 2.01 5.82
C SER A 42 -5.32 1.39 4.85
N ALA A 43 -6.59 1.24 5.24
CA ALA A 43 -7.53 0.68 4.29
C ALA A 43 -7.71 1.62 3.11
N ASN A 44 -7.82 2.92 3.41
CA ASN A 44 -7.97 3.93 2.36
C ASN A 44 -6.78 3.93 1.39
N LEU A 45 -5.58 3.74 1.95
CA LEU A 45 -4.38 3.71 1.13
C LEU A 45 -4.41 2.55 0.16
N LEU A 46 -4.96 1.44 0.62
CA LEU A 46 -5.00 0.24 -0.21
C LEU A 46 -5.73 0.50 -1.51
N ALA A 47 -6.82 1.27 -1.46
CA ALA A 47 -7.54 1.58 -2.69
C ALA A 47 -6.71 2.45 -3.64
N GLU A 48 -5.97 3.40 -3.06
CA GLU A 48 -5.16 4.32 -3.86
C GLU A 48 -4.04 3.62 -4.62
N ALA A 49 -3.44 2.59 -4.03
CA ALA A 49 -2.33 1.93 -4.71
C ALA A 49 -2.75 1.29 -6.02
N LYS A 50 -3.91 0.63 -6.01
CA LYS A 50 -4.38 0.01 -7.25
C LYS A 50 -4.60 1.05 -8.34
N LYS A 51 -5.11 2.21 -7.93
CA LYS A 51 -5.42 3.28 -8.88
C LYS A 51 -4.17 3.76 -9.63
N LEU A 52 -3.06 3.92 -8.91
CA LEU A 52 -1.84 4.40 -9.55
C LEU A 52 -1.38 3.42 -10.62
N ASN A 53 -1.55 2.13 -10.32
CA ASN A 53 -1.13 1.08 -11.24
C ASN A 53 -1.78 1.24 -12.62
N ASP A 54 -3.06 1.61 -12.61
CA ASP A 54 -3.80 1.77 -13.87
C ASP A 54 -3.21 2.84 -14.80
N ALA A 55 -2.76 3.97 -14.24
CA ALA A 55 -2.24 5.03 -15.11
C ALA A 55 -0.95 4.63 -15.82
N GLN A 56 -0.02 4.04 -15.07
CA GLN A 56 1.22 3.58 -15.65
C GLN A 56 0.95 2.51 -16.70
N ALA A 57 -0.06 1.70 -16.39
CA ALA A 57 -0.46 0.58 -17.24
C ALA A 57 -1.95 0.65 -17.58
N PRO A 58 -2.32 1.39 -18.58
CA PRO A 58 -3.75 1.49 -18.97
C PRO A 58 -4.31 0.08 -19.17
N LYS A 59 -3.39 -0.86 -19.36
CA LYS A 59 -3.74 -2.28 -19.53
C LYS A 59 -4.94 -2.66 -18.66
N ASP A 1 -4.02 -15.70 21.22
CA ASP A 1 -2.83 -16.47 20.71
C ASP A 1 -1.97 -15.54 19.87
N VAL A 2 -2.56 -14.45 19.38
CA VAL A 2 -1.84 -13.48 18.55
C VAL A 2 -2.09 -12.06 19.06
N ASP A 3 -1.06 -11.23 18.99
CA ASP A 3 -1.17 -9.84 19.46
C ASP A 3 -2.11 -9.05 18.56
N ASN A 4 -2.87 -8.21 19.23
CA ASN A 4 -3.85 -7.35 18.59
C ASN A 4 -3.25 -6.01 18.15
N LYS A 5 -1.94 -5.87 18.29
CA LYS A 5 -1.28 -4.62 17.90
C LYS A 5 -1.54 -4.31 16.44
N PHE A 6 -1.60 -5.36 15.62
CA PHE A 6 -1.84 -5.24 14.18
C PHE A 6 -3.12 -5.98 13.79
N ASN A 7 -3.73 -5.56 12.68
CA ASN A 7 -4.95 -6.19 12.19
C ASN A 7 -4.61 -7.13 11.05
N LYS A 8 -5.22 -8.31 11.05
CA LYS A 8 -4.94 -9.31 10.03
C LYS A 8 -5.21 -8.76 8.63
N GLU A 9 -6.25 -7.95 8.49
CA GLU A 9 -6.56 -7.41 7.18
C GLU A 9 -5.47 -6.44 6.71
N GLN A 10 -4.86 -5.73 7.65
CA GLN A 10 -3.80 -4.80 7.30
C GLN A 10 -2.66 -5.52 6.59
N GLN A 11 -2.36 -6.73 7.05
CA GLN A 11 -1.28 -7.50 6.45
C GLN A 11 -1.53 -7.71 4.96
N ASN A 12 -2.79 -7.95 4.63
CA ASN A 12 -3.17 -8.16 3.23
C ASN A 12 -2.75 -6.98 2.38
N ALA A 13 -2.89 -5.78 2.93
CA ALA A 13 -2.54 -4.59 2.18
C ALA A 13 -1.07 -4.55 1.84
N PHE A 14 -0.22 -5.01 2.76
CA PHE A 14 1.21 -4.99 2.50
C PHE A 14 1.60 -5.79 1.28
N TRP A 15 1.07 -6.99 1.17
CA TRP A 15 1.46 -7.84 0.06
C TRP A 15 1.15 -7.19 -1.28
N GLU A 16 -0.02 -6.55 -1.35
CA GLU A 16 -0.46 -5.93 -2.61
C GLU A 16 0.47 -4.81 -3.08
N ILE A 17 1.03 -4.04 -2.15
CA ILE A 17 1.89 -2.94 -2.56
C ILE A 17 3.06 -3.44 -3.38
N LEU A 18 3.69 -4.52 -2.92
CA LEU A 18 4.82 -5.10 -3.63
C LEU A 18 4.43 -5.63 -5.01
N HIS A 19 3.23 -6.18 -5.11
CA HIS A 19 2.77 -6.79 -6.37
C HIS A 19 2.76 -5.85 -7.56
N LEU A 20 2.26 -4.62 -7.37
CA LEU A 20 2.15 -3.62 -8.45
C LEU A 20 3.32 -3.74 -9.46
N PRO A 21 3.23 -4.59 -10.47
CA PRO A 21 4.37 -4.83 -11.42
C PRO A 21 4.75 -3.63 -12.30
N ASN A 22 3.74 -2.89 -12.74
CA ASN A 22 3.97 -1.73 -13.60
C ASN A 22 4.87 -0.68 -12.96
N LEU A 23 4.75 -0.56 -11.64
CA LEU A 23 5.49 0.44 -10.89
C LEU A 23 6.82 -0.10 -10.37
N ASN A 24 7.84 0.76 -10.38
CA ASN A 24 9.18 0.37 -9.93
C ASN A 24 9.27 0.35 -8.41
N GLU A 25 10.35 -0.24 -7.92
CA GLU A 25 10.56 -0.37 -6.47
C GLU A 25 10.59 0.98 -5.74
N GLU A 26 11.15 2.03 -6.34
CA GLU A 26 11.21 3.30 -5.63
C GLU A 26 9.80 3.78 -5.27
N GLN A 27 8.86 3.58 -6.19
CA GLN A 27 7.49 3.95 -5.94
C GLN A 27 6.93 3.22 -4.74
N ARG A 28 7.34 1.97 -4.58
CA ARG A 28 6.84 1.15 -3.49
C ARG A 28 7.16 1.81 -2.16
N ASN A 29 8.33 2.41 -2.07
CA ASN A 29 8.73 3.09 -0.86
C ASN A 29 7.76 4.20 -0.49
N GLY A 30 7.26 4.92 -1.49
CA GLY A 30 6.37 6.04 -1.18
C GLY A 30 5.16 5.60 -0.36
N PHE A 31 4.55 4.46 -0.71
CA PHE A 31 3.44 3.97 0.08
C PHE A 31 3.84 3.58 1.50
N ILE A 32 5.02 2.97 1.65
CA ILE A 32 5.43 2.52 2.97
C ILE A 32 5.48 3.67 3.96
N GLN A 33 6.09 4.78 3.56
CA GLN A 33 6.21 5.92 4.45
C GLN A 33 4.84 6.46 4.83
N SER A 34 3.93 6.46 3.85
CA SER A 34 2.58 6.93 4.07
C SER A 34 1.85 6.12 5.12
N LEU A 35 2.09 4.81 5.11
CA LEU A 35 1.43 3.94 6.05
C LEU A 35 1.73 4.33 7.50
N LYS A 36 2.97 4.70 7.75
CA LYS A 36 3.35 5.09 9.10
C LYS A 36 2.56 6.31 9.58
N ASP A 37 2.38 7.28 8.70
CA ASP A 37 1.66 8.50 9.09
C ASP A 37 0.23 8.26 9.56
N ASP A 38 -0.51 7.38 8.88
CA ASP A 38 -1.89 7.08 9.25
C ASP A 38 -2.20 5.57 9.19
N PRO A 39 -1.74 4.77 10.12
CA PRO A 39 -2.03 3.30 10.03
C PRO A 39 -3.54 2.98 10.02
N SER A 40 -4.34 3.80 10.69
CA SER A 40 -5.80 3.57 10.72
C SER A 40 -6.42 3.61 9.32
N GLN A 41 -5.89 4.49 8.48
CA GLN A 41 -6.38 4.70 7.12
C GLN A 41 -5.73 3.75 6.12
N SER A 42 -4.99 2.76 6.59
CA SER A 42 -4.28 1.88 5.68
C SER A 42 -5.22 1.17 4.71
N ALA A 43 -6.44 0.87 5.11
CA ALA A 43 -7.34 0.23 4.16
C ALA A 43 -7.62 1.18 3.00
N ASN A 44 -7.85 2.45 3.33
CA ASN A 44 -8.10 3.45 2.31
C ASN A 44 -6.94 3.57 1.34
N LEU A 45 -5.72 3.46 1.87
CA LEU A 45 -4.52 3.53 1.03
C LEU A 45 -4.49 2.41 0.03
N LEU A 46 -4.97 1.24 0.46
CA LEU A 46 -4.95 0.07 -0.40
C LEU A 46 -5.68 0.34 -1.71
N ALA A 47 -6.81 1.03 -1.63
CA ALA A 47 -7.56 1.33 -2.84
C ALA A 47 -6.82 2.27 -3.79
N GLU A 48 -6.16 3.27 -3.23
CA GLU A 48 -5.44 4.26 -4.05
C GLU A 48 -4.25 3.67 -4.80
N ALA A 49 -3.56 2.71 -4.19
CA ALA A 49 -2.38 2.15 -4.83
C ALA A 49 -2.69 1.43 -6.14
N LYS A 50 -3.79 0.69 -6.16
CA LYS A 50 -4.16 -0.03 -7.37
C LYS A 50 -4.40 0.93 -8.53
N LYS A 51 -5.05 2.05 -8.21
CA LYS A 51 -5.38 3.05 -9.23
C LYS A 51 -4.15 3.63 -9.92
N LEU A 52 -3.11 3.92 -9.15
CA LEU A 52 -1.89 4.50 -9.72
C LEU A 52 -1.25 3.57 -10.73
N ASN A 53 -1.29 2.28 -10.44
CA ASN A 53 -0.65 1.30 -11.30
C ASN A 53 -1.16 1.41 -12.73
N ASP A 54 -2.47 1.64 -12.87
CA ASP A 54 -3.09 1.79 -14.18
C ASP A 54 -2.51 2.97 -14.96
N ALA A 55 -2.22 4.06 -14.26
CA ALA A 55 -1.72 5.27 -14.90
C ALA A 55 -0.37 5.09 -15.58
N GLN A 56 0.52 4.29 -15.00
CA GLN A 56 1.83 4.10 -15.61
C GLN A 56 1.71 3.56 -17.04
N ALA A 57 0.76 2.67 -17.26
CA ALA A 57 0.53 2.11 -18.58
C ALA A 57 1.85 1.78 -19.29
N PRO A 58 2.66 0.90 -18.73
CA PRO A 58 3.97 0.51 -19.36
C PRO A 58 3.77 -0.09 -20.74
N LYS A 59 2.57 -0.63 -20.98
CA LYS A 59 2.25 -1.27 -22.25
C LYS A 59 1.30 -0.40 -23.07
N ASP A 1 -4.54 -7.94 22.05
CA ASP A 1 -4.90 -6.90 21.05
C ASP A 1 -5.04 -5.55 21.75
N VAL A 2 -3.95 -4.79 21.79
CA VAL A 2 -3.97 -3.49 22.44
C VAL A 2 -4.97 -2.57 21.74
N ASP A 3 -5.02 -2.65 20.41
CA ASP A 3 -5.95 -1.84 19.64
C ASP A 3 -6.33 -2.53 18.33
N ASN A 4 -7.35 -2.02 17.67
CA ASN A 4 -7.82 -2.57 16.41
C ASN A 4 -7.10 -1.95 15.21
N LYS A 5 -6.09 -1.13 15.47
CA LYS A 5 -5.34 -0.50 14.40
C LYS A 5 -4.72 -1.54 13.48
N PHE A 6 -4.28 -2.66 14.06
CA PHE A 6 -3.66 -3.73 13.27
C PHE A 6 -4.60 -4.93 13.14
N ASN A 7 -4.75 -5.44 11.92
CA ASN A 7 -5.59 -6.63 11.71
C ASN A 7 -5.01 -7.51 10.60
N LYS A 8 -5.57 -8.71 10.46
CA LYS A 8 -5.07 -9.62 9.44
C LYS A 8 -5.19 -9.03 8.05
N GLU A 9 -6.27 -8.28 7.81
CA GLU A 9 -6.46 -7.67 6.50
C GLU A 9 -5.38 -6.66 6.18
N GLN A 10 -4.89 -5.95 7.20
CA GLN A 10 -3.84 -4.97 6.96
C GLN A 10 -2.63 -5.64 6.34
N GLN A 11 -2.32 -6.85 6.78
CA GLN A 11 -1.18 -7.55 6.23
C GLN A 11 -1.35 -7.74 4.73
N ASN A 12 -2.60 -8.00 4.33
CA ASN A 12 -2.90 -8.19 2.92
C ASN A 12 -2.48 -6.98 2.10
N ALA A 13 -2.68 -5.78 2.67
CA ALA A 13 -2.35 -4.57 1.95
C ALA A 13 -0.86 -4.47 1.66
N PHE A 14 -0.04 -4.94 2.60
CA PHE A 14 1.40 -4.88 2.40
C PHE A 14 1.83 -5.65 1.15
N TRP A 15 1.30 -6.87 0.99
CA TRP A 15 1.63 -7.68 -0.18
C TRP A 15 1.20 -7.07 -1.52
N GLU A 16 0.03 -6.44 -1.57
CA GLU A 16 -0.43 -5.90 -2.83
C GLU A 16 0.48 -4.80 -3.36
N ILE A 17 1.05 -3.99 -2.46
CA ILE A 17 1.94 -2.94 -2.93
C ILE A 17 3.12 -3.60 -3.64
N LEU A 18 3.62 -4.69 -3.07
CA LEU A 18 4.73 -5.44 -3.66
C LEU A 18 4.32 -6.00 -5.02
N HIS A 19 3.07 -6.42 -5.11
CA HIS A 19 2.57 -7.02 -6.34
C HIS A 19 2.67 -6.10 -7.56
N LEU A 20 2.30 -4.83 -7.41
CA LEU A 20 2.31 -3.85 -8.52
C LEU A 20 3.47 -4.12 -9.50
N PRO A 21 3.30 -4.95 -10.52
CA PRO A 21 4.45 -5.27 -11.43
C PRO A 21 4.92 -4.05 -12.24
N ASN A 22 3.96 -3.23 -12.66
CA ASN A 22 4.26 -2.04 -13.46
C ASN A 22 5.19 -1.07 -12.75
N LEU A 23 5.04 -0.96 -11.43
CA LEU A 23 5.82 -0.01 -10.64
C LEU A 23 7.06 -0.65 -10.01
N ASN A 24 8.15 0.12 -9.98
CA ASN A 24 9.39 -0.35 -9.38
C ASN A 24 9.30 -0.21 -7.87
N GLU A 25 10.29 -0.73 -7.16
CA GLU A 25 10.28 -0.70 -5.71
C GLU A 25 10.27 0.72 -5.12
N GLU A 26 10.93 1.70 -5.75
CA GLU A 26 10.95 3.03 -5.14
C GLU A 26 9.56 3.67 -5.02
N GLN A 27 8.69 3.48 -6.01
CA GLN A 27 7.35 4.05 -5.90
C GLN A 27 6.63 3.46 -4.71
N ARG A 28 6.86 2.18 -4.49
CA ARG A 28 6.22 1.49 -3.39
C ARG A 28 6.58 2.12 -2.05
N ASN A 29 7.82 2.55 -1.93
CA ASN A 29 8.25 3.16 -0.68
C ASN A 29 7.37 4.34 -0.33
N GLY A 30 6.97 5.11 -1.34
CA GLY A 30 6.15 6.27 -1.06
C GLY A 30 4.87 5.89 -0.32
N PHE A 31 4.24 4.79 -0.71
CA PHE A 31 3.03 4.35 -0.01
C PHE A 31 3.30 3.98 1.44
N ILE A 32 4.41 3.29 1.69
CA ILE A 32 4.72 2.87 3.05
C ILE A 32 4.85 4.04 4.00
N GLN A 33 5.54 5.09 3.55
CA GLN A 33 5.75 6.22 4.44
C GLN A 33 4.42 6.83 4.86
N SER A 34 3.49 6.89 3.92
CA SER A 34 2.17 7.42 4.22
C SER A 34 1.48 6.56 5.27
N LEU A 35 1.69 5.24 5.17
CA LEU A 35 1.08 4.31 6.10
C LEU A 35 1.52 4.60 7.53
N LYS A 36 2.78 4.94 7.70
CA LYS A 36 3.29 5.22 9.03
C LYS A 36 2.54 6.39 9.67
N ASP A 37 2.25 7.42 8.88
CA ASP A 37 1.55 8.59 9.43
C ASP A 37 0.18 8.24 9.99
N ASP A 38 -0.55 7.37 9.27
CA ASP A 38 -1.89 6.94 9.70
C ASP A 38 -2.06 5.42 9.53
N PRO A 39 -1.52 4.59 10.38
CA PRO A 39 -1.65 3.12 10.17
C PRO A 39 -3.12 2.66 10.14
N SER A 40 -4.01 3.34 10.85
CA SER A 40 -5.42 2.95 10.85
C SER A 40 -6.03 3.12 9.46
N GLN A 41 -5.52 4.10 8.71
CA GLN A 41 -5.99 4.40 7.36
C GLN A 41 -5.24 3.62 6.29
N SER A 42 -4.47 2.63 6.68
CA SER A 42 -3.70 1.90 5.69
C SER A 42 -4.65 1.31 4.67
N ALA A 43 -5.86 0.99 5.08
CA ALA A 43 -6.82 0.46 4.12
C ALA A 43 -7.15 1.52 3.07
N ASN A 44 -7.32 2.77 3.51
CA ASN A 44 -7.63 3.85 2.58
C ASN A 44 -6.52 4.02 1.56
N LEU A 45 -5.29 3.87 2.03
CA LEU A 45 -4.11 3.99 1.17
C LEU A 45 -4.08 2.90 0.11
N LEU A 46 -4.55 1.72 0.51
CA LEU A 46 -4.53 0.58 -0.38
C LEU A 46 -5.32 0.85 -1.66
N ALA A 47 -6.45 1.52 -1.55
CA ALA A 47 -7.24 1.80 -2.74
C ALA A 47 -6.51 2.72 -3.72
N GLU A 48 -5.80 3.72 -3.19
CA GLU A 48 -5.09 4.66 -4.04
C GLU A 48 -3.96 4.03 -4.85
N ALA A 49 -3.27 3.05 -4.26
CA ALA A 49 -2.15 2.43 -4.95
C ALA A 49 -2.58 1.71 -6.22
N LYS A 50 -3.71 1.02 -6.15
CA LYS A 50 -4.20 0.29 -7.30
C LYS A 50 -4.46 1.24 -8.47
N LYS A 51 -5.01 2.41 -8.15
CA LYS A 51 -5.36 3.38 -9.17
C LYS A 51 -4.16 3.85 -9.99
N LEU A 52 -3.03 4.11 -9.34
CA LEU A 52 -1.85 4.56 -10.06
C LEU A 52 -1.38 3.51 -11.05
N ASN A 53 -1.47 2.25 -10.64
CA ASN A 53 -1.02 1.15 -11.47
C ASN A 53 -1.72 1.13 -12.82
N ASP A 54 -3.01 1.42 -12.82
CA ASP A 54 -3.77 1.39 -14.06
C ASP A 54 -3.22 2.36 -15.10
N ALA A 55 -2.80 3.55 -14.67
CA ALA A 55 -2.29 4.53 -15.63
C ALA A 55 -1.00 4.08 -16.29
N GLN A 56 -0.08 3.52 -15.51
CA GLN A 56 1.18 3.05 -16.07
C GLN A 56 0.95 1.97 -17.12
N ALA A 57 -0.02 1.10 -16.85
CA ALA A 57 -0.34 0.00 -17.74
C ALA A 57 -0.92 0.51 -19.07
N PRO A 58 -0.67 -0.16 -20.17
CA PRO A 58 -1.21 0.26 -21.49
C PRO A 58 -2.74 0.32 -21.44
N LYS A 59 -3.32 -0.43 -20.51
CA LYS A 59 -4.78 -0.48 -20.35
C LYS A 59 -5.24 0.55 -19.33
N ASP A 1 -9.78 -3.33 27.13
CA ASP A 1 -9.91 -3.83 25.74
C ASP A 1 -8.54 -3.90 25.08
N VAL A 2 -8.51 -4.06 23.76
CA VAL A 2 -7.26 -4.14 23.01
C VAL A 2 -7.16 -2.97 22.03
N ASP A 3 -5.98 -2.34 21.99
CA ASP A 3 -5.77 -1.21 21.10
C ASP A 3 -6.05 -1.60 19.64
N ASN A 4 -5.66 -2.82 19.28
CA ASN A 4 -5.86 -3.31 17.92
C ASN A 4 -5.16 -2.41 16.92
N LYS A 5 -3.93 -2.02 17.24
CA LYS A 5 -3.17 -1.14 16.36
C LYS A 5 -2.99 -1.77 14.98
N PHE A 6 -2.83 -3.09 14.94
CA PHE A 6 -2.63 -3.80 13.66
C PHE A 6 -3.85 -4.65 13.33
N ASN A 7 -4.27 -4.60 12.06
CA ASN A 7 -5.41 -5.38 11.59
C ASN A 7 -4.93 -6.52 10.70
N LYS A 8 -5.53 -7.70 10.84
CA LYS A 8 -5.13 -8.84 10.03
C LYS A 8 -5.25 -8.49 8.55
N GLU A 9 -6.29 -7.74 8.21
CA GLU A 9 -6.50 -7.33 6.83
C GLU A 9 -5.34 -6.45 6.36
N GLN A 10 -4.79 -5.65 7.26
CA GLN A 10 -3.69 -4.75 6.92
C GLN A 10 -2.51 -5.50 6.33
N GLN A 11 -2.23 -6.68 6.87
CA GLN A 11 -1.09 -7.45 6.35
C GLN A 11 -1.29 -7.74 4.87
N ASN A 12 -2.54 -7.99 4.49
CA ASN A 12 -2.85 -8.25 3.11
C ASN A 12 -2.43 -7.07 2.25
N ALA A 13 -2.61 -5.87 2.79
CA ALA A 13 -2.27 -4.65 2.07
C ALA A 13 -0.79 -4.56 1.78
N PHE A 14 0.04 -5.04 2.70
CA PHE A 14 1.48 -4.98 2.48
C PHE A 14 1.84 -5.70 1.19
N TRP A 15 1.27 -6.89 1.01
CA TRP A 15 1.52 -7.67 -0.20
C TRP A 15 1.09 -6.95 -1.48
N GLU A 16 -0.01 -6.22 -1.43
CA GLU A 16 -0.47 -5.55 -2.63
C GLU A 16 0.53 -4.54 -3.15
N ILE A 17 1.23 -3.85 -2.25
CA ILE A 17 2.21 -2.88 -2.68
C ILE A 17 3.31 -3.56 -3.52
N LEU A 18 3.78 -4.71 -3.03
CA LEU A 18 4.80 -5.46 -3.75
C LEU A 18 4.30 -5.96 -5.10
N HIS A 19 3.04 -6.34 -5.14
CA HIS A 19 2.47 -6.92 -6.36
C HIS A 19 2.55 -6.01 -7.59
N LEU A 20 2.22 -4.73 -7.44
CA LEU A 20 2.24 -3.78 -8.58
C LEU A 20 3.41 -4.06 -9.54
N PRO A 21 3.25 -4.90 -10.56
CA PRO A 21 4.40 -5.22 -11.47
C PRO A 21 4.89 -4.02 -12.28
N ASN A 22 3.92 -3.22 -12.71
CA ASN A 22 4.18 -2.02 -13.51
C ASN A 22 5.11 -1.02 -12.81
N LEU A 23 4.98 -0.94 -11.50
CA LEU A 23 5.75 0.02 -10.69
C LEU A 23 7.04 -0.55 -10.13
N ASN A 24 8.08 0.29 -10.08
CA ASN A 24 9.38 -0.11 -9.54
C ASN A 24 9.37 0.02 -8.01
N GLU A 25 10.42 -0.48 -7.38
CA GLU A 25 10.50 -0.46 -5.92
C GLU A 25 10.40 0.95 -5.29
N GLU A 26 10.94 1.99 -5.93
CA GLU A 26 10.89 3.30 -5.29
C GLU A 26 9.45 3.79 -5.07
N GLN A 27 8.56 3.51 -6.01
CA GLN A 27 7.17 3.90 -5.83
C GLN A 27 6.57 3.23 -4.61
N ARG A 28 6.96 1.98 -4.37
CA ARG A 28 6.42 1.25 -3.24
C ARG A 28 6.69 2.00 -1.94
N ASN A 29 7.87 2.58 -1.83
CA ASN A 29 8.20 3.34 -0.63
C ASN A 29 7.24 4.47 -0.38
N GLY A 30 6.75 5.11 -1.44
CA GLY A 30 5.84 6.21 -1.20
C GLY A 30 4.63 5.74 -0.40
N PHE A 31 4.09 4.57 -0.74
CA PHE A 31 2.96 4.04 0.02
C PHE A 31 3.32 3.66 1.45
N ILE A 32 4.47 2.98 1.62
CA ILE A 32 4.86 2.53 2.96
C ILE A 32 5.05 3.68 3.94
N GLN A 33 5.76 4.73 3.52
CA GLN A 33 5.98 5.84 4.45
C GLN A 33 4.65 6.48 4.85
N SER A 34 3.73 6.57 3.89
CA SER A 34 2.42 7.13 4.17
C SER A 34 1.68 6.33 5.22
N LEU A 35 1.84 5.01 5.17
CA LEU A 35 1.16 4.14 6.11
C LEU A 35 1.55 4.48 7.54
N LYS A 36 2.82 4.80 7.76
CA LYS A 36 3.26 5.13 9.10
C LYS A 36 2.51 6.34 9.64
N ASP A 37 2.27 7.33 8.77
CA ASP A 37 1.56 8.53 9.22
C ASP A 37 0.16 8.21 9.76
N ASP A 38 -0.55 7.32 9.06
CA ASP A 38 -1.90 6.92 9.45
C ASP A 38 -2.08 5.39 9.35
N PRO A 39 -1.55 4.59 10.23
CA PRO A 39 -1.71 3.12 10.08
C PRO A 39 -3.18 2.67 10.02
N SER A 40 -4.07 3.39 10.72
CA SER A 40 -5.48 3.02 10.70
C SER A 40 -6.07 3.17 9.29
N GLN A 41 -5.51 4.13 8.54
CA GLN A 41 -5.95 4.41 7.17
C GLN A 41 -5.22 3.57 6.13
N SER A 42 -4.47 2.57 6.56
CA SER A 42 -3.74 1.78 5.60
C SER A 42 -4.71 1.16 4.62
N ALA A 43 -5.93 0.89 5.05
CA ALA A 43 -6.91 0.34 4.14
C ALA A 43 -7.22 1.37 3.05
N ASN A 44 -7.35 2.63 3.46
CA ASN A 44 -7.62 3.70 2.49
C ASN A 44 -6.52 3.79 1.46
N LEU A 45 -5.28 3.60 1.91
CA LEU A 45 -4.12 3.66 1.04
C LEU A 45 -4.19 2.56 -0.01
N LEU A 46 -4.70 1.41 0.40
CA LEU A 46 -4.78 0.27 -0.50
C LEU A 46 -5.59 0.60 -1.73
N ALA A 47 -6.68 1.34 -1.56
CA ALA A 47 -7.51 1.69 -2.71
C ALA A 47 -6.76 2.62 -3.68
N GLU A 48 -6.00 3.57 -3.12
CA GLU A 48 -5.26 4.51 -3.94
C GLU A 48 -4.19 3.85 -4.79
N ALA A 49 -3.56 2.81 -4.26
CA ALA A 49 -2.47 2.15 -4.98
C ALA A 49 -2.93 1.48 -6.27
N LYS A 50 -4.10 0.85 -6.25
CA LYS A 50 -4.57 0.19 -7.46
C LYS A 50 -4.75 1.16 -8.61
N LYS A 51 -5.30 2.35 -8.31
CA LYS A 51 -5.52 3.35 -9.34
C LYS A 51 -4.22 3.80 -10.01
N LEU A 52 -3.17 3.93 -9.21
CA LEU A 52 -1.87 4.36 -9.74
C LEU A 52 -1.35 3.41 -10.79
N ASN A 53 -1.57 2.12 -10.57
CA ASN A 53 -1.07 1.10 -11.50
C ASN A 53 -1.57 1.33 -12.91
N ASP A 54 -2.84 1.73 -13.05
CA ASP A 54 -3.39 1.95 -14.39
C ASP A 54 -2.62 3.02 -15.16
N ALA A 55 -2.21 4.09 -14.47
CA ALA A 55 -1.48 5.17 -15.12
C ALA A 55 -0.10 4.75 -15.63
N GLN A 56 0.57 3.91 -14.86
CA GLN A 56 1.92 3.46 -15.22
C GLN A 56 1.94 2.77 -16.58
N ALA A 57 0.89 1.99 -16.85
CA ALA A 57 0.81 1.24 -18.11
C ALA A 57 -0.46 1.62 -18.89
N PRO A 58 -0.49 1.30 -20.16
CA PRO A 58 -1.68 1.61 -21.02
C PRO A 58 -2.96 0.99 -20.46
N LYS A 59 -2.80 -0.06 -19.66
CA LYS A 59 -3.96 -0.73 -19.06
C LYS A 59 -4.88 0.29 -18.41
N ASP A 1 -3.90 2.78 19.77
CA ASP A 1 -2.63 2.92 19.00
C ASP A 1 -1.49 2.29 19.80
N VAL A 2 -1.79 1.85 21.02
CA VAL A 2 -0.76 1.24 21.86
C VAL A 2 -0.38 -0.13 21.29
N ASP A 3 -1.33 -0.76 20.61
CA ASP A 3 -1.08 -2.07 20.01
C ASP A 3 -0.41 -1.91 18.65
N ASN A 4 0.79 -2.48 18.54
CA ASN A 4 1.57 -2.39 17.31
C ASN A 4 1.15 -3.50 16.34
N LYS A 5 0.13 -4.23 16.73
CA LYS A 5 -0.37 -5.33 15.91
C LYS A 5 -1.15 -4.80 14.72
N PHE A 6 -0.94 -5.44 13.56
CA PHE A 6 -1.62 -5.04 12.32
C PHE A 6 -2.71 -6.05 11.99
N ASN A 7 -3.85 -5.56 11.54
CA ASN A 7 -4.97 -6.45 11.24
C ASN A 7 -4.72 -7.30 10.02
N LYS A 8 -5.47 -8.38 9.91
CA LYS A 8 -5.29 -9.29 8.80
C LYS A 8 -5.48 -8.58 7.46
N GLU A 9 -6.45 -7.66 7.40
CA GLU A 9 -6.66 -6.94 6.16
C GLU A 9 -5.43 -6.09 5.85
N GLN A 10 -4.83 -5.54 6.91
CA GLN A 10 -3.64 -4.73 6.76
C GLN A 10 -2.48 -5.52 6.17
N GLN A 11 -2.38 -6.79 6.55
CA GLN A 11 -1.31 -7.63 6.03
C GLN A 11 -1.45 -7.77 4.52
N ASN A 12 -2.70 -7.84 4.06
CA ASN A 12 -2.97 -7.95 2.64
C ASN A 12 -2.36 -6.80 1.87
N ALA A 13 -2.43 -5.60 2.45
CA ALA A 13 -1.88 -4.42 1.79
C ALA A 13 -0.39 -4.53 1.59
N PHE A 14 0.32 -5.10 2.55
CA PHE A 14 1.76 -5.18 2.39
C PHE A 14 2.12 -5.96 1.14
N TRP A 15 1.48 -7.11 0.93
CA TRP A 15 1.74 -7.90 -0.27
C TRP A 15 1.35 -7.16 -1.55
N GLU A 16 0.25 -6.43 -1.52
CA GLU A 16 -0.20 -5.73 -2.71
C GLU A 16 0.79 -4.67 -3.15
N ILE A 17 1.44 -3.99 -2.22
CA ILE A 17 2.38 -2.96 -2.63
C ILE A 17 3.46 -3.64 -3.46
N LEU A 18 3.92 -4.79 -2.95
CA LEU A 18 4.95 -5.58 -3.60
C LEU A 18 4.51 -6.09 -4.97
N HIS A 19 3.24 -6.45 -5.06
CA HIS A 19 2.73 -7.02 -6.30
C HIS A 19 2.84 -6.09 -7.52
N LEU A 20 2.47 -4.82 -7.35
CA LEU A 20 2.48 -3.84 -8.45
C LEU A 20 3.66 -4.05 -9.41
N PRO A 21 3.54 -4.89 -10.45
CA PRO A 21 4.70 -5.12 -11.36
C PRO A 21 5.05 -3.87 -12.17
N ASN A 22 4.00 -3.12 -12.50
CA ASN A 22 4.12 -1.90 -13.29
C ASN A 22 5.04 -0.85 -12.66
N LEU A 23 5.02 -0.77 -11.33
CA LEU A 23 5.79 0.25 -10.62
C LEU A 23 7.16 -0.27 -10.17
N ASN A 24 8.17 0.63 -10.23
CA ASN A 24 9.51 0.26 -9.79
C ASN A 24 9.58 0.27 -8.27
N GLU A 25 10.70 -0.19 -7.71
CA GLU A 25 10.83 -0.29 -6.26
C GLU A 25 10.71 1.05 -5.51
N GLU A 26 11.19 2.16 -6.08
CA GLU A 26 11.11 3.43 -5.35
C GLU A 26 9.67 3.88 -5.07
N GLN A 27 8.77 3.66 -6.01
CA GLN A 27 7.37 4.03 -5.78
C GLN A 27 6.77 3.27 -4.61
N ARG A 28 7.14 2.00 -4.48
CA ARG A 28 6.62 1.21 -3.39
C ARG A 28 6.98 1.81 -2.03
N ASN A 29 8.18 2.35 -1.93
CA ASN A 29 8.61 2.95 -0.68
C ASN A 29 7.64 4.05 -0.26
N GLY A 30 7.16 4.83 -1.23
CA GLY A 30 6.27 5.93 -0.90
C GLY A 30 5.02 5.46 -0.15
N PHE A 31 4.43 4.33 -0.56
CA PHE A 31 3.26 3.84 0.16
C PHE A 31 3.60 3.45 1.60
N ILE A 32 4.75 2.82 1.78
CA ILE A 32 5.15 2.37 3.09
C ILE A 32 5.24 3.53 4.08
N GLN A 33 5.85 4.63 3.65
CA GLN A 33 6.00 5.78 4.53
C GLN A 33 4.64 6.34 4.94
N SER A 34 3.71 6.35 4.00
CA SER A 34 2.37 6.86 4.28
C SER A 34 1.68 6.08 5.39
N LEU A 35 1.91 4.77 5.41
CA LEU A 35 1.27 3.93 6.41
C LEU A 35 1.64 4.39 7.81
N LYS A 36 2.91 4.75 7.99
CA LYS A 36 3.38 5.20 9.29
C LYS A 36 2.63 6.44 9.78
N ASP A 37 2.38 7.39 8.88
CA ASP A 37 1.71 8.62 9.27
C ASP A 37 0.32 8.40 9.86
N ASP A 38 -0.46 7.50 9.24
CA ASP A 38 -1.81 7.20 9.73
C ASP A 38 -2.16 5.71 9.54
N PRO A 39 -1.72 4.81 10.37
CA PRO A 39 -2.06 3.37 10.15
C PRO A 39 -3.57 3.11 10.11
N SER A 40 -4.34 3.96 10.79
CA SER A 40 -5.80 3.79 10.81
C SER A 40 -6.41 3.93 9.41
N GLN A 41 -5.77 4.75 8.57
CA GLN A 41 -6.21 5.00 7.21
C GLN A 41 -5.63 4.00 6.22
N SER A 42 -5.00 2.95 6.73
CA SER A 42 -4.35 2.00 5.83
C SER A 42 -5.31 1.39 4.83
N ALA A 43 -6.58 1.21 5.18
CA ALA A 43 -7.50 0.67 4.21
C ALA A 43 -7.64 1.64 3.05
N ASN A 44 -7.76 2.93 3.38
CA ASN A 44 -7.90 3.97 2.38
C ASN A 44 -6.70 4.01 1.43
N LEU A 45 -5.50 3.80 2.00
CA LEU A 45 -4.29 3.80 1.19
C LEU A 45 -4.30 2.68 0.17
N LEU A 46 -4.86 1.55 0.58
CA LEU A 46 -4.88 0.38 -0.27
C LEU A 46 -5.60 0.68 -1.58
N ALA A 47 -6.67 1.44 -1.51
CA ALA A 47 -7.41 1.77 -2.73
C ALA A 47 -6.59 2.62 -3.69
N GLU A 48 -5.81 3.55 -3.15
CA GLU A 48 -5.01 4.43 -3.98
C GLU A 48 -3.92 3.70 -4.77
N ALA A 49 -3.33 2.67 -4.18
CA ALA A 49 -2.25 1.96 -4.87
C ALA A 49 -2.73 1.27 -6.14
N LYS A 50 -3.90 0.63 -6.06
CA LYS A 50 -4.44 -0.04 -7.23
C LYS A 50 -4.68 0.93 -8.37
N LYS A 51 -5.22 2.09 -8.03
CA LYS A 51 -5.54 3.10 -9.03
C LYS A 51 -4.33 3.57 -9.83
N LEU A 52 -3.21 3.78 -9.14
CA LEU A 52 -2.01 4.25 -9.84
C LEU A 52 -1.57 3.24 -10.89
N ASN A 53 -1.68 1.95 -10.55
CA ASN A 53 -1.28 0.90 -11.47
C ASN A 53 -2.05 0.99 -12.78
N ASP A 54 -3.34 1.28 -12.67
CA ASP A 54 -4.20 1.38 -13.84
C ASP A 54 -3.77 2.46 -14.84
N ALA A 55 -3.33 3.61 -14.35
CA ALA A 55 -2.97 4.71 -15.25
C ALA A 55 -1.68 4.50 -16.04
N GLN A 56 -0.57 4.31 -15.34
CA GLN A 56 0.70 4.14 -16.04
C GLN A 56 0.71 2.92 -16.96
N ALA A 57 0.10 1.84 -16.49
CA ALA A 57 0.04 0.59 -17.25
C ALA A 57 -1.37 0.02 -17.25
N PRO A 58 -2.27 0.54 -18.03
CA PRO A 58 -3.65 0.01 -18.06
C PRO A 58 -3.67 -1.49 -18.36
N LYS A 59 -4.57 -2.22 -17.69
CA LYS A 59 -4.66 -3.66 -17.88
C LYS A 59 -5.40 -3.97 -19.18
N ASP A 1 -0.17 5.52 16.31
CA ASP A 1 -0.21 5.05 17.72
C ASP A 1 0.75 3.87 17.88
N VAL A 2 0.86 3.38 19.11
CA VAL A 2 1.75 2.26 19.38
C VAL A 2 1.30 1.04 18.58
N ASP A 3 -0.02 0.87 18.49
CA ASP A 3 -0.59 -0.25 17.73
C ASP A 3 -0.11 -1.61 18.21
N ASN A 4 -0.16 -1.83 19.51
CA ASN A 4 0.26 -3.11 20.08
C ASN A 4 -0.50 -4.25 19.41
N LYS A 5 -1.77 -3.99 19.08
CA LYS A 5 -2.60 -5.00 18.40
C LYS A 5 -2.56 -4.78 16.90
N PHE A 6 -2.56 -5.88 16.14
CA PHE A 6 -2.52 -5.80 14.68
C PHE A 6 -3.75 -6.47 14.07
N ASN A 7 -4.14 -5.99 12.89
CA ASN A 7 -5.30 -6.56 12.18
C ASN A 7 -4.80 -7.43 11.04
N LYS A 8 -5.27 -8.67 11.02
CA LYS A 8 -4.83 -9.60 9.99
C LYS A 8 -5.15 -9.04 8.61
N GLU A 9 -6.28 -8.34 8.49
CA GLU A 9 -6.65 -7.77 7.20
C GLU A 9 -5.62 -6.73 6.75
N GLN A 10 -5.05 -6.00 7.71
CA GLN A 10 -4.03 -4.99 7.38
C GLN A 10 -2.86 -5.64 6.65
N GLN A 11 -2.50 -6.84 7.09
CA GLN A 11 -1.38 -7.54 6.48
C GLN A 11 -1.60 -7.71 4.98
N ASN A 12 -2.85 -7.99 4.60
CA ASN A 12 -3.17 -8.15 3.19
C ASN A 12 -2.76 -6.93 2.39
N ALA A 13 -2.96 -5.75 2.96
CA ALA A 13 -2.62 -4.53 2.27
C ALA A 13 -1.12 -4.42 2.00
N PHE A 14 -0.31 -4.89 2.94
CA PHE A 14 1.13 -4.82 2.77
C PHE A 14 1.57 -5.55 1.50
N TRP A 15 1.04 -6.75 1.30
CA TRP A 15 1.35 -7.53 0.10
C TRP A 15 0.96 -6.83 -1.19
N GLU A 16 -0.18 -6.15 -1.18
CA GLU A 16 -0.64 -5.50 -2.40
C GLU A 16 0.33 -4.43 -2.86
N ILE A 17 0.94 -3.73 -1.91
CA ILE A 17 1.91 -2.71 -2.27
C ILE A 17 3.07 -3.35 -3.02
N LEU A 18 3.51 -4.49 -2.52
CA LEU A 18 4.61 -5.22 -3.15
C LEU A 18 4.25 -5.68 -4.56
N HIS A 19 3.00 -6.09 -4.72
CA HIS A 19 2.50 -6.65 -5.98
C HIS A 19 2.62 -5.76 -7.21
N LEU A 20 2.27 -4.48 -7.10
CA LEU A 20 2.28 -3.55 -8.25
C LEU A 20 3.43 -3.85 -9.24
N PRO A 21 3.23 -4.74 -10.21
CA PRO A 21 4.35 -5.10 -11.14
C PRO A 21 4.78 -3.94 -12.06
N ASN A 22 3.79 -3.17 -12.50
CA ASN A 22 4.03 -2.03 -13.38
C ASN A 22 4.97 -0.99 -12.78
N LEU A 23 4.89 -0.81 -11.46
CA LEU A 23 5.69 0.22 -10.79
C LEU A 23 7.03 -0.31 -10.31
N ASN A 24 8.05 0.54 -10.39
CA ASN A 24 9.39 0.15 -9.95
C ASN A 24 9.46 0.26 -8.43
N GLU A 25 10.55 -0.22 -7.85
CA GLU A 25 10.69 -0.22 -6.40
C GLU A 25 10.67 1.18 -5.77
N GLU A 26 11.21 2.21 -6.41
CA GLU A 26 11.20 3.52 -5.76
C GLU A 26 9.77 4.03 -5.48
N GLN A 27 8.86 3.82 -6.44
CA GLN A 27 7.48 4.24 -6.23
C GLN A 27 6.86 3.48 -5.07
N ARG A 28 7.23 2.20 -4.98
CA ARG A 28 6.70 1.34 -3.93
C ARG A 28 6.99 1.91 -2.55
N ASN A 29 8.19 2.46 -2.38
CA ASN A 29 8.57 3.05 -1.11
C ASN A 29 7.64 4.18 -0.69
N GLY A 30 7.20 4.98 -1.66
CA GLY A 30 6.35 6.11 -1.31
C GLY A 30 5.11 5.67 -0.53
N PHE A 31 4.50 4.57 -0.94
CA PHE A 31 3.35 4.05 -0.21
C PHE A 31 3.71 3.64 1.21
N ILE A 32 4.88 3.04 1.38
CA ILE A 32 5.29 2.59 2.70
C ILE A 32 5.35 3.73 3.70
N GLN A 33 5.90 4.86 3.28
CA GLN A 33 6.00 6.00 4.20
C GLN A 33 4.61 6.45 4.63
N SER A 34 3.68 6.43 3.68
CA SER A 34 2.30 6.83 3.95
C SER A 34 1.64 5.98 5.02
N LEU A 35 1.95 4.68 5.02
CA LEU A 35 1.34 3.79 5.99
C LEU A 35 1.64 4.23 7.41
N LYS A 36 2.87 4.65 7.66
CA LYS A 36 3.24 5.08 9.00
C LYS A 36 2.41 6.27 9.47
N ASP A 37 2.14 7.21 8.57
CA ASP A 37 1.39 8.41 8.96
C ASP A 37 0.00 8.11 9.51
N ASP A 38 -0.72 7.17 8.88
CA ASP A 38 -2.07 6.81 9.31
C ASP A 38 -2.29 5.29 9.27
N PRO A 39 -1.77 4.51 10.19
CA PRO A 39 -1.97 3.03 10.11
C PRO A 39 -3.46 2.63 10.10
N SER A 40 -4.32 3.41 10.78
CA SER A 40 -5.75 3.12 10.80
C SER A 40 -6.35 3.15 9.40
N GLN A 41 -5.85 4.09 8.59
CA GLN A 41 -6.32 4.29 7.21
C GLN A 41 -5.58 3.44 6.20
N SER A 42 -4.85 2.44 6.64
CA SER A 42 -4.09 1.65 5.70
C SER A 42 -5.03 1.05 4.66
N ALA A 43 -6.27 0.79 5.03
CA ALA A 43 -7.19 0.25 4.05
C ALA A 43 -7.42 1.28 2.94
N ASN A 44 -7.57 2.55 3.33
CA ASN A 44 -7.77 3.61 2.34
C ASN A 44 -6.58 3.70 1.39
N LEU A 45 -5.39 3.50 1.95
CA LEU A 45 -4.16 3.54 1.16
C LEU A 45 -4.16 2.44 0.11
N LEU A 46 -4.72 1.30 0.47
CA LEU A 46 -4.74 0.16 -0.43
C LEU A 46 -5.43 0.53 -1.73
N ALA A 47 -6.52 1.30 -1.62
CA ALA A 47 -7.26 1.71 -2.81
C ALA A 47 -6.45 2.64 -3.72
N GLU A 48 -5.70 3.56 -3.13
CA GLU A 48 -4.91 4.52 -3.91
C GLU A 48 -3.82 3.86 -4.74
N ALA A 49 -3.22 2.80 -4.22
CA ALA A 49 -2.12 2.17 -4.94
C ALA A 49 -2.57 1.56 -6.26
N LYS A 50 -3.74 0.93 -6.26
CA LYS A 50 -4.23 0.34 -7.49
C LYS A 50 -4.44 1.40 -8.58
N LYS A 51 -4.91 2.57 -8.17
CA LYS A 51 -5.16 3.65 -9.12
C LYS A 51 -3.91 4.07 -9.88
N LEU A 52 -2.79 4.21 -9.17
CA LEU A 52 -1.55 4.59 -9.83
C LEU A 52 -1.12 3.56 -10.86
N ASN A 53 -1.33 2.29 -10.51
CA ASN A 53 -0.94 1.20 -11.38
C ASN A 53 -1.58 1.30 -12.76
N ASP A 54 -2.85 1.72 -12.81
CA ASP A 54 -3.54 1.84 -14.08
C ASP A 54 -2.85 2.80 -15.04
N ALA A 55 -2.34 3.92 -14.54
CA ALA A 55 -1.69 4.89 -15.42
C ALA A 55 -0.42 4.34 -16.05
N GLN A 56 0.39 3.65 -15.23
CA GLN A 56 1.62 3.08 -15.74
C GLN A 56 1.34 2.06 -16.82
N ALA A 57 0.26 1.30 -16.63
CA ALA A 57 -0.13 0.26 -17.58
C ALA A 57 -0.60 0.87 -18.90
N PRO A 58 -0.40 0.20 -20.01
CA PRO A 58 -0.85 0.72 -21.33
C PRO A 58 -2.36 0.96 -21.32
N LYS A 59 -3.05 0.27 -20.43
CA LYS A 59 -4.50 0.40 -20.33
C LYS A 59 -4.88 1.85 -20.06
N ASP A 1 0.33 -16.73 20.90
CA ASP A 1 1.41 -15.73 21.16
C ASP A 1 1.70 -14.94 19.88
N VAL A 2 0.78 -14.03 19.53
CA VAL A 2 0.92 -13.20 18.33
C VAL A 2 1.03 -11.73 18.72
N ASP A 3 1.97 -11.02 18.12
CA ASP A 3 2.15 -9.60 18.44
C ASP A 3 0.97 -8.79 17.93
N ASN A 4 0.53 -7.83 18.72
CA ASN A 4 -0.59 -6.97 18.35
C ASN A 4 -0.09 -5.78 17.53
N LYS A 5 1.20 -5.78 17.23
CA LYS A 5 1.80 -4.70 16.48
C LYS A 5 1.13 -4.51 15.12
N PHE A 6 0.73 -5.62 14.49
CA PHE A 6 0.07 -5.55 13.17
C PHE A 6 -1.34 -6.13 13.22
N ASN A 7 -2.19 -5.64 12.32
CA ASN A 7 -3.57 -6.11 12.17
C ASN A 7 -3.61 -7.06 10.99
N LYS A 8 -4.18 -8.22 11.17
CA LYS A 8 -4.19 -9.21 10.10
C LYS A 8 -4.84 -8.65 8.83
N GLU A 9 -5.89 -7.84 8.96
CA GLU A 9 -6.51 -7.28 7.76
C GLU A 9 -5.54 -6.36 7.03
N GLN A 10 -4.74 -5.61 7.80
CA GLN A 10 -3.75 -4.70 7.24
C GLN A 10 -2.72 -5.40 6.37
N GLN A 11 -2.33 -6.61 6.79
CA GLN A 11 -1.29 -7.36 6.08
C GLN A 11 -1.63 -7.55 4.60
N ASN A 12 -2.89 -7.80 4.29
CA ASN A 12 -3.26 -7.99 2.89
C ASN A 12 -2.85 -6.79 2.06
N ALA A 13 -3.02 -5.59 2.62
CA ALA A 13 -2.66 -4.38 1.91
C ALA A 13 -1.17 -4.28 1.64
N PHE A 14 -0.36 -4.73 2.61
CA PHE A 14 1.09 -4.65 2.46
C PHE A 14 1.56 -5.42 1.22
N TRP A 15 1.05 -6.63 1.03
CA TRP A 15 1.41 -7.44 -0.12
C TRP A 15 1.05 -6.79 -1.45
N GLU A 16 -0.10 -6.11 -1.51
CA GLU A 16 -0.52 -5.52 -2.76
C GLU A 16 0.47 -4.45 -3.23
N ILE A 17 1.06 -3.72 -2.29
CA ILE A 17 2.03 -2.71 -2.68
C ILE A 17 3.18 -3.39 -3.41
N LEU A 18 3.63 -4.51 -2.86
CA LEU A 18 4.72 -5.28 -3.45
C LEU A 18 4.35 -5.82 -4.83
N HIS A 19 3.10 -6.20 -4.98
CA HIS A 19 2.63 -6.81 -6.22
C HIS A 19 2.76 -5.92 -7.46
N LEU A 20 2.38 -4.64 -7.35
CA LEU A 20 2.42 -3.70 -8.49
C LEU A 20 3.60 -3.96 -9.44
N PRO A 21 3.48 -4.81 -10.45
CA PRO A 21 4.64 -5.11 -11.36
C PRO A 21 5.09 -3.89 -12.19
N ASN A 22 4.11 -3.10 -12.61
CA ASN A 22 4.36 -1.91 -13.43
C ASN A 22 5.30 -0.91 -12.75
N LEU A 23 5.19 -0.85 -11.43
CA LEU A 23 5.96 0.11 -10.63
C LEU A 23 7.27 -0.46 -10.11
N ASN A 24 8.29 0.40 -10.09
CA ASN A 24 9.60 0.04 -9.59
C ASN A 24 9.57 0.12 -8.07
N GLU A 25 10.64 -0.33 -7.42
CA GLU A 25 10.67 -0.32 -5.97
C GLU A 25 10.55 1.07 -5.34
N GLU A 26 11.11 2.11 -5.97
CA GLU A 26 11.03 3.43 -5.34
C GLU A 26 9.59 3.93 -5.14
N GLN A 27 8.71 3.70 -6.12
CA GLN A 27 7.33 4.13 -5.94
C GLN A 27 6.68 3.42 -4.77
N ARG A 28 7.02 2.15 -4.62
CA ARG A 28 6.47 1.34 -3.56
C ARG A 28 6.80 1.95 -2.21
N ASN A 29 8.02 2.49 -2.10
CA ASN A 29 8.44 3.09 -0.86
C ASN A 29 7.51 4.21 -0.44
N GLY A 30 7.03 5.00 -1.40
CA GLY A 30 6.16 6.11 -1.03
C GLY A 30 4.95 5.63 -0.25
N PHE A 31 4.35 4.50 -0.66
CA PHE A 31 3.22 3.98 0.09
C PHE A 31 3.62 3.55 1.50
N ILE A 32 4.79 2.92 1.63
CA ILE A 32 5.21 2.44 2.94
C ILE A 32 5.31 3.56 3.95
N GLN A 33 5.95 4.67 3.56
CA GLN A 33 6.11 5.78 4.47
C GLN A 33 4.76 6.35 4.89
N SER A 34 3.84 6.43 3.93
CA SER A 34 2.51 6.93 4.21
C SER A 34 1.80 6.08 5.23
N LEU A 35 2.03 4.76 5.14
CA LEU A 35 1.38 3.84 6.04
C LEU A 35 1.72 4.13 7.50
N LYS A 36 2.98 4.48 7.75
CA LYS A 36 3.39 4.78 9.12
C LYS A 36 2.61 5.96 9.68
N ASP A 37 2.41 6.99 8.86
CA ASP A 37 1.70 8.18 9.31
C ASP A 37 0.26 7.90 9.76
N ASP A 38 -0.45 7.05 9.02
CA ASP A 38 -1.84 6.71 9.33
C ASP A 38 -2.10 5.21 9.24
N PRO A 39 -1.65 4.38 10.15
CA PRO A 39 -1.90 2.91 10.02
C PRO A 39 -3.41 2.59 9.96
N SER A 40 -4.24 3.38 10.64
CA SER A 40 -5.68 3.15 10.63
C SER A 40 -6.26 3.33 9.23
N GLN A 41 -5.64 4.22 8.46
CA GLN A 41 -6.07 4.50 7.09
C GLN A 41 -5.43 3.59 6.05
N SER A 42 -4.79 2.53 6.50
CA SER A 42 -4.12 1.66 5.56
C SER A 42 -5.13 1.13 4.56
N ALA A 43 -6.39 0.98 4.99
CA ALA A 43 -7.39 0.52 4.06
C ALA A 43 -7.58 1.55 2.95
N ASN A 44 -7.61 2.83 3.33
CA ASN A 44 -7.76 3.90 2.36
C ASN A 44 -6.62 3.89 1.35
N LEU A 45 -5.42 3.60 1.84
CA LEU A 45 -4.24 3.54 0.97
C LEU A 45 -4.37 2.44 -0.05
N LEU A 46 -4.98 1.33 0.36
CA LEU A 46 -5.10 0.19 -0.52
C LEU A 46 -5.85 0.55 -1.79
N ALA A 47 -6.90 1.35 -1.66
CA ALA A 47 -7.66 1.73 -2.85
C ALA A 47 -6.86 2.63 -3.79
N GLU A 48 -6.12 3.58 -3.22
CA GLU A 48 -5.34 4.52 -4.02
C GLU A 48 -4.21 3.87 -4.82
N ALA A 49 -3.58 2.86 -4.24
CA ALA A 49 -2.45 2.23 -4.92
C ALA A 49 -2.86 1.54 -6.21
N LYS A 50 -3.99 0.85 -6.22
CA LYS A 50 -4.42 0.17 -7.42
C LYS A 50 -4.65 1.14 -8.58
N LYS A 51 -5.26 2.28 -8.28
CA LYS A 51 -5.54 3.27 -9.33
C LYS A 51 -4.28 3.78 -10.02
N LEU A 52 -3.22 4.00 -9.25
CA LEU A 52 -1.98 4.50 -9.85
C LEU A 52 -1.44 3.51 -10.87
N ASN A 53 -1.57 2.23 -10.55
CA ASN A 53 -1.07 1.18 -11.42
C ASN A 53 -1.67 1.24 -12.83
N ASP A 54 -2.95 1.56 -12.92
CA ASP A 54 -3.59 1.59 -14.23
C ASP A 54 -2.91 2.58 -15.16
N ALA A 55 -2.51 3.74 -14.66
CA ALA A 55 -1.84 4.73 -15.50
C ALA A 55 -0.47 4.21 -15.93
N GLN A 56 0.23 3.58 -14.99
CA GLN A 56 1.55 3.02 -15.23
C GLN A 56 1.50 1.94 -16.31
N ALA A 57 0.41 1.18 -16.32
CA ALA A 57 0.25 0.09 -17.27
C ALA A 57 0.17 0.63 -18.71
N PRO A 58 0.57 -0.12 -19.71
CA PRO A 58 0.48 0.35 -21.12
C PRO A 58 -0.95 0.77 -21.45
N LYS A 59 -1.90 0.25 -20.70
CA LYS A 59 -3.31 0.57 -20.91
C LYS A 59 -3.50 2.03 -21.26
N ASP A 1 1.85 -0.29 25.71
CA ASP A 1 1.93 -1.77 25.73
C ASP A 1 1.51 -2.33 24.37
N VAL A 2 0.20 -2.32 24.14
CA VAL A 2 -0.37 -2.83 22.88
C VAL A 2 -1.32 -1.78 22.29
N ASP A 3 -1.56 -1.88 20.98
CA ASP A 3 -2.45 -0.91 20.31
C ASP A 3 -3.19 -1.56 19.14
N ASN A 4 -4.15 -0.82 18.61
CA ASN A 4 -4.96 -1.28 17.47
C ASN A 4 -4.28 -0.95 16.15
N LYS A 5 -3.03 -0.50 16.25
CA LYS A 5 -2.28 -0.11 15.05
C LYS A 5 -2.17 -1.24 14.04
N PHE A 6 -2.01 -2.49 14.49
CA PHE A 6 -1.89 -3.61 13.55
C PHE A 6 -3.18 -4.41 13.42
N ASN A 7 -3.60 -4.59 12.16
CA ASN A 7 -4.78 -5.39 11.82
C ASN A 7 -4.33 -6.52 10.90
N LYS A 8 -4.74 -7.74 11.17
CA LYS A 8 -4.29 -8.85 10.33
C LYS A 8 -4.66 -8.61 8.86
N GLU A 9 -5.82 -8.01 8.60
CA GLU A 9 -6.20 -7.73 7.22
C GLU A 9 -5.18 -6.80 6.57
N GLN A 10 -4.64 -5.88 7.36
CA GLN A 10 -3.65 -4.91 6.87
C GLN A 10 -2.46 -5.61 6.24
N GLN A 11 -2.06 -6.74 6.80
CA GLN A 11 -0.90 -7.43 6.24
C GLN A 11 -1.11 -7.69 4.75
N ASN A 12 -2.33 -8.04 4.36
CA ASN A 12 -2.59 -8.30 2.95
C ASN A 12 -2.24 -7.08 2.09
N ALA A 13 -2.50 -5.89 2.63
CA ALA A 13 -2.23 -4.67 1.88
C ALA A 13 -0.74 -4.55 1.58
N PHE A 14 0.08 -5.00 2.51
CA PHE A 14 1.52 -4.94 2.31
C PHE A 14 1.88 -5.70 1.04
N TRP A 15 1.28 -6.89 0.89
CA TRP A 15 1.50 -7.71 -0.30
C TRP A 15 1.09 -7.03 -1.62
N GLU A 16 -0.01 -6.28 -1.61
CA GLU A 16 -0.46 -5.65 -2.84
C GLU A 16 0.55 -4.64 -3.35
N ILE A 17 1.20 -3.92 -2.45
CA ILE A 17 2.18 -2.93 -2.88
C ILE A 17 3.30 -3.63 -3.64
N LEU A 18 3.74 -4.76 -3.11
CA LEU A 18 4.80 -5.53 -3.73
C LEU A 18 4.42 -6.05 -5.11
N HIS A 19 3.16 -6.44 -5.25
CA HIS A 19 2.68 -7.01 -6.50
C HIS A 19 2.82 -6.08 -7.72
N LEU A 20 2.44 -4.81 -7.56
CA LEU A 20 2.47 -3.82 -8.66
C LEU A 20 3.66 -4.02 -9.61
N PRO A 21 3.56 -4.82 -10.67
CA PRO A 21 4.73 -5.03 -11.58
C PRO A 21 5.10 -3.76 -12.35
N ASN A 22 4.07 -2.98 -12.65
CA ASN A 22 4.21 -1.74 -13.41
C ASN A 22 5.14 -0.74 -12.72
N LEU A 23 5.11 -0.73 -11.39
CA LEU A 23 5.90 0.23 -10.62
C LEU A 23 7.26 -0.33 -10.20
N ASN A 24 8.27 0.54 -10.20
CA ASN A 24 9.60 0.14 -9.77
C ASN A 24 9.64 0.10 -8.25
N GLU A 25 10.72 -0.40 -7.67
CA GLU A 25 10.79 -0.53 -6.22
C GLU A 25 10.71 0.80 -5.45
N GLU A 26 11.27 1.89 -5.99
CA GLU A 26 11.25 3.15 -5.24
C GLU A 26 9.81 3.65 -4.97
N GLN A 27 8.92 3.51 -5.94
CA GLN A 27 7.53 3.93 -5.74
C GLN A 27 6.87 3.15 -4.61
N ARG A 28 7.21 1.86 -4.53
CA ARG A 28 6.61 1.02 -3.52
C ARG A 28 6.91 1.56 -2.12
N ASN A 29 8.11 2.09 -1.94
CA ASN A 29 8.49 2.67 -0.67
C ASN A 29 7.56 3.78 -0.26
N GLY A 30 7.14 4.60 -1.24
CA GLY A 30 6.30 5.73 -0.90
C GLY A 30 5.05 5.31 -0.14
N PHE A 31 4.42 4.20 -0.54
CA PHE A 31 3.24 3.75 0.20
C PHE A 31 3.57 3.36 1.64
N ILE A 32 4.70 2.69 1.84
CA ILE A 32 5.07 2.23 3.17
C ILE A 32 5.18 3.38 4.17
N GLN A 33 5.86 4.45 3.77
CA GLN A 33 6.05 5.57 4.66
C GLN A 33 4.72 6.21 5.06
N SER A 34 3.80 6.28 4.10
CA SER A 34 2.49 6.86 4.35
C SER A 34 1.71 6.03 5.36
N LEU A 35 1.95 4.72 5.36
CA LEU A 35 1.24 3.85 6.27
C LEU A 35 1.48 4.26 7.72
N LYS A 36 2.73 4.61 8.02
CA LYS A 36 3.05 5.03 9.38
C LYS A 36 2.29 6.28 9.79
N ASP A 37 2.18 7.24 8.87
CA ASP A 37 1.50 8.51 9.19
C ASP A 37 0.04 8.34 9.62
N ASP A 38 -0.70 7.46 8.95
CA ASP A 38 -2.11 7.24 9.28
C ASP A 38 -2.46 5.75 9.31
N PRO A 39 -2.07 4.98 10.31
CA PRO A 39 -2.40 3.53 10.30
C PRO A 39 -3.92 3.26 10.21
N SER A 40 -4.73 4.16 10.78
CA SER A 40 -6.18 3.99 10.73
C SER A 40 -6.70 3.99 9.29
N GLN A 41 -6.07 4.83 8.46
CA GLN A 41 -6.44 4.98 7.05
C GLN A 41 -5.73 4.01 6.12
N SER A 42 -5.08 3.00 6.67
CA SER A 42 -4.35 2.08 5.81
C SER A 42 -5.28 1.45 4.80
N ALA A 43 -6.56 1.28 5.16
CA ALA A 43 -7.47 0.72 4.19
C ALA A 43 -7.61 1.67 3.01
N ASN A 44 -7.70 2.97 3.31
CA ASN A 44 -7.82 3.97 2.26
C ASN A 44 -6.61 3.96 1.33
N LEU A 45 -5.42 3.75 1.91
CA LEU A 45 -4.19 3.74 1.13
C LEU A 45 -4.18 2.59 0.13
N LEU A 46 -4.72 1.46 0.55
CA LEU A 46 -4.73 0.29 -0.33
C LEU A 46 -5.49 0.57 -1.62
N ALA A 47 -6.60 1.30 -1.52
CA ALA A 47 -7.38 1.61 -2.70
C ALA A 47 -6.61 2.51 -3.67
N GLU A 48 -5.85 3.46 -3.10
CA GLU A 48 -5.11 4.41 -3.92
C GLU A 48 -4.02 3.77 -4.76
N ALA A 49 -3.38 2.72 -4.25
CA ALA A 49 -2.30 2.09 -5.00
C ALA A 49 -2.77 1.46 -6.29
N LYS A 50 -3.93 0.81 -6.27
CA LYS A 50 -4.43 0.18 -7.48
C LYS A 50 -4.66 1.20 -8.59
N LYS A 51 -5.22 2.35 -8.23
CA LYS A 51 -5.52 3.37 -9.23
C LYS A 51 -4.29 3.88 -9.97
N LEU A 52 -3.17 4.05 -9.27
CA LEU A 52 -1.97 4.54 -9.94
C LEU A 52 -1.53 3.57 -11.03
N ASN A 53 -1.67 2.28 -10.74
CA ASN A 53 -1.27 1.25 -11.67
C ASN A 53 -2.00 1.39 -13.00
N ASP A 54 -3.29 1.72 -12.94
CA ASP A 54 -4.10 1.85 -14.14
C ASP A 54 -3.61 2.93 -15.11
N ALA A 55 -3.17 4.08 -14.61
CA ALA A 55 -2.74 5.15 -15.52
C ALA A 55 -1.46 4.79 -16.27
N GLN A 56 -0.45 4.36 -15.53
CA GLN A 56 0.81 3.96 -16.14
C GLN A 56 0.63 2.77 -17.06
N ALA A 57 -0.29 1.88 -16.68
CA ALA A 57 -0.56 0.67 -17.43
C ALA A 57 -2.03 0.56 -17.82
N PRO A 58 -2.42 1.22 -18.87
CA PRO A 58 -3.83 1.19 -19.36
C PRO A 58 -4.32 -0.24 -19.62
N LYS A 59 -3.39 -1.18 -19.81
CA LYS A 59 -3.77 -2.57 -20.10
C LYS A 59 -4.88 -2.60 -21.14
N ASP A 1 -2.71 -5.51 29.22
CA ASP A 1 -1.87 -4.79 28.22
C ASP A 1 -2.74 -4.32 27.07
N VAL A 2 -2.10 -3.97 25.95
CA VAL A 2 -2.80 -3.49 24.76
C VAL A 2 -2.57 -4.46 23.61
N ASP A 3 -3.64 -4.76 22.86
CA ASP A 3 -3.55 -5.71 21.74
C ASP A 3 -4.34 -5.22 20.55
N ASN A 4 -4.33 -6.03 19.50
CA ASN A 4 -4.99 -5.68 18.25
C ASN A 4 -4.32 -4.42 17.74
N LYS A 5 -3.01 -4.42 17.88
CA LYS A 5 -2.15 -3.34 17.46
C LYS A 5 -2.32 -3.09 15.96
N PHE A 6 -2.53 -4.18 15.22
CA PHE A 6 -2.73 -4.12 13.78
C PHE A 6 -3.90 -5.00 13.38
N ASN A 7 -4.43 -4.78 12.18
CA ASN A 7 -5.57 -5.56 11.69
C ASN A 7 -5.09 -6.62 10.72
N LYS A 8 -5.54 -7.85 10.91
CA LYS A 8 -5.07 -8.94 10.06
C LYS A 8 -5.34 -8.64 8.59
N GLU A 9 -6.47 -8.00 8.27
CA GLU A 9 -6.75 -7.67 6.88
C GLU A 9 -5.68 -6.71 6.35
N GLN A 10 -5.18 -5.84 7.24
CA GLN A 10 -4.15 -4.88 6.84
C GLN A 10 -2.95 -5.58 6.25
N GLN A 11 -2.61 -6.74 6.80
CA GLN A 11 -1.46 -7.48 6.30
C GLN A 11 -1.63 -7.71 4.80
N ASN A 12 -2.86 -7.97 4.39
CA ASN A 12 -3.14 -8.17 2.97
C ASN A 12 -2.68 -6.96 2.17
N ALA A 13 -2.88 -5.78 2.75
CA ALA A 13 -2.50 -4.56 2.06
C ALA A 13 -1.01 -4.49 1.81
N PHE A 14 -0.22 -5.00 2.76
CA PHE A 14 1.22 -4.95 2.59
C PHE A 14 1.64 -5.67 1.32
N TRP A 15 1.07 -6.86 1.08
CA TRP A 15 1.36 -7.61 -0.13
C TRP A 15 0.99 -6.87 -1.40
N GLU A 16 -0.13 -6.16 -1.37
CA GLU A 16 -0.57 -5.44 -2.57
C GLU A 16 0.45 -4.40 -2.99
N ILE A 17 1.08 -3.75 -2.02
CA ILE A 17 2.09 -2.75 -2.34
C ILE A 17 3.23 -3.41 -3.11
N LEU A 18 3.63 -4.60 -2.64
CA LEU A 18 4.72 -5.32 -3.29
C LEU A 18 4.36 -5.74 -4.72
N HIS A 19 3.09 -6.11 -4.90
CA HIS A 19 2.63 -6.64 -6.18
C HIS A 19 2.75 -5.68 -7.39
N LEU A 20 2.37 -4.43 -7.21
CA LEU A 20 2.37 -3.44 -8.32
C LEU A 20 3.55 -3.64 -9.31
N PRO A 21 3.41 -4.47 -10.34
CA PRO A 21 4.55 -4.73 -11.28
C PRO A 21 4.94 -3.50 -12.12
N ASN A 22 3.93 -2.73 -12.50
CA ASN A 22 4.13 -1.53 -13.33
C ASN A 22 5.04 -0.50 -12.66
N LEU A 23 4.98 -0.42 -11.35
CA LEU A 23 5.77 0.56 -10.60
C LEU A 23 7.13 0.02 -10.19
N ASN A 24 8.14 0.90 -10.24
CA ASN A 24 9.48 0.51 -9.85
C ASN A 24 9.59 0.50 -8.33
N GLU A 25 10.70 0.01 -7.81
CA GLU A 25 10.85 -0.09 -6.37
C GLU A 25 10.82 1.25 -5.63
N GLU A 26 11.33 2.34 -6.22
CA GLU A 26 11.31 3.60 -5.48
C GLU A 26 9.89 4.07 -5.15
N GLN A 27 8.97 3.93 -6.09
CA GLN A 27 7.58 4.31 -5.82
C GLN A 27 7.00 3.46 -4.71
N ARG A 28 7.39 2.20 -4.68
CA ARG A 28 6.87 1.28 -3.69
C ARG A 28 7.15 1.80 -2.29
N ASN A 29 8.33 2.36 -2.09
CA ASN A 29 8.70 2.94 -0.81
C ASN A 29 7.75 4.03 -0.37
N GLY A 30 7.32 4.86 -1.31
CA GLY A 30 6.46 5.97 -0.94
C GLY A 30 5.20 5.51 -0.21
N PHE A 31 4.57 4.42 -0.66
CA PHE A 31 3.39 3.93 0.03
C PHE A 31 3.68 3.47 1.46
N ILE A 32 4.81 2.78 1.66
CA ILE A 32 5.13 2.28 3.00
C ILE A 32 5.25 3.40 4.01
N GLN A 33 5.94 4.47 3.64
CA GLN A 33 6.11 5.59 4.58
C GLN A 33 4.77 6.19 4.96
N SER A 34 3.87 6.27 3.99
CA SER A 34 2.54 6.81 4.23
C SER A 34 1.80 5.99 5.27
N LEU A 35 2.02 4.68 5.25
CA LEU A 35 1.34 3.80 6.18
C LEU A 35 1.64 4.19 7.62
N LYS A 36 2.89 4.56 7.89
CA LYS A 36 3.25 4.96 9.24
C LYS A 36 2.47 6.18 9.72
N ASP A 37 2.25 7.14 8.81
CA ASP A 37 1.54 8.36 9.20
C ASP A 37 0.11 8.11 9.68
N ASP A 38 -0.60 7.21 9.01
CA ASP A 38 -1.98 6.88 9.38
C ASP A 38 -2.22 5.37 9.37
N PRO A 39 -1.77 4.61 10.33
CA PRO A 39 -1.99 3.14 10.28
C PRO A 39 -3.49 2.76 10.20
N SER A 40 -4.36 3.56 10.82
CA SER A 40 -5.80 3.28 10.77
C SER A 40 -6.35 3.38 9.34
N GLN A 41 -5.75 4.26 8.55
CA GLN A 41 -6.15 4.51 7.17
C GLN A 41 -5.46 3.60 6.16
N SER A 42 -4.81 2.56 6.63
CA SER A 42 -4.10 1.69 5.71
C SER A 42 -5.05 1.14 4.67
N ALA A 43 -6.31 0.96 5.01
CA ALA A 43 -7.24 0.47 4.02
C ALA A 43 -7.39 1.50 2.90
N ASN A 44 -7.46 2.77 3.28
CA ASN A 44 -7.58 3.84 2.29
C ASN A 44 -6.38 3.86 1.36
N LEU A 45 -5.21 3.60 1.92
CA LEU A 45 -3.97 3.59 1.14
C LEU A 45 -3.99 2.50 0.08
N LEU A 46 -4.59 1.37 0.43
CA LEU A 46 -4.62 0.23 -0.49
C LEU A 46 -5.31 0.61 -1.79
N ALA A 47 -6.39 1.38 -1.69
CA ALA A 47 -7.12 1.79 -2.89
C ALA A 47 -6.33 2.72 -3.82
N GLU A 48 -5.61 3.69 -3.25
CA GLU A 48 -4.88 4.64 -4.08
C GLU A 48 -3.75 4.00 -4.90
N ALA A 49 -3.06 3.01 -4.31
CA ALA A 49 -1.96 2.39 -5.04
C ALA A 49 -2.43 1.65 -6.28
N LYS A 50 -3.54 0.94 -6.13
CA LYS A 50 -4.10 0.19 -7.24
C LYS A 50 -4.47 1.10 -8.40
N LYS A 51 -5.03 2.26 -8.07
CA LYS A 51 -5.48 3.20 -9.09
C LYS A 51 -4.37 3.68 -10.02
N LEU A 52 -3.20 4.01 -9.48
CA LEU A 52 -2.11 4.47 -10.34
C LEU A 52 -1.68 3.37 -11.30
N ASN A 53 -1.68 2.14 -10.78
CA ASN A 53 -1.27 0.98 -11.58
C ASN A 53 -2.07 0.83 -12.85
N ASP A 54 -3.36 1.08 -12.79
CA ASP A 54 -4.21 0.93 -13.97
C ASP A 54 -3.75 1.80 -15.14
N ALA A 55 -3.32 3.03 -14.87
CA ALA A 55 -2.90 3.91 -15.96
C ALA A 55 -1.64 3.39 -16.65
N GLN A 56 -0.66 2.95 -15.85
CA GLN A 56 0.58 2.44 -16.42
C GLN A 56 0.34 1.19 -17.26
N ALA A 57 -0.63 0.38 -16.83
CA ALA A 57 -0.95 -0.86 -17.53
C ALA A 57 -1.56 -0.57 -18.90
N PRO A 58 -1.33 -1.41 -19.89
CA PRO A 58 -1.91 -1.19 -21.25
C PRO A 58 -3.43 -1.12 -21.17
N LYS A 59 -4.00 -1.69 -20.11
CA LYS A 59 -5.45 -1.70 -19.91
C LYS A 59 -5.84 -0.74 -18.80
#